data_7DVB
#
_entry.id   7DVB
#
_cell.length_a   82.026
_cell.length_b   67.002
_cell.length_c   192.803
_cell.angle_alpha   90.000
_cell.angle_beta   94.673
_cell.angle_gamma   90.000
#
_symmetry.space_group_name_H-M   'P 1 21 1'
#
loop_
_entity.id
_entity.type
_entity.pdbx_description
1 polymer Beta-N-acetylhexosaminidase
2 non-polymer '[(3~{a}~{R},5~{R},6~{S},7~{R},7~{a}~{R})-2-methyl-6,7-bis(oxidanyl)-5,6,7,7~{a}-tetrahydro-3~{a}~{H}-pyrano[3,2-d][1,3]oxazol-1-ium-5-yl]methyl sulfate'
3 non-polymer 2-acetamido-2-deoxy-6-O-sulfo-beta-D-glucopyranose
4 water water
#
_entity_poly.entity_id   1
_entity_poly.type   'polypeptide(L)'
_entity_poly.pdbx_seq_one_letter_code
;MQEIALTPQPAHLTVKDGRFEFGNQLKAKVTPYQGDSIRMVFESFKKELQEATGIKVSSTQKEAKARIILDLNPQLPAEA
YKLNVSKKQVRIEASRPAGFYYALQTLKQLMPRNVMAGVATSDHSQWSLPSVEIEDAPRFEWRGFMLDEGRHFFGKDEIK
RVIDMMAIYKMNRFHWHLTEDQGWRIEIKKYPKLTETGAWRNSKVLAYGDVKPDGERYGGFYTQKDIKEIVAYAKKKFIE
IIPEIDIPGHSQAAVAAYPEFLACDPRDKHEVWLQQGISTDVINVANPKAMQFAKEVIDELTELFPFNYIHLGGNECPTR
KWQKNDECKKLLSEIGSSNFRDLQIYFYKQLKDYIATKPADQQRQLIFWNEVLHGNTSILGNDITIMAWIGANAAAKQAA
KQGMNTILSPQIPYYINRKQSKLPTEPMSQGHGTETVEAVYNYQPLKDVDAALQPYYKGVQANFWTEWVTEPSVLEYLML
PRLAAVAEAGWTPQEKRNYEDFKERIRKDAELYDLKGWNYGKHIMKLEHHHHHH
;
_entity_poly.pdbx_strand_id   A,B,C,D
#
# COMPACT_ATOMS: atom_id res chain seq x y z
N GLU A 3 23.95 40.93 -18.07
CA GLU A 3 24.49 42.29 -17.85
C GLU A 3 23.90 42.86 -16.55
N ILE A 4 22.74 43.52 -16.66
CA ILE A 4 21.95 43.92 -15.52
C ILE A 4 21.20 42.69 -15.01
N ALA A 5 21.43 42.34 -13.74
CA ALA A 5 20.73 41.23 -13.11
C ALA A 5 20.27 41.68 -11.73
N LEU A 6 18.98 42.07 -11.63
CA LEU A 6 18.39 42.58 -10.41
C LEU A 6 17.35 41.59 -9.90
N THR A 7 17.50 41.20 -8.63
CA THR A 7 16.58 40.30 -7.96
C THR A 7 16.34 40.83 -6.56
N PRO A 8 15.08 41.17 -6.18
CA PRO A 8 13.91 41.02 -7.06
C PRO A 8 13.90 41.94 -8.29
N GLN A 9 13.27 41.45 -9.36
CA GLN A 9 13.04 42.23 -10.57
C GLN A 9 12.22 43.47 -10.21
N PRO A 10 12.69 44.70 -10.54
CA PRO A 10 11.93 45.93 -10.26
C PRO A 10 10.63 45.98 -11.06
N ALA A 11 9.69 46.82 -10.57
CA ALA A 11 8.39 46.94 -11.23
C ALA A 11 8.57 47.52 -12.64
N HIS A 12 9.45 48.52 -12.75
CA HIS A 12 9.71 49.19 -14.03
C HIS A 12 11.21 49.46 -14.17
N LEU A 13 11.80 48.98 -15.26
CA LEU A 13 13.22 49.19 -15.54
C LEU A 13 13.39 49.54 -17.01
N THR A 14 14.00 50.70 -17.26
CA THR A 14 14.35 51.14 -18.60
C THR A 14 15.86 51.39 -18.65
N VAL A 15 16.55 50.68 -19.56
CA VAL A 15 17.96 50.90 -19.82
C VAL A 15 18.10 52.23 -20.57
N LYS A 16 19.11 53.02 -20.21
CA LYS A 16 19.32 54.33 -20.82
C LYS A 16 20.73 54.40 -21.42
N ASP A 17 21.07 55.58 -21.94
CA ASP A 17 22.30 55.82 -22.66
C ASP A 17 23.51 55.85 -21.71
N GLY A 18 24.56 55.13 -22.08
CA GLY A 18 25.88 55.28 -21.49
C GLY A 18 25.99 54.69 -20.08
N ARG A 19 26.96 55.21 -19.33
CA ARG A 19 27.31 54.71 -18.02
C ARG A 19 27.65 55.89 -17.11
N PHE A 20 27.46 55.69 -15.80
CA PHE A 20 27.88 56.63 -14.78
C PHE A 20 29.19 56.14 -14.18
N GLU A 21 30.25 56.94 -14.32
CA GLU A 21 31.56 56.60 -13.78
C GLU A 21 31.71 57.27 -12.41
N PHE A 22 32.05 56.48 -11.40
CA PHE A 22 32.13 56.95 -10.03
C PHE A 22 33.32 57.90 -9.86
N GLY A 23 34.46 57.54 -10.46
CA GLY A 23 35.74 58.10 -10.10
C GLY A 23 36.30 57.41 -8.87
N ASN A 24 36.94 58.18 -8.01
CA ASN A 24 37.51 57.69 -6.77
C ASN A 24 36.92 58.46 -5.60
N GLN A 25 36.35 59.64 -5.88
CA GLN A 25 35.51 60.38 -4.94
C GLN A 25 34.28 60.87 -5.68
N LEU A 26 33.25 61.27 -4.90
CA LEU A 26 32.18 62.12 -5.39
C LEU A 26 31.40 62.70 -4.20
N LYS A 27 30.49 63.63 -4.47
CA LYS A 27 29.76 64.35 -3.45
C LYS A 27 28.29 63.96 -3.51
N ALA A 28 27.63 63.93 -2.33
CA ALA A 28 26.25 63.49 -2.24
C ALA A 28 25.41 64.51 -1.46
N LYS A 29 24.22 64.81 -2.00
CA LYS A 29 23.26 65.67 -1.33
C LYS A 29 22.12 64.81 -0.78
N VAL A 30 21.95 64.85 0.55
CA VAL A 30 20.88 64.13 1.22
C VAL A 30 19.88 65.15 1.77
N SER A 37 17.62 59.98 9.81
CA SER A 37 17.42 58.54 9.49
C SER A 37 17.93 58.24 8.09
N ILE A 38 17.66 59.15 7.15
CA ILE A 38 18.07 59.02 5.76
C ILE A 38 19.59 59.05 5.69
N ARG A 39 20.19 59.99 6.43
CA ARG A 39 21.63 60.16 6.43
C ARG A 39 22.30 58.92 7.00
N MET A 40 21.67 58.30 8.02
CA MET A 40 22.23 57.12 8.66
C MET A 40 22.17 55.93 7.71
N VAL A 41 21.08 55.84 6.94
CA VAL A 41 20.94 54.82 5.91
C VAL A 41 22.06 55.00 4.89
N PHE A 42 22.29 56.25 4.45
CA PHE A 42 23.29 56.54 3.45
C PHE A 42 24.69 56.27 4.00
N GLU A 43 24.87 56.56 5.30
CA GLU A 43 26.12 56.34 6.02
C GLU A 43 26.51 54.86 5.93
N SER A 44 25.54 53.97 6.20
CA SER A 44 25.74 52.54 6.10
C SER A 44 26.19 52.17 4.69
N PHE A 45 25.48 52.70 3.69
CA PHE A 45 25.78 52.45 2.29
C PHE A 45 27.23 52.85 1.98
N LYS A 46 27.61 54.06 2.40
CA LYS A 46 28.93 54.62 2.15
C LYS A 46 30.02 53.69 2.66
N LYS A 47 29.82 53.16 3.86
CA LYS A 47 30.78 52.28 4.52
C LYS A 47 30.99 51.02 3.67
N GLU A 48 29.89 50.40 3.26
CA GLU A 48 29.92 49.16 2.49
C GLU A 48 30.58 49.41 1.13
N LEU A 49 30.22 50.53 0.51
CA LEU A 49 30.74 50.87 -0.81
C LEU A 49 32.25 51.03 -0.74
N GLN A 50 32.71 51.82 0.25
CA GLN A 50 34.14 52.08 0.43
C GLN A 50 34.87 50.77 0.71
N GLU A 51 34.31 49.93 1.58
CA GLU A 51 34.89 48.65 1.94
C GLU A 51 35.13 47.82 0.68
N ALA A 52 34.14 47.81 -0.24
CA ALA A 52 34.14 46.90 -1.37
C ALA A 52 34.93 47.46 -2.54
N THR A 53 34.93 48.79 -2.71
CA THR A 53 35.42 49.39 -3.94
C THR A 53 36.58 50.35 -3.69
N GLY A 54 36.60 50.99 -2.51
CA GLY A 54 37.59 51.99 -2.18
C GLY A 54 37.14 53.41 -2.53
N ILE A 55 35.91 53.52 -3.06
CA ILE A 55 35.31 54.80 -3.41
C ILE A 55 34.86 55.50 -2.13
N LYS A 56 35.27 56.77 -1.97
CA LYS A 56 34.82 57.60 -0.86
C LYS A 56 33.76 58.58 -1.36
N VAL A 57 32.71 58.76 -0.56
CA VAL A 57 31.63 59.69 -0.87
C VAL A 57 31.56 60.75 0.22
N SER A 58 31.69 62.02 -0.17
CA SER A 58 31.58 63.13 0.77
C SER A 58 30.19 63.75 0.69
N SER A 59 29.83 64.53 1.72
CA SER A 59 28.54 65.21 1.74
C SER A 59 28.71 66.65 1.24
N ALA A 66 26.68 67.97 -6.64
CA ALA A 66 26.37 66.62 -6.15
C ALA A 66 26.07 65.69 -7.33
N ARG A 67 26.78 64.57 -7.38
CA ARG A 67 26.60 63.57 -8.43
C ARG A 67 25.73 62.42 -7.92
N ILE A 68 25.46 62.40 -6.61
CA ILE A 68 24.46 61.54 -6.00
C ILE A 68 23.52 62.43 -5.19
N ILE A 69 22.22 62.34 -5.47
CA ILE A 69 21.23 63.10 -4.73
C ILE A 69 20.13 62.16 -4.25
N LEU A 70 19.77 62.30 -2.96
CA LEU A 70 18.64 61.62 -2.36
C LEU A 70 17.60 62.67 -2.00
N ASP A 71 16.48 62.67 -2.76
CA ASP A 71 15.38 63.60 -2.53
C ASP A 71 14.20 62.88 -1.92
N LEU A 72 13.46 63.59 -1.06
CA LEU A 72 12.23 63.09 -0.46
C LEU A 72 11.08 63.34 -1.43
N ASN A 73 10.37 62.26 -1.80
CA ASN A 73 9.16 62.37 -2.61
C ASN A 73 8.02 61.74 -1.82
N PRO A 74 7.20 62.55 -1.10
CA PRO A 74 6.22 62.00 -0.15
C PRO A 74 5.03 61.28 -0.77
N GLN A 75 4.94 61.25 -2.12
CA GLN A 75 3.81 60.55 -2.73
C GLN A 75 4.12 59.08 -2.98
N LEU A 76 5.37 58.66 -2.75
CA LEU A 76 5.72 57.26 -2.97
C LEU A 76 5.27 56.41 -1.79
N PRO A 77 4.79 55.17 -2.02
CA PRO A 77 4.53 54.21 -0.93
C PRO A 77 5.73 53.98 -0.02
N ALA A 78 5.48 53.35 1.14
CA ALA A 78 6.40 53.33 2.26
C ALA A 78 7.74 52.67 1.90
N GLU A 79 7.74 51.77 0.91
CA GLU A 79 8.92 51.00 0.57
C GLU A 79 9.34 51.27 -0.87
N ALA A 80 8.68 52.23 -1.53
CA ALA A 80 8.89 52.50 -2.95
C ALA A 80 10.07 53.45 -3.15
N TYR A 81 10.59 53.49 -4.38
CA TYR A 81 11.69 54.37 -4.73
C TYR A 81 11.74 54.58 -6.24
N LYS A 82 12.42 55.66 -6.64
CA LYS A 82 12.89 55.85 -8.00
C LYS A 82 14.42 55.90 -7.98
N LEU A 83 15.03 55.30 -9.00
CA LEU A 83 16.48 55.33 -9.14
C LEU A 83 16.79 55.69 -10.59
N ASN A 84 17.30 56.91 -10.79
CA ASN A 84 17.70 57.40 -12.10
C ASN A 84 19.22 57.50 -12.14
N VAL A 85 19.83 56.72 -13.03
CA VAL A 85 21.27 56.73 -13.24
C VAL A 85 21.53 57.22 -14.66
N SER A 86 22.25 58.34 -14.78
CA SER A 86 22.67 58.88 -16.05
C SER A 86 24.18 59.13 -16.01
N LYS A 87 24.73 59.58 -17.14
CA LYS A 87 26.15 59.92 -17.22
C LYS A 87 26.49 60.96 -16.17
N LYS A 88 25.54 61.86 -15.87
CA LYS A 88 25.79 63.04 -15.06
C LYS A 88 25.61 62.74 -13.57
N GLN A 89 24.62 61.92 -13.22
CA GLN A 89 24.11 61.96 -11.86
C GLN A 89 23.33 60.68 -11.51
N VAL A 90 23.39 60.31 -10.23
CA VAL A 90 22.53 59.30 -9.64
C VAL A 90 21.48 60.03 -8.79
N ARG A 91 20.21 59.86 -9.17
CA ARG A 91 19.11 60.49 -8.44
C ARG A 91 18.22 59.42 -7.82
N ILE A 92 17.93 59.57 -6.52
CA ILE A 92 17.09 58.63 -5.79
C ILE A 92 15.95 59.40 -5.14
N GLU A 93 14.72 58.90 -5.34
CA GLU A 93 13.53 59.45 -4.70
C GLU A 93 12.87 58.35 -3.89
N ALA A 94 12.46 58.70 -2.66
CA ALA A 94 11.74 57.82 -1.75
C ALA A 94 10.98 58.66 -0.73
N SER A 95 10.06 58.02 0.00
CA SER A 95 9.23 58.71 0.98
C SER A 95 9.63 58.35 2.41
N ARG A 96 10.26 57.19 2.60
CA ARG A 96 10.63 56.72 3.92
C ARG A 96 12.04 56.15 3.90
N PRO A 97 12.71 56.01 5.07
CA PRO A 97 14.04 55.41 5.14
C PRO A 97 14.18 54.08 4.38
N ALA A 98 13.18 53.20 4.54
CA ALA A 98 13.20 51.88 3.92
C ALA A 98 13.33 52.00 2.40
N GLY A 99 12.56 52.91 1.82
CA GLY A 99 12.59 53.20 0.40
C GLY A 99 13.99 53.54 -0.09
N PHE A 100 14.68 54.40 0.67
CA PHE A 100 16.04 54.81 0.33
C PHE A 100 16.99 53.62 0.43
N TYR A 101 16.77 52.78 1.46
CA TYR A 101 17.58 51.59 1.67
C TYR A 101 17.44 50.65 0.47
N TYR A 102 16.20 50.45 0.00
CA TYR A 102 15.94 49.54 -1.10
C TYR A 102 16.53 50.07 -2.40
N ALA A 103 16.46 51.39 -2.58
CA ALA A 103 17.07 52.03 -3.74
C ALA A 103 18.57 51.74 -3.77
N LEU A 104 19.20 51.77 -2.60
CA LEU A 104 20.64 51.58 -2.50
C LEU A 104 21.00 50.10 -2.62
N GLN A 105 20.08 49.21 -2.23
CA GLN A 105 20.25 47.78 -2.48
C GLN A 105 20.32 47.52 -3.97
N THR A 106 19.40 48.17 -4.72
CA THR A 106 19.32 47.99 -6.16
C THR A 106 20.58 48.54 -6.82
N LEU A 107 21.02 49.72 -6.35
CA LEU A 107 22.23 50.35 -6.86
C LEU A 107 23.42 49.40 -6.71
N LYS A 108 23.58 48.79 -5.52
CA LYS A 108 24.68 47.88 -5.29
C LYS A 108 24.61 46.68 -6.23
N GLN A 109 23.38 46.25 -6.53
CA GLN A 109 23.16 45.05 -7.31
C GLN A 109 23.50 45.30 -8.79
N LEU A 110 23.61 46.59 -9.17
CA LEU A 110 23.95 46.98 -10.53
C LEU A 110 25.46 46.88 -10.75
N MET A 111 26.21 46.71 -9.66
CA MET A 111 27.66 46.64 -9.67
C MET A 111 28.10 45.17 -9.57
N PRO A 112 29.39 44.83 -9.80
CA PRO A 112 29.89 43.47 -9.59
C PRO A 112 29.48 42.93 -8.22
N ARG A 113 29.31 41.61 -8.13
CA ARG A 113 28.67 40.95 -7.01
C ARG A 113 29.41 41.19 -5.70
N ASN A 114 30.70 41.52 -5.78
CA ASN A 114 31.50 41.72 -4.58
C ASN A 114 31.00 42.93 -3.80
N VAL A 115 30.33 43.86 -4.50
CA VAL A 115 29.80 45.06 -3.85
C VAL A 115 28.65 44.66 -2.93
N MET A 116 27.71 43.87 -3.44
CA MET A 116 26.61 43.38 -2.61
C MET A 116 27.15 42.48 -1.50
N ALA A 117 28.30 41.83 -1.77
CA ALA A 117 28.95 40.94 -0.81
C ALA A 117 29.65 41.72 0.29
N GLY A 118 29.95 43.00 0.04
CA GLY A 118 30.62 43.87 0.99
C GLY A 118 32.09 43.51 1.18
N VAL A 119 32.71 42.99 0.11
CA VAL A 119 34.06 42.45 0.16
C VAL A 119 34.88 43.06 -0.97
N ALA A 120 36.13 43.47 -0.66
CA ALA A 120 37.06 43.99 -1.65
C ALA A 120 37.66 42.84 -2.45
N THR A 121 37.96 43.10 -3.73
CA THR A 121 38.50 42.10 -4.64
C THR A 121 39.75 42.61 -5.33
N SER A 122 40.37 41.73 -6.13
CA SER A 122 41.49 42.10 -6.98
C SER A 122 41.06 41.96 -8.44
N TRP A 127 35.10 51.38 -11.56
CA TRP A 127 33.70 51.15 -11.10
C TRP A 127 32.76 52.13 -11.82
N SER A 128 31.71 51.57 -12.42
CA SER A 128 30.68 52.35 -13.07
C SER A 128 29.31 51.69 -12.87
N LEU A 129 28.25 52.45 -13.17
CA LEU A 129 26.89 51.94 -13.20
C LEU A 129 26.36 52.05 -14.64
N PRO A 130 25.51 51.10 -15.10
CA PRO A 130 24.76 51.30 -16.34
C PRO A 130 23.71 52.37 -16.12
N SER A 131 23.51 53.23 -17.12
CA SER A 131 22.45 54.22 -17.05
C SER A 131 21.10 53.51 -17.11
N VAL A 132 20.23 53.81 -16.14
CA VAL A 132 18.95 53.17 -16.01
C VAL A 132 17.94 54.18 -15.47
N GLU A 133 16.65 53.89 -15.69
CA GLU A 133 15.55 54.56 -15.04
C GLU A 133 14.69 53.50 -14.38
N ILE A 134 14.59 53.55 -13.04
CA ILE A 134 13.90 52.53 -12.29
C ILE A 134 12.82 53.17 -11.43
N GLU A 135 11.60 52.63 -11.51
CA GLU A 135 10.55 52.91 -10.56
C GLU A 135 10.10 51.59 -9.97
N ASP A 136 10.08 51.50 -8.64
CA ASP A 136 9.97 50.20 -8.01
C ASP A 136 9.21 50.33 -6.70
N ALA A 137 8.45 49.29 -6.38
CA ALA A 137 7.67 49.17 -5.15
C ALA A 137 7.36 47.70 -4.95
N PRO A 138 7.28 47.19 -3.69
CA PRO A 138 6.88 45.80 -3.47
C PRO A 138 5.39 45.59 -3.73
N ARG A 139 5.04 44.43 -4.28
CA ARG A 139 3.64 44.07 -4.46
C ARG A 139 3.00 43.85 -3.09
N PHE A 140 3.77 43.25 -2.17
CA PHE A 140 3.27 42.89 -0.85
C PHE A 140 4.12 43.55 0.24
N GLU A 141 3.47 43.95 1.34
CA GLU A 141 4.14 44.61 2.45
C GLU A 141 4.80 43.59 3.39
N TRP A 142 4.37 42.32 3.30
CA TRP A 142 4.92 41.25 4.12
C TRP A 142 5.69 40.28 3.23
N ARG A 143 7.03 40.30 3.34
CA ARG A 143 7.89 39.42 2.58
C ARG A 143 8.82 38.71 3.56
N GLY A 144 8.44 37.49 3.96
CA GLY A 144 8.93 36.91 5.20
C GLY A 144 9.67 35.59 5.04
N PHE A 145 10.49 35.29 6.06
CA PHE A 145 11.10 33.98 6.22
C PHE A 145 10.95 33.56 7.68
N MET A 146 10.49 32.31 7.88
CA MET A 146 10.37 31.77 9.22
C MET A 146 11.46 30.69 9.42
N LEU A 147 12.15 30.77 10.56
CA LEU A 147 13.04 29.68 10.95
C LEU A 147 12.56 29.05 12.26
N ASP A 148 12.44 27.72 12.22
CA ASP A 148 12.13 26.88 13.36
C ASP A 148 13.44 26.56 14.08
N GLU A 149 13.62 27.12 15.30
CA GLU A 149 14.77 26.78 16.12
C GLU A 149 14.37 25.91 17.29
N GLY A 150 13.08 25.55 17.36
CA GLY A 150 12.60 24.63 18.38
C GLY A 150 13.15 23.22 18.17
N ARG A 151 13.09 22.74 16.93
CA ARG A 151 13.53 21.39 16.58
C ARG A 151 15.05 21.29 16.65
N HIS A 152 15.74 22.23 16.00
CA HIS A 152 17.19 22.37 16.12
C HIS A 152 17.56 23.84 16.24
N PHE A 153 18.52 24.10 17.14
CA PHE A 153 18.96 25.43 17.50
C PHE A 153 20.23 25.76 16.70
N PHE A 154 20.28 26.97 16.13
CA PHE A 154 21.38 27.37 15.25
C PHE A 154 22.23 28.46 15.90
N GLY A 155 21.59 29.38 16.62
CA GLY A 155 22.33 30.35 17.42
C GLY A 155 22.55 31.67 16.68
N LYS A 156 23.13 32.63 17.40
CA LYS A 156 23.18 34.04 17.03
C LYS A 156 23.90 34.25 15.70
N ASP A 157 25.07 33.61 15.53
CA ASP A 157 25.91 33.83 14.37
C ASP A 157 25.17 33.41 13.10
N GLU A 158 24.47 32.27 13.17
CA GLU A 158 23.77 31.74 12.01
C GLU A 158 22.54 32.61 11.70
N ILE A 159 21.88 33.13 12.74
CA ILE A 159 20.70 33.95 12.55
C ILE A 159 21.08 35.25 11.83
N LYS A 160 22.25 35.80 12.19
CA LYS A 160 22.78 36.98 11.51
C LYS A 160 22.99 36.68 10.02
N ARG A 161 23.46 35.47 9.71
CA ARG A 161 23.70 35.07 8.33
C ARG A 161 22.37 34.97 7.56
N VAL A 162 21.33 34.44 8.23
CA VAL A 162 19.99 34.30 7.67
C VAL A 162 19.44 35.69 7.33
N ILE A 163 19.62 36.65 8.25
CA ILE A 163 19.18 38.02 8.08
C ILE A 163 19.91 38.66 6.89
N ASP A 164 21.22 38.37 6.77
CA ASP A 164 22.02 38.89 5.68
C ASP A 164 21.46 38.40 4.35
N MET A 165 21.06 37.12 4.30
CA MET A 165 20.53 36.52 3.09
C MET A 165 19.20 37.19 2.72
N MET A 166 18.35 37.40 3.73
CA MET A 166 17.04 38.01 3.56
C MET A 166 17.19 39.41 2.97
N ALA A 167 18.16 40.18 3.51
CA ALA A 167 18.35 41.58 3.16
C ALA A 167 18.75 41.75 1.70
N ILE A 168 19.53 40.80 1.17
CA ILE A 168 19.93 40.78 -0.23
C ILE A 168 18.71 40.94 -1.13
N TYR A 169 17.63 40.24 -0.81
CA TYR A 169 16.49 40.13 -1.70
C TYR A 169 15.30 40.96 -1.19
N LYS A 170 15.58 41.92 -0.31
CA LYS A 170 14.62 42.92 0.15
C LYS A 170 13.47 42.30 0.94
N MET A 171 13.71 41.11 1.54
CA MET A 171 12.75 40.54 2.47
C MET A 171 12.78 41.35 3.77
N ASN A 172 11.64 41.43 4.47
CA ASN A 172 11.48 42.44 5.51
C ASN A 172 10.85 41.87 6.79
N ARG A 173 10.53 40.57 6.80
CA ARG A 173 9.90 39.97 7.97
C ARG A 173 10.62 38.68 8.34
N PHE A 174 11.20 38.65 9.54
CA PHE A 174 11.76 37.42 10.08
C PHE A 174 10.85 36.87 11.15
N HIS A 175 10.27 35.70 10.88
CA HIS A 175 9.37 35.03 11.80
C HIS A 175 10.18 33.98 12.57
N TRP A 176 10.29 34.19 13.89
CA TRP A 176 11.18 33.42 14.75
C TRP A 176 10.35 32.40 15.53
N HIS A 177 10.37 31.14 15.06
CA HIS A 177 9.63 30.05 15.66
C HIS A 177 10.47 29.45 16.79
N LEU A 178 10.26 29.96 18.01
CA LEU A 178 11.23 29.80 19.09
C LEU A 178 10.82 28.71 20.08
N THR A 179 9.58 28.22 19.98
CA THR A 179 9.06 27.32 21.00
C THR A 179 8.36 26.13 20.35
N GLU A 180 8.60 24.94 20.91
CA GLU A 180 8.17 23.68 20.32
C GLU A 180 7.99 22.59 21.37
N ASP A 181 7.57 21.41 20.91
CA ASP A 181 7.49 20.21 21.73
C ASP A 181 8.88 19.75 22.12
N GLN A 182 9.86 20.03 21.25
CA GLN A 182 11.20 19.48 21.35
C GLN A 182 12.18 20.52 21.89
N GLY A 183 11.69 21.70 22.28
CA GLY A 183 12.58 22.73 22.83
C GLY A 183 11.97 24.12 22.95
N TRP A 184 12.48 24.90 23.92
CA TRP A 184 12.13 26.28 24.17
C TRP A 184 13.41 27.10 24.15
N ARG A 185 13.44 28.17 23.33
CA ARG A 185 14.71 28.75 22.92
C ARG A 185 14.87 30.22 23.36
N ILE A 186 13.96 30.74 24.18
CA ILE A 186 14.08 32.13 24.61
C ILE A 186 13.95 32.23 26.14
N GLU A 187 14.95 32.86 26.77
CA GLU A 187 14.96 33.09 28.20
C GLU A 187 13.78 33.97 28.61
N ILE A 188 12.97 33.45 29.54
CA ILE A 188 11.90 34.22 30.16
C ILE A 188 12.23 34.33 31.65
N LYS A 189 12.41 35.57 32.11
CA LYS A 189 12.93 35.85 33.44
C LYS A 189 12.03 35.24 34.51
N LYS A 190 10.70 35.38 34.35
CA LYS A 190 9.76 34.98 35.39
C LYS A 190 9.60 33.46 35.41
N TYR A 191 10.03 32.76 34.34
CA TYR A 191 9.87 31.32 34.28
C TYR A 191 11.19 30.67 33.84
N PRO A 192 12.22 30.66 34.71
CA PRO A 192 13.56 30.24 34.31
C PRO A 192 13.67 28.78 33.85
N LYS A 193 12.70 27.95 34.23
CA LYS A 193 12.72 26.53 33.90
C LYS A 193 12.42 26.30 32.43
N LEU A 194 11.83 27.31 31.75
CA LEU A 194 11.52 27.18 30.33
C LEU A 194 12.80 26.87 29.56
N THR A 195 13.92 27.49 29.95
CA THR A 195 15.20 27.21 29.32
C THR A 195 15.94 26.11 30.08
N GLU A 196 15.95 26.19 31.42
CA GLU A 196 16.67 25.24 32.25
C GLU A 196 16.25 23.81 31.91
N THR A 197 14.94 23.60 31.71
CA THR A 197 14.41 22.32 31.25
C THR A 197 14.26 22.32 29.73
N GLY A 198 13.64 23.39 29.20
CA GLY A 198 13.12 23.34 27.84
C GLY A 198 14.19 23.43 26.76
N ALA A 199 15.37 23.96 27.10
CA ALA A 199 16.38 24.26 26.10
C ALA A 199 17.36 23.10 25.93
N TRP A 200 17.16 22.01 26.68
CA TRP A 200 18.10 20.90 26.70
C TRP A 200 17.36 19.57 26.68
N ARG A 201 17.93 18.60 25.95
CA ARG A 201 17.31 17.29 25.81
C ARG A 201 18.39 16.26 25.48
N ASN A 202 18.08 14.99 25.71
CA ASN A 202 19.06 13.92 25.56
C ASN A 202 18.95 13.27 24.18
N SER A 203 18.88 14.10 23.13
CA SER A 203 19.00 13.61 21.76
C SER A 203 19.20 14.79 20.81
N LYS A 204 20.16 14.62 19.89
CA LYS A 204 20.38 15.59 18.83
C LYS A 204 19.33 15.35 17.75
N VAL A 205 19.33 14.14 17.19
CA VAL A 205 18.34 13.76 16.18
C VAL A 205 16.97 13.69 16.84
N LEU A 206 15.93 13.86 16.03
CA LEU A 206 14.56 13.68 16.51
C LEU A 206 13.98 12.42 15.90
N ALA A 207 13.45 11.55 16.76
CA ALA A 207 13.04 10.19 16.39
C ALA A 207 11.85 10.23 15.45
N TYR A 208 11.86 9.32 14.47
CA TYR A 208 10.76 9.12 13.53
C TYR A 208 10.98 7.81 12.78
N GLY A 209 9.93 6.98 12.74
CA GLY A 209 10.02 5.65 12.15
C GLY A 209 11.13 4.84 12.81
N ASP A 210 12.13 4.45 12.01
CA ASP A 210 13.21 3.62 12.51
C ASP A 210 14.30 4.44 13.20
N VAL A 211 14.28 5.76 12.98
CA VAL A 211 15.26 6.66 13.59
C VAL A 211 14.91 6.83 15.07
N LYS A 212 15.86 6.48 15.94
CA LYS A 212 15.64 6.47 17.38
C LYS A 212 16.44 7.61 18.01
N PRO A 213 16.10 8.07 19.24
CA PRO A 213 16.90 9.08 19.92
C PRO A 213 18.35 8.62 20.08
N ASP A 214 19.29 9.57 20.10
CA ASP A 214 20.71 9.24 20.01
C ASP A 214 21.43 9.42 21.34
N GLY A 215 20.72 9.91 22.37
CA GLY A 215 21.24 9.93 23.73
C GLY A 215 22.19 11.10 24.02
N GLU A 216 22.57 11.86 22.99
CA GLU A 216 23.50 12.96 23.11
C GLU A 216 22.78 14.17 23.72
N ARG A 217 23.39 14.77 24.75
CA ARG A 217 22.89 16.01 25.31
C ARG A 217 22.98 17.11 24.25
N TYR A 218 21.86 17.78 23.98
CA TYR A 218 21.79 18.73 22.88
C TYR A 218 20.86 19.89 23.24
N GLY A 219 21.24 21.11 22.83
CA GLY A 219 20.32 22.23 22.92
C GLY A 219 21.01 23.58 22.85
N GLY A 220 20.45 24.55 23.58
CA GLY A 220 20.84 25.95 23.50
C GLY A 220 19.60 26.85 23.54
N PHE A 221 19.84 28.14 23.80
CA PHE A 221 18.78 29.13 23.91
C PHE A 221 19.40 30.52 23.78
N TYR A 222 18.54 31.52 23.54
CA TYR A 222 18.96 32.91 23.53
C TYR A 222 18.66 33.56 24.87
N THR A 223 19.63 34.33 25.38
CA THR A 223 19.38 35.23 26.49
C THR A 223 18.64 36.45 25.94
N GLN A 224 18.05 37.24 26.84
CA GLN A 224 17.30 38.42 26.44
C GLN A 224 18.25 39.42 25.77
N LYS A 225 19.51 39.41 26.21
CA LYS A 225 20.56 40.23 25.63
C LYS A 225 20.82 39.83 24.17
N ASP A 226 20.87 38.50 23.92
CA ASP A 226 21.07 37.99 22.57
C ASP A 226 19.94 38.46 21.66
N ILE A 227 18.71 38.37 22.17
CA ILE A 227 17.50 38.72 21.43
C ILE A 227 17.60 40.17 20.97
N LYS A 228 17.93 41.07 21.91
CA LYS A 228 17.97 42.50 21.67
C LYS A 228 19.05 42.82 20.62
N GLU A 229 20.16 42.09 20.68
CA GLU A 229 21.26 42.25 19.74
C GLU A 229 20.80 41.85 18.33
N ILE A 230 20.01 40.79 18.24
CA ILE A 230 19.59 40.28 16.94
C ILE A 230 18.52 41.19 16.35
N VAL A 231 17.62 41.69 17.21
CA VAL A 231 16.61 42.66 16.81
C VAL A 231 17.28 43.89 16.20
N ALA A 232 18.31 44.42 16.89
CA ALA A 232 19.02 45.61 16.45
C ALA A 232 19.69 45.38 15.11
N TYR A 233 20.32 44.20 14.97
CA TYR A 233 21.06 43.85 13.76
C TYR A 233 20.13 43.82 12.55
N ALA A 234 18.93 43.24 12.74
CA ALA A 234 17.95 43.12 11.66
C ALA A 234 17.39 44.48 11.29
N LYS A 235 17.18 45.35 12.29
CA LYS A 235 16.53 46.63 12.09
C LYS A 235 17.35 47.50 11.15
N LYS A 236 18.67 47.29 11.16
CA LYS A 236 19.60 48.05 10.34
C LYS A 236 19.42 47.69 8.88
N LYS A 237 18.82 46.52 8.62
CA LYS A 237 18.57 46.07 7.26
C LYS A 237 17.07 46.07 6.96
N PHE A 238 16.31 46.80 7.79
CA PHE A 238 14.87 47.00 7.63
C PHE A 238 14.12 45.67 7.64
N ILE A 239 14.59 44.75 8.49
CA ILE A 239 13.91 43.50 8.75
C ILE A 239 13.33 43.56 10.16
N GLU A 240 12.02 43.35 10.25
CA GLU A 240 11.32 43.32 11.52
C GLU A 240 11.18 41.88 11.96
N ILE A 241 11.29 41.65 13.27
CA ILE A 241 11.25 40.30 13.79
C ILE A 241 9.90 40.08 14.49
N ILE A 242 9.23 38.97 14.13
CA ILE A 242 7.99 38.55 14.76
C ILE A 242 8.28 37.29 15.57
N PRO A 243 8.14 37.33 16.91
CA PRO A 243 8.36 36.13 17.73
C PRO A 243 7.11 35.25 17.68
N GLU A 244 7.32 33.94 17.63
CA GLU A 244 6.22 33.00 17.78
C GLU A 244 6.42 32.21 19.07
N ILE A 245 5.47 32.39 19.99
CA ILE A 245 5.27 31.50 21.12
C ILE A 245 4.07 30.63 20.75
N ASP A 246 4.36 29.40 20.33
CA ASP A 246 3.33 28.52 19.79
C ASP A 246 2.56 27.90 20.96
N ILE A 247 1.32 28.35 21.15
CA ILE A 247 0.45 27.89 22.23
C ILE A 247 -0.97 27.76 21.69
N PRO A 248 -1.84 26.87 22.25
CA PRO A 248 -1.48 25.96 23.33
C PRO A 248 -0.96 24.60 22.89
N GLY A 249 -0.95 24.35 21.57
CA GLY A 249 -0.31 23.16 21.04
C GLY A 249 1.17 23.39 20.84
N HIS A 250 1.88 22.34 20.39
CA HIS A 250 3.31 22.40 20.12
C HIS A 250 4.05 22.97 21.34
N SER A 251 3.60 22.56 22.54
CA SER A 251 3.97 23.21 23.79
C SER A 251 4.55 22.23 24.80
N GLN A 252 5.00 21.05 24.33
CA GLN A 252 5.39 19.99 25.25
C GLN A 252 6.59 20.42 26.09
N ALA A 253 7.49 21.24 25.52
CA ALA A 253 8.67 21.69 26.26
C ALA A 253 8.25 22.57 27.43
N ALA A 254 7.32 23.50 27.18
CA ALA A 254 6.78 24.38 28.22
C ALA A 254 6.06 23.55 29.29
N VAL A 255 5.32 22.52 28.86
CA VAL A 255 4.58 21.67 29.77
C VAL A 255 5.56 20.87 30.64
N ALA A 256 6.68 20.46 30.05
CA ALA A 256 7.72 19.73 30.76
C ALA A 256 8.35 20.61 31.85
N ALA A 257 8.44 21.92 31.55
CA ALA A 257 9.07 22.88 32.46
C ALA A 257 8.16 23.14 33.66
N TYR A 258 6.86 23.34 33.41
CA TYR A 258 5.92 23.73 34.46
C TYR A 258 4.67 22.86 34.40
N PRO A 259 4.77 21.53 34.66
CA PRO A 259 3.63 20.63 34.51
C PRO A 259 2.50 20.88 35.49
N GLU A 260 2.83 21.40 36.68
CA GLU A 260 1.89 21.53 37.78
C GLU A 260 0.69 22.38 37.36
N PHE A 261 0.89 23.31 36.41
CA PHE A 261 -0.22 24.16 35.99
C PHE A 261 -0.43 24.14 34.47
N LEU A 262 0.56 23.67 33.70
CA LEU A 262 0.42 23.70 32.24
C LEU A 262 -0.16 22.37 31.74
N ALA A 263 0.20 21.27 32.40
CA ALA A 263 -0.23 19.94 31.97
C ALA A 263 -1.73 19.76 32.21
N CYS A 264 -2.39 19.08 31.27
CA CYS A 264 -3.78 18.66 31.42
C CYS A 264 -3.87 17.53 32.44
N ASP A 265 -2.76 16.78 32.56
CA ASP A 265 -2.67 15.59 33.37
C ASP A 265 -1.42 15.69 34.24
N PRO A 266 -1.39 16.60 35.24
CA PRO A 266 -0.16 16.92 35.97
C PRO A 266 0.37 15.79 36.86
N ARG A 267 -0.42 14.71 36.97
CA ARG A 267 -0.03 13.54 37.74
C ARG A 267 0.92 12.68 36.91
N ASP A 268 0.85 12.81 35.57
CA ASP A 268 1.67 12.05 34.66
C ASP A 268 3.05 12.69 34.55
N LYS A 269 3.97 11.95 33.90
CA LYS A 269 5.31 12.42 33.59
C LYS A 269 5.26 13.34 32.36
N HIS A 270 6.05 14.42 32.38
CA HIS A 270 6.15 15.33 31.25
C HIS A 270 7.61 15.66 30.97
N GLU A 271 8.08 15.31 29.77
CA GLU A 271 9.45 15.54 29.35
C GLU A 271 9.47 16.25 28.01
N VAL A 272 10.60 16.90 27.69
CA VAL A 272 10.81 17.44 26.36
C VAL A 272 10.73 16.28 25.37
N TRP A 273 9.97 16.48 24.29
CA TRP A 273 9.74 15.44 23.30
C TRP A 273 11.01 15.21 22.47
N LEU A 274 11.32 13.93 22.25
CA LEU A 274 12.48 13.52 21.46
C LEU A 274 12.02 12.99 20.09
N GLN A 275 10.72 13.16 19.80
CA GLN A 275 10.10 12.61 18.61
C GLN A 275 9.72 13.73 17.65
N GLN A 276 9.61 13.39 16.35
CA GLN A 276 8.92 14.23 15.37
C GLN A 276 7.44 13.87 15.40
N GLY A 277 6.58 14.81 14.96
CA GLY A 277 5.15 14.53 14.86
C GLY A 277 4.31 15.58 15.57
N ILE A 278 3.10 15.15 15.98
CA ILE A 278 2.12 16.02 16.60
C ILE A 278 1.85 15.48 18.01
N SER A 279 2.17 16.31 19.01
CA SER A 279 2.04 15.92 20.41
C SER A 279 0.62 16.22 20.89
N THR A 280 0.10 15.35 21.76
CA THR A 280 -1.19 15.60 22.40
C THR A 280 -0.98 16.27 23.75
N ASP A 281 0.28 16.45 24.15
CA ASP A 281 0.59 17.01 25.46
C ASP A 281 0.53 18.54 25.37
N VAL A 282 -0.70 19.06 25.36
CA VAL A 282 -0.97 20.46 25.10
C VAL A 282 -1.25 21.19 26.41
N ILE A 283 -1.16 22.52 26.37
CA ILE A 283 -1.38 23.31 27.57
C ILE A 283 -2.85 23.20 28.00
N ASN A 284 -3.03 23.11 29.33
CA ASN A 284 -4.34 23.11 29.95
C ASN A 284 -4.90 24.53 29.97
N VAL A 285 -5.70 24.87 28.96
CA VAL A 285 -6.17 26.24 28.76
C VAL A 285 -7.25 26.61 29.79
N ALA A 286 -7.68 25.63 30.60
CA ALA A 286 -8.71 25.87 31.61
C ALA A 286 -8.07 26.26 32.96
N ASN A 287 -6.80 25.92 33.14
CA ASN A 287 -6.08 26.23 34.37
C ASN A 287 -5.79 27.73 34.44
N PRO A 288 -6.16 28.41 35.55
CA PRO A 288 -5.93 29.85 35.68
C PRO A 288 -4.45 30.26 35.65
N LYS A 289 -3.58 29.41 36.19
CA LYS A 289 -2.16 29.71 36.24
C LYS A 289 -1.53 29.57 34.85
N ALA A 290 -2.15 28.76 33.99
CA ALA A 290 -1.72 28.65 32.61
C ALA A 290 -1.96 29.97 31.87
N MET A 291 -3.11 30.60 32.19
CA MET A 291 -3.48 31.89 31.66
C MET A 291 -2.47 32.96 32.10
N GLN A 292 -2.12 32.95 33.38
CA GLN A 292 -1.19 33.92 33.95
C GLN A 292 0.18 33.77 33.29
N PHE A 293 0.58 32.51 33.06
CA PHE A 293 1.84 32.17 32.42
C PHE A 293 1.92 32.86 31.05
N ALA A 294 0.86 32.70 30.25
CA ALA A 294 0.82 33.18 28.88
C ALA A 294 0.92 34.71 28.85
N LYS A 295 0.19 35.38 29.76
CA LYS A 295 0.16 36.82 29.84
C LYS A 295 1.57 37.35 30.12
N GLU A 296 2.26 36.71 31.07
CA GLU A 296 3.56 37.15 31.52
C GLU A 296 4.64 36.88 30.46
N VAL A 297 4.44 35.82 29.67
CA VAL A 297 5.35 35.54 28.56
C VAL A 297 5.21 36.65 27.52
N ILE A 298 3.95 37.00 27.21
CA ILE A 298 3.63 38.05 26.25
C ILE A 298 4.22 39.38 26.72
N ASP A 299 4.14 39.65 28.03
CA ASP A 299 4.67 40.88 28.61
C ASP A 299 6.16 41.00 28.33
N GLU A 300 6.90 39.90 28.53
CA GLU A 300 8.34 39.90 28.33
C GLU A 300 8.68 40.05 26.85
N LEU A 301 7.85 39.44 25.98
CA LEU A 301 8.05 39.55 24.53
C LEU A 301 7.91 41.01 24.09
N THR A 302 6.90 41.69 24.65
CA THR A 302 6.57 43.06 24.32
C THR A 302 7.77 43.97 24.58
N GLU A 303 8.60 43.59 25.57
CA GLU A 303 9.76 44.36 25.96
C GLU A 303 10.91 44.13 24.99
N LEU A 304 11.03 42.90 24.47
CA LEU A 304 12.19 42.50 23.68
C LEU A 304 11.95 42.79 22.20
N PHE A 305 10.69 42.68 21.75
CA PHE A 305 10.36 42.74 20.34
C PHE A 305 9.52 43.98 20.05
N PRO A 306 10.10 45.05 19.48
CA PRO A 306 9.38 46.31 19.23
C PRO A 306 8.36 46.28 18.07
N PHE A 307 8.48 45.30 17.17
CA PHE A 307 7.53 45.19 16.07
C PHE A 307 6.14 44.90 16.63
N ASN A 308 5.10 45.30 15.89
CA ASN A 308 3.77 45.41 16.45
C ASN A 308 2.97 44.12 16.30
N TYR A 309 3.63 43.03 15.88
CA TYR A 309 2.96 41.75 15.70
C TYR A 309 3.58 40.67 16.60
N ILE A 310 2.72 39.81 17.16
CA ILE A 310 3.12 38.59 17.85
C ILE A 310 2.37 37.41 17.22
N HIS A 311 3.09 36.30 16.99
CA HIS A 311 2.50 35.07 16.48
C HIS A 311 2.28 34.13 17.65
N LEU A 312 1.04 33.66 17.84
CA LEU A 312 0.71 32.76 18.94
C LEU A 312 0.50 31.33 18.45
N GLY A 313 0.80 31.07 17.17
CA GLY A 313 0.75 29.72 16.63
C GLY A 313 -0.69 29.24 16.43
N GLY A 314 -1.02 28.10 17.05
CA GLY A 314 -2.38 27.58 16.97
C GLY A 314 -2.51 26.39 16.02
N ASN A 315 -1.37 25.91 15.49
CA ASN A 315 -1.34 24.80 14.56
C ASN A 315 -1.42 23.49 15.34
N GLU A 316 -2.01 22.47 14.71
CA GLU A 316 -1.92 21.08 15.12
C GLU A 316 -2.05 20.96 16.63
N CYS A 317 -3.24 21.31 17.12
CA CYS A 317 -3.48 21.28 18.56
C CYS A 317 -4.57 20.26 18.85
N PRO A 318 -4.22 18.98 19.11
CA PRO A 318 -5.22 17.97 19.45
C PRO A 318 -5.96 18.33 20.73
N THR A 319 -7.28 18.12 20.70
CA THR A 319 -8.16 18.49 21.79
C THR A 319 -8.32 17.31 22.74
N ARG A 320 -7.68 16.18 22.42
CA ARG A 320 -7.86 14.90 23.10
C ARG A 320 -7.70 15.04 24.61
N LYS A 321 -6.64 15.73 25.05
CA LYS A 321 -6.36 15.80 26.48
C LYS A 321 -7.33 16.74 27.20
N TRP A 322 -7.91 17.69 26.45
CA TRP A 322 -8.92 18.58 27.00
C TRP A 322 -10.20 17.81 27.31
N GLN A 323 -10.51 16.81 26.46
CA GLN A 323 -11.70 16.00 26.59
C GLN A 323 -11.63 15.12 27.84
N LYS A 324 -10.40 14.81 28.28
CA LYS A 324 -10.18 13.92 29.41
C LYS A 324 -9.91 14.74 30.67
N ASN A 325 -10.02 16.07 30.57
CA ASN A 325 -9.76 16.96 31.68
C ASN A 325 -11.06 17.59 32.17
N ASP A 326 -11.28 17.51 33.49
CA ASP A 326 -12.54 17.89 34.12
C ASP A 326 -12.79 19.39 33.98
N GLU A 327 -11.77 20.19 34.32
CA GLU A 327 -11.87 21.64 34.26
C GLU A 327 -12.16 22.10 32.83
N CYS A 328 -11.62 21.36 31.84
CA CYS A 328 -11.78 21.71 30.44
C CYS A 328 -13.20 21.37 29.96
N LYS A 329 -13.74 20.24 30.44
CA LYS A 329 -15.08 19.82 30.10
C LYS A 329 -16.09 20.83 30.66
N LYS A 330 -15.85 21.24 31.91
CA LYS A 330 -16.68 22.21 32.60
C LYS A 330 -16.66 23.55 31.86
N LEU A 331 -15.45 24.01 31.49
CA LEU A 331 -15.27 25.29 30.82
C LEU A 331 -15.98 25.27 29.47
N LEU A 332 -15.89 24.14 28.75
CA LEU A 332 -16.51 24.02 27.44
C LEU A 332 -18.02 24.11 27.57
N SER A 333 -18.54 23.58 28.68
CA SER A 333 -19.97 23.61 28.95
C SER A 333 -20.43 25.04 29.21
N GLU A 334 -19.63 25.81 29.97
CA GLU A 334 -19.99 27.17 30.35
C GLU A 334 -20.01 28.11 29.14
N ILE A 335 -19.15 27.86 28.15
CA ILE A 335 -19.13 28.69 26.96
C ILE A 335 -20.18 28.22 25.96
N GLY A 336 -20.88 27.15 26.32
CA GLY A 336 -22.01 26.63 25.55
C GLY A 336 -21.59 26.12 24.17
N SER A 337 -20.58 25.24 24.16
CA SER A 337 -20.04 24.71 22.93
C SER A 337 -19.92 23.18 23.02
N SER A 338 -19.98 22.53 21.85
CA SER A 338 -19.78 21.11 21.74
C SER A 338 -18.44 20.83 21.04
N ASN A 339 -17.81 21.90 20.54
CA ASN A 339 -16.56 21.82 19.80
C ASN A 339 -15.41 22.18 20.73
N PHE A 340 -14.59 21.17 21.08
CA PHE A 340 -13.50 21.34 22.03
C PHE A 340 -12.43 22.30 21.49
N ARG A 341 -12.50 22.56 20.18
CA ARG A 341 -11.64 23.52 19.50
C ARG A 341 -11.88 24.93 20.05
N ASP A 342 -13.09 25.18 20.57
CA ASP A 342 -13.49 26.51 21.02
C ASP A 342 -12.73 26.93 22.28
N LEU A 343 -12.20 25.93 23.01
CA LEU A 343 -11.38 26.20 24.17
C LEU A 343 -10.14 27.00 23.75
N GLN A 344 -9.57 26.60 22.60
CA GLN A 344 -8.38 27.25 22.07
C GLN A 344 -8.69 28.71 21.72
N ILE A 345 -9.85 28.93 21.08
CA ILE A 345 -10.21 30.25 20.59
C ILE A 345 -10.52 31.16 21.77
N TYR A 346 -11.21 30.59 22.78
CA TYR A 346 -11.56 31.34 23.99
C TYR A 346 -10.28 31.72 24.74
N PHE A 347 -9.28 30.83 24.70
CA PHE A 347 -7.98 31.08 25.33
C PHE A 347 -7.34 32.31 24.71
N TYR A 348 -7.42 32.41 23.38
CA TYR A 348 -6.86 33.53 22.62
C TYR A 348 -7.62 34.82 22.92
N LYS A 349 -8.94 34.71 23.11
CA LYS A 349 -9.80 35.85 23.41
C LYS A 349 -9.31 36.55 24.68
N GLN A 350 -9.10 35.76 25.74
CA GLN A 350 -8.67 36.30 27.02
C GLN A 350 -7.31 36.99 26.89
N LEU A 351 -6.43 36.43 26.06
CA LEU A 351 -5.09 36.98 25.85
C LEU A 351 -5.18 38.27 25.03
N LYS A 352 -6.05 38.27 24.02
CA LYS A 352 -6.27 39.44 23.18
C LYS A 352 -6.85 40.58 24.03
N ASP A 353 -7.88 40.25 24.83
CA ASP A 353 -8.52 41.20 25.73
C ASP A 353 -7.48 41.82 26.67
N TYR A 354 -6.60 40.96 27.21
CA TYR A 354 -5.57 41.40 28.14
C TYR A 354 -4.66 42.43 27.47
N ILE A 355 -4.23 42.14 26.23
CA ILE A 355 -3.33 43.03 25.50
C ILE A 355 -3.99 44.39 25.29
N ALA A 356 -5.32 44.37 25.10
CA ALA A 356 -6.10 45.57 24.79
C ALA A 356 -6.18 46.52 26.00
N THR A 357 -5.91 46.01 27.20
CA THR A 357 -5.98 46.80 28.43
C THR A 357 -4.66 47.55 28.65
N LYS A 358 -3.59 47.09 27.98
CA LYS A 358 -2.26 47.65 28.15
C LYS A 358 -2.18 48.98 27.42
N PRO A 359 -1.21 49.88 27.76
CA PRO A 359 -1.00 51.13 27.02
C PRO A 359 -0.78 50.91 25.54
N ALA A 360 -1.05 51.96 24.75
CA ALA A 360 -1.11 51.88 23.29
C ALA A 360 0.21 51.38 22.70
N ASP A 361 1.33 51.76 23.31
CA ASP A 361 2.66 51.46 22.81
C ASP A 361 3.05 50.01 23.13
N GLN A 362 2.23 49.35 23.97
CA GLN A 362 2.51 47.99 24.42
C GLN A 362 1.53 47.02 23.76
N GLN A 363 0.65 47.54 22.90
CA GLN A 363 -0.34 46.70 22.24
C GLN A 363 0.28 45.99 21.04
N ARG A 364 -0.18 44.78 20.79
CA ARG A 364 0.35 43.95 19.71
C ARG A 364 -0.80 43.31 18.95
N GLN A 365 -0.66 43.20 17.64
CA GLN A 365 -1.59 42.47 16.80
C GLN A 365 -1.16 41.01 16.75
N LEU A 366 -2.13 40.10 16.60
CA LEU A 366 -1.87 38.67 16.74
C LEU A 366 -1.98 37.97 15.38
N ILE A 367 -1.05 37.01 15.17
CA ILE A 367 -1.07 36.14 14.00
C ILE A 367 -1.31 34.71 14.49
N PHE A 368 -2.06 33.95 13.69
CA PHE A 368 -2.31 32.54 13.97
C PHE A 368 -2.18 31.73 12.68
N TRP A 369 -1.80 30.45 12.84
CA TRP A 369 -1.88 29.47 11.76
C TRP A 369 -3.36 29.19 11.48
N ASN A 370 -3.67 28.78 10.25
CA ASN A 370 -5.03 28.81 9.73
C ASN A 370 -5.97 27.81 10.41
N GLU A 371 -5.44 26.88 11.21
CA GLU A 371 -6.31 25.92 11.88
C GLU A 371 -7.26 26.63 12.86
N VAL A 372 -6.94 27.88 13.23
CA VAL A 372 -7.75 28.61 14.18
C VAL A 372 -9.11 28.94 13.56
N LEU A 373 -9.17 28.93 12.22
CA LEU A 373 -10.41 29.18 11.48
C LEU A 373 -11.39 28.03 11.64
N HIS A 374 -10.92 26.86 12.11
CA HIS A 374 -11.77 25.69 12.29
C HIS A 374 -12.70 25.86 13.50
N GLY A 375 -12.42 26.86 14.34
CA GLY A 375 -13.27 27.17 15.47
C GLY A 375 -14.21 28.33 15.17
N ASN A 376 -15.08 28.63 16.12
CA ASN A 376 -15.96 29.79 16.08
C ASN A 376 -15.13 31.04 16.37
N THR A 377 -14.58 31.63 15.31
CA THR A 377 -13.57 32.68 15.42
C THR A 377 -14.21 34.03 15.72
N SER A 378 -15.55 34.12 15.62
CA SER A 378 -16.20 35.41 15.83
C SER A 378 -16.13 35.82 17.30
N ILE A 379 -15.79 34.86 18.18
CA ILE A 379 -15.50 35.17 19.57
C ILE A 379 -14.26 36.07 19.64
N LEU A 380 -13.32 35.89 18.71
CA LEU A 380 -12.05 36.61 18.70
C LEU A 380 -12.21 37.98 18.04
N GLY A 381 -13.18 38.12 17.14
CA GLY A 381 -13.26 39.28 16.27
C GLY A 381 -12.46 39.03 15.00
N ASN A 382 -12.30 40.07 14.18
CA ASN A 382 -11.76 39.88 12.85
C ASN A 382 -10.50 40.73 12.62
N ASP A 383 -9.99 41.37 13.68
CA ASP A 383 -8.71 42.05 13.57
C ASP A 383 -7.61 41.12 14.06
N ILE A 384 -7.54 39.94 13.44
CA ILE A 384 -6.46 39.00 13.60
C ILE A 384 -5.87 38.75 12.21
N THR A 385 -4.67 38.18 12.17
CA THR A 385 -4.03 37.85 10.90
C THR A 385 -3.86 36.34 10.81
N ILE A 386 -4.23 35.78 9.65
CA ILE A 386 -4.22 34.34 9.44
C ILE A 386 -3.03 33.99 8.52
N MET A 387 -2.10 33.18 9.06
CA MET A 387 -1.01 32.67 8.25
C MET A 387 -1.46 31.32 7.69
N ALA A 388 -1.71 31.29 6.37
CA ALA A 388 -2.29 30.15 5.69
C ALA A 388 -1.19 29.20 5.19
N TRP A 389 -1.24 27.94 5.65
CA TRP A 389 -0.22 26.96 5.36
C TRP A 389 -0.79 25.65 4.81
N ILE A 390 -1.89 25.17 5.42
CA ILE A 390 -2.51 23.92 5.01
C ILE A 390 -3.84 24.24 4.32
N GLY A 391 -4.03 23.72 3.10
CA GLY A 391 -5.09 24.19 2.21
C GLY A 391 -5.08 25.72 2.15
N ALA A 392 -3.89 26.26 1.88
CA ALA A 392 -3.56 27.67 2.10
C ALA A 392 -4.42 28.59 1.24
N ASN A 393 -4.55 28.23 -0.04
CA ASN A 393 -5.28 29.06 -0.99
C ASN A 393 -6.71 29.29 -0.50
N ALA A 394 -7.37 28.21 -0.06
CA ALA A 394 -8.74 28.29 0.42
C ALA A 394 -8.81 29.02 1.76
N ALA A 395 -7.82 28.81 2.63
CA ALA A 395 -7.84 29.39 3.95
C ALA A 395 -7.70 30.91 3.87
N ALA A 396 -6.80 31.38 3.00
CA ALA A 396 -6.58 32.81 2.82
C ALA A 396 -7.85 33.50 2.32
N LYS A 397 -8.53 32.87 1.36
CA LYS A 397 -9.78 33.38 0.81
C LYS A 397 -10.83 33.47 1.91
N GLN A 398 -10.89 32.41 2.74
CA GLN A 398 -11.82 32.31 3.85
C GLN A 398 -11.56 33.48 4.82
N ALA A 399 -10.27 33.74 5.09
CA ALA A 399 -9.86 34.78 6.00
C ALA A 399 -10.26 36.14 5.47
N ALA A 400 -9.92 36.41 4.20
CA ALA A 400 -10.21 37.67 3.54
C ALA A 400 -11.71 37.94 3.52
N LYS A 401 -12.50 36.88 3.31
CA LYS A 401 -13.95 37.00 3.22
C LYS A 401 -14.52 37.45 4.57
N GLN A 402 -13.87 37.03 5.66
CA GLN A 402 -14.31 37.37 7.01
C GLN A 402 -13.70 38.69 7.45
N GLY A 403 -12.97 39.36 6.54
CA GLY A 403 -12.38 40.66 6.81
C GLY A 403 -11.08 40.58 7.62
N MET A 404 -10.43 39.40 7.63
CA MET A 404 -9.15 39.21 8.30
C MET A 404 -8.00 39.34 7.30
N ASN A 405 -6.88 39.91 7.76
CA ASN A 405 -5.65 39.93 7.00
C ASN A 405 -5.06 38.53 6.94
N THR A 406 -4.29 38.25 5.88
CA THR A 406 -3.77 36.90 5.67
C THR A 406 -2.37 36.93 5.03
N ILE A 407 -1.53 35.98 5.45
CA ILE A 407 -0.20 35.77 4.90
C ILE A 407 -0.15 34.35 4.32
N LEU A 408 0.34 34.23 3.09
CA LEU A 408 0.38 32.96 2.38
C LEU A 408 1.73 32.28 2.62
N SER A 409 1.70 31.13 3.30
CA SER A 409 2.90 30.31 3.42
C SER A 409 2.55 28.84 3.19
N PRO A 410 2.11 28.47 1.97
CA PRO A 410 1.64 27.11 1.69
C PRO A 410 2.76 26.08 1.83
N GLN A 411 2.44 24.97 2.50
CA GLN A 411 3.35 23.85 2.66
C GLN A 411 4.04 23.55 1.32
N ILE A 412 3.24 23.41 0.26
CA ILE A 412 3.74 23.25 -1.10
C ILE A 412 3.44 24.55 -1.85
N PRO A 413 4.44 25.27 -2.41
CA PRO A 413 5.85 24.90 -2.29
C PRO A 413 6.74 25.83 -1.45
N TYR A 414 6.14 26.48 -0.43
CA TYR A 414 6.84 27.53 0.31
C TYR A 414 7.54 27.02 1.55
N TYR A 415 7.46 25.71 1.82
CA TYR A 415 8.26 25.10 2.88
C TYR A 415 9.62 24.73 2.30
N ILE A 416 10.60 25.63 2.42
CA ILE A 416 11.87 25.48 1.71
C ILE A 416 12.89 24.70 2.54
N ASN A 417 12.42 23.97 3.56
CA ASN A 417 13.22 22.94 4.20
C ASN A 417 13.05 21.64 3.43
N ARG A 418 12.00 21.55 2.60
CA ARG A 418 11.70 20.34 1.83
C ARG A 418 12.77 20.14 0.76
N LYS A 419 12.96 18.88 0.35
CA LYS A 419 13.96 18.52 -0.65
C LYS A 419 13.73 19.34 -1.93
N GLN A 420 14.83 19.80 -2.54
CA GLN A 420 14.74 20.64 -3.73
C GLN A 420 15.09 19.83 -4.97
N SER A 421 15.37 18.54 -4.78
CA SER A 421 15.80 17.65 -5.86
C SER A 421 15.62 16.20 -5.43
N LYS A 422 15.53 15.31 -6.42
CA LYS A 422 15.34 13.89 -6.19
C LYS A 422 16.68 13.15 -6.12
N LEU A 423 17.79 13.88 -6.28
CA LEU A 423 19.10 13.26 -6.36
C LEU A 423 19.39 12.47 -5.08
N PRO A 424 20.01 11.27 -5.17
CA PRO A 424 20.32 10.47 -4.00
C PRO A 424 21.36 11.11 -3.07
N THR A 425 21.98 12.18 -3.55
CA THR A 425 23.04 12.86 -2.80
C THR A 425 22.48 13.99 -1.94
N GLU A 426 21.16 14.25 -2.03
CA GLU A 426 20.56 15.33 -1.26
C GLU A 426 20.63 15.00 0.23
N PRO A 427 20.79 15.99 1.13
CA PRO A 427 20.67 15.75 2.57
C PRO A 427 19.24 15.35 2.93
N MET A 428 19.07 14.74 4.09
CA MET A 428 17.74 14.29 4.51
C MET A 428 16.90 15.49 4.93
N SER A 429 15.71 15.59 4.33
CA SER A 429 14.64 16.47 4.78
C SER A 429 13.33 15.98 4.17
N GLN A 430 12.21 16.63 4.54
CA GLN A 430 10.88 16.20 4.13
C GLN A 430 10.69 16.39 2.63
N GLY A 431 9.74 15.65 2.06
CA GLY A 431 9.36 15.79 0.67
C GLY A 431 10.09 14.79 -0.23
N HIS A 432 9.72 14.78 -1.52
CA HIS A 432 10.28 13.82 -2.45
C HIS A 432 11.09 14.50 -3.55
N GLY A 433 11.38 15.79 -3.38
CA GLY A 433 12.25 16.52 -4.29
C GLY A 433 11.48 17.26 -5.36
N THR A 434 10.15 17.38 -5.17
CA THR A 434 9.28 18.07 -6.10
C THR A 434 9.35 19.58 -5.91
N GLU A 435 9.85 20.04 -4.77
CA GLU A 435 9.86 21.47 -4.47
C GLU A 435 11.16 22.11 -5.00
N THR A 436 11.29 22.11 -6.33
CA THR A 436 12.42 22.68 -7.04
C THR A 436 12.30 24.19 -7.05
N VAL A 437 13.39 24.87 -7.42
CA VAL A 437 13.37 26.33 -7.58
C VAL A 437 12.24 26.71 -8.52
N GLU A 438 12.08 25.96 -9.61
CA GLU A 438 11.04 26.24 -10.60
C GLU A 438 9.65 26.17 -9.95
N ALA A 439 9.40 25.12 -9.17
CA ALA A 439 8.09 24.92 -8.54
C ALA A 439 7.79 26.06 -7.56
N VAL A 440 8.82 26.50 -6.82
CA VAL A 440 8.63 27.56 -5.85
C VAL A 440 8.24 28.83 -6.58
N TYR A 441 8.96 29.10 -7.68
CA TYR A 441 8.79 30.34 -8.43
C TYR A 441 7.44 30.39 -9.12
N ASN A 442 6.96 29.23 -9.58
CA ASN A 442 5.79 29.14 -10.44
C ASN A 442 4.49 29.34 -9.64
N TYR A 443 4.57 29.21 -8.31
CA TYR A 443 3.42 29.48 -7.46
C TYR A 443 3.02 30.94 -7.61
N GLN A 444 1.72 31.17 -7.84
CA GLN A 444 1.18 32.50 -8.05
C GLN A 444 0.25 32.85 -6.89
N PRO A 445 0.70 33.72 -5.94
CA PRO A 445 -0.08 34.00 -4.73
C PRO A 445 -1.49 34.54 -4.96
N LEU A 446 -1.69 35.26 -6.07
CA LEU A 446 -2.94 35.99 -6.28
C LEU A 446 -3.78 35.38 -7.40
N LYS A 447 -3.40 34.19 -7.87
CA LYS A 447 -4.15 33.51 -8.92
C LYS A 447 -5.60 33.28 -8.46
N ASP A 448 -6.55 33.76 -9.27
CA ASP A 448 -7.98 33.60 -9.05
C ASP A 448 -8.42 34.29 -7.75
N VAL A 449 -7.70 35.34 -7.35
CA VAL A 449 -8.09 36.08 -6.15
C VAL A 449 -8.80 37.37 -6.58
N ASP A 450 -10.08 37.48 -6.24
CA ASP A 450 -10.91 38.62 -6.62
C ASP A 450 -10.31 39.91 -6.08
N ALA A 451 -10.33 40.95 -6.92
CA ALA A 451 -9.78 42.27 -6.61
C ALA A 451 -10.32 42.80 -5.28
N ALA A 452 -11.54 42.41 -4.92
CA ALA A 452 -12.19 42.89 -3.71
C ALA A 452 -11.57 42.24 -2.47
N LEU A 453 -10.95 41.06 -2.64
CA LEU A 453 -10.36 40.33 -1.52
C LEU A 453 -8.88 40.67 -1.37
N GLN A 454 -8.27 41.18 -2.45
CA GLN A 454 -6.82 41.33 -2.54
C GLN A 454 -6.25 42.24 -1.45
N PRO A 455 -6.91 43.35 -1.05
CA PRO A 455 -6.39 44.21 0.02
C PRO A 455 -6.05 43.49 1.33
N TYR A 456 -6.65 42.32 1.54
CA TYR A 456 -6.45 41.59 2.78
C TYR A 456 -5.21 40.69 2.70
N TYR A 457 -4.65 40.53 1.49
CA TYR A 457 -3.48 39.69 1.27
C TYR A 457 -2.22 40.49 1.56
N LYS A 458 -1.69 40.36 2.79
CA LYS A 458 -0.55 41.14 3.26
C LYS A 458 0.73 40.65 2.61
N GLY A 459 0.82 39.36 2.29
CA GLY A 459 1.98 38.91 1.54
C GLY A 459 2.27 37.43 1.66
N VAL A 460 3.56 37.09 1.55
CA VAL A 460 4.03 35.72 1.41
C VAL A 460 5.18 35.47 2.38
N GLN A 461 5.43 34.18 2.65
CA GLN A 461 6.51 33.76 3.54
C GLN A 461 6.98 32.36 3.18
N ALA A 462 8.31 32.20 3.12
CA ALA A 462 8.94 30.88 3.11
C ALA A 462 9.17 30.44 4.55
N ASN A 463 8.81 29.18 4.83
CA ASN A 463 8.99 28.63 6.17
C ASN A 463 10.05 27.54 6.12
N PHE A 464 10.80 27.41 7.22
CA PHE A 464 11.87 26.42 7.31
C PHE A 464 11.76 25.66 8.63
N TRP A 465 11.29 24.40 8.53
CA TRP A 465 11.10 23.52 9.66
C TRP A 465 12.31 22.60 9.78
N THR A 466 12.75 22.33 11.02
CA THR A 466 14.08 21.77 11.22
C THR A 466 14.07 20.40 11.90
N GLU A 467 13.00 19.60 11.73
CA GLU A 467 12.98 18.24 12.24
C GLU A 467 14.26 17.50 11.86
N TRP A 468 14.66 17.62 10.59
CA TRP A 468 15.76 16.85 10.05
C TRP A 468 17.04 17.67 9.97
N VAL A 469 16.93 19.00 9.95
CA VAL A 469 18.07 19.86 9.65
C VAL A 469 18.75 20.30 10.95
N THR A 470 20.03 19.95 11.09
N THR A 470 20.03 19.95 11.09
CA THR A 470 20.77 20.14 12.32
CA THR A 470 20.78 20.14 12.33
C THR A 470 22.04 20.97 12.08
C THR A 470 22.04 20.97 12.08
N GLU A 471 22.52 21.00 10.84
CA GLU A 471 23.79 21.64 10.51
C GLU A 471 23.54 22.96 9.77
N PRO A 472 24.22 24.07 10.17
CA PRO A 472 24.09 25.35 9.48
C PRO A 472 24.33 25.26 7.97
N SER A 473 25.26 24.39 7.57
CA SER A 473 25.62 24.21 6.17
C SER A 473 24.44 23.62 5.38
N VAL A 474 23.68 22.73 6.03
CA VAL A 474 22.53 22.09 5.42
C VAL A 474 21.36 23.07 5.38
N LEU A 475 21.21 23.89 6.43
CA LEU A 475 20.22 24.95 6.47
C LEU A 475 20.37 25.86 5.25
N GLU A 476 21.60 26.29 4.99
CA GLU A 476 21.89 27.25 3.93
C GLU A 476 21.66 26.60 2.56
N TYR A 477 22.13 25.36 2.44
CA TYR A 477 21.99 24.57 1.23
C TYR A 477 20.52 24.52 0.80
N LEU A 478 19.63 24.30 1.76
CA LEU A 478 18.21 24.18 1.47
C LEU A 478 17.56 25.55 1.26
N MET A 479 18.05 26.57 1.98
CA MET A 479 17.49 27.92 1.91
C MET A 479 17.69 28.55 0.53
N LEU A 480 18.90 28.40 -0.02
CA LEU A 480 19.28 29.13 -1.22
C LEU A 480 19.36 28.17 -2.41
N PRO A 481 18.90 28.56 -3.61
CA PRO A 481 18.34 29.89 -3.87
C PRO A 481 16.82 30.05 -3.84
N ARG A 482 16.10 29.07 -3.26
CA ARG A 482 14.64 29.12 -3.20
C ARG A 482 14.16 30.36 -2.44
N LEU A 483 14.95 30.82 -1.47
CA LEU A 483 14.57 31.99 -0.67
C LEU A 483 14.33 33.18 -1.59
N ALA A 484 15.23 33.35 -2.58
CA ALA A 484 15.20 34.47 -3.50
C ALA A 484 13.95 34.40 -4.38
N ALA A 485 13.49 33.17 -4.67
CA ALA A 485 12.30 32.99 -5.47
C ALA A 485 11.07 33.51 -4.71
N VAL A 486 10.98 33.18 -3.42
CA VAL A 486 9.87 33.66 -2.61
C VAL A 486 9.97 35.17 -2.46
N ALA A 487 11.19 35.67 -2.30
CA ALA A 487 11.43 37.10 -2.16
C ALA A 487 10.91 37.83 -3.40
N GLU A 488 11.16 37.28 -4.58
CA GLU A 488 10.76 37.92 -5.82
C GLU A 488 9.24 37.85 -5.95
N ALA A 489 8.66 36.70 -5.57
CA ALA A 489 7.21 36.53 -5.55
C ALA A 489 6.57 37.60 -4.67
N GLY A 490 7.23 37.92 -3.57
CA GLY A 490 6.73 38.90 -2.61
C GLY A 490 6.87 40.33 -3.10
N TRP A 491 7.87 40.59 -3.97
CA TRP A 491 8.22 41.95 -4.36
C TRP A 491 7.71 42.29 -5.76
N THR A 492 8.06 41.45 -6.74
CA THR A 492 7.82 41.74 -8.15
C THR A 492 6.36 41.47 -8.51
N PRO A 493 5.65 42.41 -9.16
CA PRO A 493 4.30 42.16 -9.67
C PRO A 493 4.28 40.93 -10.58
N GLN A 494 3.21 40.13 -10.47
CA GLN A 494 3.09 38.85 -11.14
C GLN A 494 3.40 38.97 -12.63
N GLU A 495 2.90 40.04 -13.26
CA GLU A 495 3.02 40.18 -14.70
C GLU A 495 4.48 40.40 -15.12
N LYS A 496 5.34 40.74 -14.14
CA LYS A 496 6.74 40.99 -14.43
C LYS A 496 7.61 39.79 -14.06
N ARG A 497 6.98 38.72 -13.57
CA ARG A 497 7.72 37.54 -13.14
C ARG A 497 7.80 36.52 -14.27
N ASN A 498 8.95 35.83 -14.35
CA ASN A 498 9.24 34.87 -15.39
C ASN A 498 10.40 33.99 -14.91
N TYR A 499 10.15 32.68 -14.83
CA TYR A 499 11.12 31.75 -14.24
C TYR A 499 12.44 31.77 -15.02
N GLU A 500 12.36 31.72 -16.36
CA GLU A 500 13.55 31.66 -17.19
C GLU A 500 14.43 32.88 -16.95
N ASP A 501 13.80 34.05 -16.91
CA ASP A 501 14.50 35.30 -16.60
C ASP A 501 15.12 35.22 -15.20
N PHE A 502 14.34 34.73 -14.23
CA PHE A 502 14.80 34.65 -12.85
C PHE A 502 16.03 33.73 -12.75
N LYS A 503 15.98 32.61 -13.48
CA LYS A 503 17.07 31.64 -13.52
C LYS A 503 18.36 32.33 -13.96
N GLU A 504 18.30 33.11 -15.05
CA GLU A 504 19.45 33.80 -15.59
C GLU A 504 20.02 34.79 -14.56
N ARG A 505 19.11 35.48 -13.84
CA ARG A 505 19.51 36.50 -12.89
C ARG A 505 20.11 35.87 -11.63
N ILE A 506 19.50 34.78 -11.13
CA ILE A 506 19.89 34.20 -9.86
C ILE A 506 21.24 33.48 -10.00
N ARG A 507 21.54 33.02 -11.22
CA ARG A 507 22.82 32.39 -11.52
C ARG A 507 23.99 33.31 -11.16
N LYS A 508 23.78 34.62 -11.28
CA LYS A 508 24.84 35.59 -11.06
C LYS A 508 25.15 35.72 -9.56
N ASP A 509 24.28 35.15 -8.70
CA ASP A 509 24.42 35.30 -7.26
C ASP A 509 25.27 34.17 -6.68
N ALA A 510 25.62 33.18 -7.50
CA ALA A 510 26.51 32.10 -7.09
C ALA A 510 27.81 32.69 -6.55
N GLU A 511 28.30 33.73 -7.23
CA GLU A 511 29.53 34.43 -6.88
C GLU A 511 29.36 35.10 -5.51
N LEU A 512 28.21 35.75 -5.30
CA LEU A 512 27.90 36.40 -4.03
C LEU A 512 27.91 35.37 -2.90
N TYR A 513 27.28 34.22 -3.13
CA TYR A 513 27.18 33.16 -2.12
C TYR A 513 28.57 32.63 -1.79
N ASP A 514 29.41 32.47 -2.83
CA ASP A 514 30.76 31.95 -2.65
C ASP A 514 31.58 32.92 -1.80
N LEU A 515 31.44 34.23 -2.07
CA LEU A 515 32.22 35.26 -1.38
C LEU A 515 31.76 35.38 0.08
N LYS A 516 30.48 35.06 0.34
CA LYS A 516 29.93 35.18 1.68
C LYS A 516 30.21 33.90 2.46
N GLY A 517 30.57 32.82 1.76
CA GLY A 517 30.75 31.52 2.39
C GLY A 517 29.41 30.87 2.77
N TRP A 518 28.35 31.20 2.01
CA TRP A 518 27.05 30.55 2.16
C TRP A 518 26.99 29.30 1.28
N ASN A 519 26.41 28.22 1.81
CA ASN A 519 26.09 27.05 1.01
C ASN A 519 24.77 27.30 0.27
N TYR A 520 24.50 26.49 -0.77
CA TYR A 520 23.33 26.66 -1.62
C TYR A 520 23.19 25.47 -2.56
N GLY A 521 21.96 25.15 -2.95
CA GLY A 521 21.68 24.14 -3.96
C GLY A 521 22.25 24.58 -5.32
N LYS A 522 22.84 23.62 -6.05
CA LYS A 522 23.61 23.95 -7.25
C LYS A 522 22.82 23.57 -8.50
N HIS A 523 21.63 22.98 -8.31
CA HIS A 523 20.88 22.36 -9.38
C HIS A 523 20.66 23.28 -10.59
N ILE A 524 20.46 24.59 -10.35
CA ILE A 524 20.13 25.47 -11.47
C ILE A 524 21.30 26.40 -11.80
N MET A 525 22.45 26.19 -11.15
CA MET A 525 23.56 27.13 -11.25
C MET A 525 24.49 26.77 -12.43
N GLU B 3 -17.52 7.01 -11.81
CA GLU B 3 -16.04 7.19 -11.67
C GLU B 3 -15.41 5.82 -11.39
N ILE B 4 -14.20 5.64 -11.91
CA ILE B 4 -13.49 4.37 -11.84
C ILE B 4 -12.83 4.27 -10.47
N ALA B 5 -13.20 3.22 -9.72
CA ALA B 5 -12.59 2.96 -8.42
C ALA B 5 -12.27 1.47 -8.34
N LEU B 6 -11.01 1.11 -8.61
CA LEU B 6 -10.55 -0.27 -8.65
C LEU B 6 -9.59 -0.51 -7.50
N THR B 7 -9.89 -1.55 -6.70
CA THR B 7 -9.05 -1.95 -5.57
C THR B 7 -8.95 -3.47 -5.58
N PRO B 8 -7.75 -4.06 -5.70
CA PRO B 8 -6.49 -3.33 -5.84
C PRO B 8 -6.34 -2.51 -7.12
N GLN B 9 -5.61 -1.40 -7.02
CA GLN B 9 -5.25 -0.58 -8.17
C GLN B 9 -4.46 -1.44 -9.15
N PRO B 10 -4.86 -1.51 -10.44
CA PRO B 10 -4.10 -2.25 -11.45
C PRO B 10 -2.71 -1.66 -11.70
N ALA B 11 -1.81 -2.49 -12.25
CA ALA B 11 -0.45 -2.08 -12.52
C ALA B 11 -0.44 -0.96 -13.57
N HIS B 12 -1.30 -1.07 -14.58
CA HIS B 12 -1.41 -0.08 -15.65
C HIS B 12 -2.88 0.11 -16.01
N LEU B 13 -3.35 1.37 -15.94
CA LEU B 13 -4.70 1.71 -16.32
C LEU B 13 -4.69 2.99 -17.15
N THR B 14 -5.25 2.88 -18.36
CA THR B 14 -5.43 4.02 -19.25
C THR B 14 -6.91 4.15 -19.60
N VAL B 15 -7.50 5.30 -19.30
CA VAL B 15 -8.86 5.62 -19.69
C VAL B 15 -8.87 5.86 -21.21
N LYS B 16 -9.92 5.35 -21.88
CA LYS B 16 -10.03 5.47 -23.33
C LYS B 16 -11.35 6.14 -23.69
N ASP B 17 -11.62 6.23 -25.00
CA ASP B 17 -12.74 6.97 -25.53
C ASP B 17 -14.06 6.23 -25.31
N GLY B 18 -15.07 6.95 -24.82
CA GLY B 18 -16.45 6.51 -24.82
C GLY B 18 -16.74 5.44 -23.77
N ARG B 19 -17.80 4.68 -24.04
CA ARG B 19 -18.32 3.66 -23.13
C ARG B 19 -18.77 2.44 -23.93
N PHE B 20 -18.75 1.28 -23.27
CA PHE B 20 -19.28 0.03 -23.81
C PHE B 20 -20.66 -0.21 -23.21
N GLU B 21 -21.69 -0.24 -24.06
CA GLU B 21 -23.05 -0.51 -23.62
C GLU B 21 -23.36 -1.99 -23.79
N PHE B 22 -23.83 -2.62 -22.70
CA PHE B 22 -24.07 -4.05 -22.67
C PHE B 22 -25.25 -4.42 -23.57
N GLY B 23 -26.31 -3.61 -23.52
CA GLY B 23 -27.59 -3.98 -24.13
C GLY B 23 -28.39 -4.82 -23.13
N ASN B 24 -29.08 -5.84 -23.64
CA ASN B 24 -29.89 -6.74 -22.83
C ASN B 24 -29.32 -8.16 -22.91
N GLN B 25 -28.66 -8.43 -24.04
CA GLN B 25 -27.91 -9.65 -24.28
C GLN B 25 -26.60 -9.27 -24.97
N LEU B 26 -25.66 -10.23 -25.00
CA LEU B 26 -24.53 -10.19 -25.93
C LEU B 26 -23.91 -11.58 -26.01
N LYS B 27 -22.97 -11.73 -26.95
CA LYS B 27 -22.38 -13.03 -27.25
C LYS B 27 -20.91 -13.01 -26.86
N ALA B 28 -20.42 -14.15 -26.35
CA ALA B 28 -19.06 -14.24 -25.84
C ALA B 28 -18.32 -15.41 -26.48
N LYS B 29 -17.07 -15.14 -26.89
CA LYS B 29 -16.19 -16.19 -27.36
C LYS B 29 -15.14 -16.50 -26.30
N VAL B 30 -15.15 -17.74 -25.79
CA VAL B 30 -14.23 -18.19 -24.76
C VAL B 30 -13.33 -19.26 -25.38
N THR B 31 -12.01 -19.09 -25.25
CA THR B 31 -11.06 -20.04 -25.79
C THR B 31 -11.28 -21.43 -25.17
N SER B 37 -11.87 -25.18 -18.06
CA SER B 37 -11.65 -24.42 -16.80
C SER B 37 -12.03 -22.96 -17.01
N ILE B 38 -11.64 -22.41 -18.16
CA ILE B 38 -11.88 -21.02 -18.52
C ILE B 38 -13.39 -20.80 -18.66
N ARG B 39 -14.05 -21.75 -19.32
CA ARG B 39 -15.48 -21.64 -19.55
C ARG B 39 -16.22 -21.68 -18.22
N MET B 40 -15.73 -22.50 -17.27
CA MET B 40 -16.37 -22.64 -15.98
C MET B 40 -16.22 -21.36 -15.16
N VAL B 41 -15.04 -20.73 -15.29
CA VAL B 41 -14.79 -19.44 -14.66
C VAL B 41 -15.77 -18.42 -15.23
N PHE B 42 -15.92 -18.41 -16.56
CA PHE B 42 -16.81 -17.45 -17.22
C PHE B 42 -18.26 -17.74 -16.85
N GLU B 43 -18.59 -19.03 -16.70
CA GLU B 43 -19.92 -19.49 -16.32
C GLU B 43 -20.31 -18.86 -14.98
N SER B 44 -19.39 -18.91 -14.00
CA SER B 44 -19.59 -18.30 -12.69
C SER B 44 -19.88 -16.80 -12.85
N PHE B 45 -19.05 -16.14 -13.65
CA PHE B 45 -19.19 -14.72 -13.91
C PHE B 45 -20.58 -14.41 -14.46
N LYS B 46 -20.99 -15.17 -15.48
CA LYS B 46 -22.27 -14.99 -16.17
C LYS B 46 -23.42 -15.04 -15.17
N LYS B 47 -23.37 -16.00 -14.25
CA LYS B 47 -24.41 -16.21 -13.26
C LYS B 47 -24.53 -14.97 -12.37
N GLU B 48 -23.40 -14.49 -11.86
CA GLU B 48 -23.37 -13.34 -10.96
C GLU B 48 -23.86 -12.10 -11.69
N LEU B 49 -23.41 -11.93 -12.94
CA LEU B 49 -23.77 -10.76 -13.73
C LEU B 49 -25.28 -10.74 -13.94
N GLN B 50 -25.84 -11.88 -14.36
CA GLN B 50 -27.27 -11.99 -14.62
C GLN B 50 -28.06 -11.73 -13.33
N GLU B 51 -27.60 -12.31 -12.22
CA GLU B 51 -28.24 -12.14 -10.93
C GLU B 51 -28.35 -10.66 -10.59
N ALA B 52 -27.27 -9.90 -10.84
CA ALA B 52 -27.15 -8.54 -10.36
C ALA B 52 -27.79 -7.54 -11.34
N THR B 53 -27.75 -7.84 -12.65
CA THR B 53 -28.08 -6.85 -13.66
C THR B 53 -29.26 -7.30 -14.53
N GLY B 54 -29.40 -8.61 -14.72
CA GLY B 54 -30.43 -9.15 -15.59
C GLY B 54 -29.91 -9.37 -17.01
N ILE B 55 -28.64 -9.04 -17.24
CA ILE B 55 -28.00 -9.19 -18.54
C ILE B 55 -27.68 -10.68 -18.74
N LYS B 56 -28.09 -11.21 -19.89
CA LYS B 56 -27.77 -12.58 -20.28
C LYS B 56 -26.64 -12.56 -21.30
N VAL B 57 -25.68 -13.48 -21.14
CA VAL B 57 -24.57 -13.61 -22.06
C VAL B 57 -24.61 -15.01 -22.68
N SER B 58 -24.70 -15.08 -24.01
CA SER B 58 -24.72 -16.33 -24.73
C SER B 58 -23.34 -16.62 -25.31
N SER B 59 -23.13 -17.87 -25.76
CA SER B 59 -21.83 -18.33 -26.20
C SER B 59 -21.80 -18.45 -27.72
N ALA B 66 -18.63 -11.61 -31.62
CA ALA B 66 -18.48 -11.62 -30.15
C ALA B 66 -18.13 -10.23 -29.65
N ARG B 67 -18.90 -9.75 -28.67
CA ARG B 67 -18.65 -8.45 -28.06
C ARG B 67 -17.90 -8.63 -26.73
N ILE B 68 -17.80 -9.88 -26.26
CA ILE B 68 -16.87 -10.25 -25.19
C ILE B 68 -16.02 -11.41 -25.69
N ILE B 69 -14.70 -11.25 -25.66
CA ILE B 69 -13.78 -12.31 -26.04
C ILE B 69 -12.78 -12.56 -24.91
N LEU B 70 -12.59 -13.84 -24.58
CA LEU B 70 -11.53 -14.30 -23.69
C LEU B 70 -10.54 -15.11 -24.51
N ASP B 71 -9.36 -14.54 -24.74
CA ASP B 71 -8.29 -15.18 -25.49
C ASP B 71 -7.17 -15.63 -24.56
N LEU B 72 -6.54 -16.75 -24.92
CA LEU B 72 -5.39 -17.26 -24.19
C LEU B 72 -4.13 -16.56 -24.71
N ASN B 73 -3.39 -15.94 -23.79
CA ASN B 73 -2.11 -15.34 -24.11
C ASN B 73 -1.05 -15.97 -23.20
N PRO B 74 -0.32 -17.00 -23.68
CA PRO B 74 0.57 -17.78 -22.80
C PRO B 74 1.83 -17.06 -22.32
N GLN B 75 2.02 -15.81 -22.73
CA GLN B 75 3.18 -15.03 -22.32
C GLN B 75 2.94 -14.35 -20.97
N LEU B 76 1.67 -14.29 -20.53
CA LEU B 76 1.34 -13.57 -19.31
C LEU B 76 1.64 -14.44 -18.10
N PRO B 77 2.14 -13.85 -16.99
CA PRO B 77 2.27 -14.57 -15.71
C PRO B 77 0.98 -15.21 -15.22
N ALA B 78 1.11 -16.10 -14.23
CA ALA B 78 0.06 -17.04 -13.84
C ALA B 78 -1.21 -16.34 -13.39
N GLU B 79 -1.09 -15.11 -12.88
CA GLU B 79 -2.25 -14.41 -12.33
C GLU B 79 -2.52 -13.10 -13.08
N ALA B 80 -1.77 -12.88 -14.17
CA ALA B 80 -1.83 -11.64 -14.93
C ALA B 80 -2.99 -11.66 -15.93
N TYR B 81 -3.36 -10.47 -16.43
CA TYR B 81 -4.41 -10.33 -17.42
C TYR B 81 -4.29 -9.00 -18.13
N LYS B 82 -4.92 -8.91 -19.30
CA LYS B 82 -5.22 -7.66 -19.97
C LYS B 82 -6.73 -7.54 -20.09
N LEU B 83 -7.23 -6.32 -19.90
CA LEU B 83 -8.65 -6.03 -20.05
C LEU B 83 -8.79 -4.77 -20.89
N ASN B 84 -9.25 -4.95 -22.14
CA ASN B 84 -9.51 -3.85 -23.05
C ASN B 84 -11.01 -3.69 -23.22
N VAL B 85 -11.53 -2.51 -22.82
CA VAL B 85 -12.93 -2.17 -22.99
C VAL B 85 -12.99 -0.99 -23.96
N SER B 86 -13.67 -1.20 -25.09
CA SER B 86 -13.92 -0.15 -26.07
C SER B 86 -15.42 -0.10 -26.37
N LYS B 87 -15.82 0.85 -27.22
CA LYS B 87 -17.20 0.97 -27.64
C LYS B 87 -17.67 -0.34 -28.26
N LYS B 88 -16.75 -1.04 -28.95
CA LYS B 88 -17.08 -2.19 -29.79
C LYS B 88 -17.10 -3.48 -28.98
N GLN B 89 -16.16 -3.63 -28.04
CA GLN B 89 -15.82 -4.96 -27.58
C GLN B 89 -15.11 -4.93 -26.23
N VAL B 90 -15.34 -5.99 -25.44
CA VAL B 90 -14.56 -6.28 -24.23
C VAL B 90 -13.61 -7.43 -24.58
N ARG B 91 -12.31 -7.17 -24.47
CA ARG B 91 -11.29 -8.17 -24.77
C ARG B 91 -10.50 -8.48 -23.50
N ILE B 92 -10.36 -9.78 -23.18
CA ILE B 92 -9.62 -10.23 -22.03
C ILE B 92 -8.55 -11.22 -22.47
N GLU B 93 -7.32 -11.00 -22.02
CA GLU B 93 -6.21 -11.91 -22.26
C GLU B 93 -5.65 -12.37 -20.92
N ALA B 94 -5.38 -13.67 -20.82
CA ALA B 94 -4.77 -14.29 -19.65
C ALA B 94 -4.12 -15.62 -20.07
N SER B 95 -3.29 -16.18 -19.18
CA SER B 95 -2.59 -17.43 -19.46
C SER B 95 -3.15 -18.59 -18.66
N ARG B 96 -3.81 -18.30 -17.54
CA ARG B 96 -4.30 -19.33 -16.64
C ARG B 96 -5.70 -18.96 -16.15
N PRO B 97 -6.49 -19.93 -15.64
CA PRO B 97 -7.82 -19.66 -15.10
C PRO B 97 -7.89 -18.48 -14.13
N ALA B 98 -6.93 -18.43 -13.20
CA ALA B 98 -6.88 -17.39 -12.17
C ALA B 98 -6.85 -16.00 -12.82
N GLY B 99 -5.99 -15.85 -13.84
CA GLY B 99 -5.87 -14.62 -14.60
C GLY B 99 -7.21 -14.14 -15.14
N PHE B 100 -7.97 -15.08 -15.71
CA PHE B 100 -9.27 -14.77 -16.28
C PHE B 100 -10.25 -14.37 -15.18
N TYR B 101 -10.15 -15.05 -14.04
CA TYR B 101 -11.00 -14.75 -12.87
C TYR B 101 -10.74 -13.33 -12.40
N TYR B 102 -9.46 -12.94 -12.31
CA TYR B 102 -9.08 -11.62 -11.82
C TYR B 102 -9.52 -10.54 -12.79
N ALA B 103 -9.42 -10.83 -14.09
CA ALA B 103 -9.88 -9.91 -15.12
C ALA B 103 -11.36 -9.62 -14.94
N LEU B 104 -12.13 -10.65 -14.59
CA LEU B 104 -13.57 -10.54 -14.45
C LEU B 104 -13.93 -9.87 -13.14
N GLN B 105 -13.08 -10.02 -12.11
CA GLN B 105 -13.24 -9.28 -10.86
C GLN B 105 -13.14 -7.78 -11.15
N THR B 106 -12.14 -7.41 -11.95
CA THR B 106 -11.88 -6.01 -12.27
C THR B 106 -13.04 -5.45 -13.08
N LEU B 107 -13.53 -6.24 -14.06
CA LEU B 107 -14.64 -5.86 -14.90
C LEU B 107 -15.87 -5.54 -14.02
N LYS B 108 -16.17 -6.43 -13.05
CA LYS B 108 -17.31 -6.22 -12.17
C LYS B 108 -17.13 -4.93 -11.38
N GLN B 109 -15.89 -4.63 -11.00
CA GLN B 109 -15.60 -3.50 -10.13
C GLN B 109 -15.74 -2.19 -10.89
N LEU B 110 -15.79 -2.26 -12.23
CA LEU B 110 -15.97 -1.09 -13.09
C LEU B 110 -17.44 -0.68 -13.14
N MET B 111 -18.31 -1.57 -12.63
CA MET B 111 -19.75 -1.37 -12.64
C MET B 111 -20.21 -0.91 -11.26
N PRO B 112 -21.47 -0.44 -11.08
CA PRO B 112 -22.01 -0.14 -9.74
C PRO B 112 -21.77 -1.28 -8.77
N ARG B 113 -21.62 -0.92 -7.49
CA ARG B 113 -21.13 -1.80 -6.44
C ARG B 113 -22.02 -3.03 -6.27
N ASN B 114 -23.30 -2.93 -6.69
CA ASN B 114 -24.23 -4.02 -6.49
C ASN B 114 -23.81 -5.22 -7.34
N VAL B 115 -23.05 -4.97 -8.41
CA VAL B 115 -22.60 -6.06 -9.27
C VAL B 115 -21.57 -6.91 -8.52
N MET B 116 -20.59 -6.25 -7.89
CA MET B 116 -19.60 -6.97 -7.10
C MET B 116 -20.29 -7.63 -5.89
N ALA B 117 -21.40 -7.03 -5.45
CA ALA B 117 -22.17 -7.52 -4.31
C ALA B 117 -23.00 -8.75 -4.69
N GLY B 118 -23.25 -8.92 -5.99
CA GLY B 118 -24.03 -10.04 -6.50
C GLY B 118 -25.53 -9.92 -6.17
N VAL B 119 -26.00 -8.67 -6.10
CA VAL B 119 -27.36 -8.37 -5.66
C VAL B 119 -28.02 -7.45 -6.68
N ALA B 120 -29.28 -7.77 -7.02
CA ALA B 120 -30.08 -6.95 -7.92
C ALA B 120 -30.61 -5.72 -7.18
N THR B 121 -30.74 -4.62 -7.91
CA THR B 121 -31.37 -3.40 -7.40
C THR B 121 -32.41 -2.92 -8.41
N SER B 122 -33.10 -1.84 -8.05
CA SER B 122 -34.03 -1.17 -8.95
C SER B 122 -33.52 0.25 -9.23
N TRP B 127 -26.88 -0.41 -18.08
CA TRP B 127 -25.54 -0.92 -17.67
C TRP B 127 -24.54 -0.65 -18.79
N SER B 128 -23.42 0.00 -18.43
CA SER B 128 -22.31 0.24 -19.34
C SER B 128 -20.99 0.15 -18.60
N LEU B 129 -19.88 0.04 -19.36
CA LEU B 129 -18.54 0.11 -18.83
C LEU B 129 -17.84 1.35 -19.39
N PRO B 130 -16.95 2.02 -18.61
CA PRO B 130 -16.07 3.04 -19.19
C PRO B 130 -15.02 2.34 -20.05
N SER B 131 -14.68 2.95 -21.19
CA SER B 131 -13.63 2.41 -22.04
C SER B 131 -12.30 2.56 -21.32
N VAL B 132 -11.56 1.45 -21.22
CA VAL B 132 -10.29 1.41 -20.51
C VAL B 132 -9.36 0.45 -21.22
N GLU B 133 -8.05 0.61 -20.97
CA GLU B 133 -7.03 -0.36 -21.31
C GLU B 133 -6.27 -0.70 -20.04
N ILE B 134 -6.34 -1.97 -19.64
CA ILE B 134 -5.74 -2.39 -18.38
C ILE B 134 -4.76 -3.54 -18.66
N GLU B 135 -3.54 -3.40 -18.11
CA GLU B 135 -2.61 -4.51 -18.00
C GLU B 135 -2.25 -4.65 -16.53
N ASP B 136 -2.38 -5.86 -16.00
CA ASP B 136 -2.37 -6.02 -14.55
C ASP B 136 -1.76 -7.38 -14.20
N ALA B 137 -1.05 -7.39 -13.07
CA ALA B 137 -0.42 -8.57 -12.51
C ALA B 137 -0.15 -8.28 -11.04
N PRO B 138 -0.22 -9.28 -10.13
CA PRO B 138 0.14 -9.05 -8.73
C PRO B 138 1.64 -8.90 -8.56
N ARG B 139 2.05 -8.01 -7.65
CA ARG B 139 3.46 -7.85 -7.32
C ARG B 139 3.94 -9.12 -6.62
N PHE B 140 3.07 -9.69 -5.77
CA PHE B 140 3.41 -10.83 -4.95
C PHE B 140 2.45 -12.00 -5.23
N GLU B 141 2.99 -13.23 -5.19
CA GLU B 141 2.21 -14.43 -5.45
C GLU B 141 1.43 -14.86 -4.21
N TRP B 142 1.84 -14.37 -3.03
CA TRP B 142 1.20 -14.70 -1.76
C TRP B 142 0.54 -13.45 -1.20
N ARG B 143 -0.80 -13.43 -1.23
CA ARG B 143 -1.58 -12.33 -0.70
C ARG B 143 -2.62 -12.89 0.27
N GLY B 144 -2.28 -12.85 1.57
CA GLY B 144 -2.90 -13.76 2.52
C GLY B 144 -3.65 -13.07 3.66
N PHE B 145 -4.56 -13.83 4.27
CA PHE B 145 -5.19 -13.46 5.54
C PHE B 145 -5.18 -14.68 6.45
N MET B 146 -4.76 -14.49 7.71
CA MET B 146 -4.79 -15.55 8.70
C MET B 146 -5.88 -15.26 9.72
N LEU B 147 -6.70 -16.27 10.03
CA LEU B 147 -7.62 -16.16 11.15
C LEU B 147 -7.29 -17.20 12.21
N ASP B 148 -7.16 -16.71 13.45
CA ASP B 148 -6.98 -17.50 14.65
C ASP B 148 -8.36 -17.93 15.15
N GLU B 149 -8.65 -19.24 15.04
CA GLU B 149 -9.89 -19.78 15.59
C GLU B 149 -9.62 -20.60 16.86
N GLY B 150 -8.35 -20.66 17.25
CA GLY B 150 -7.98 -21.33 18.49
C GLY B 150 -8.51 -20.59 19.72
N ARG B 151 -8.32 -19.26 19.73
CA ARG B 151 -8.72 -18.42 20.86
C ARG B 151 -10.25 -18.29 20.91
N HIS B 152 -10.86 -17.95 19.77
CA HIS B 152 -12.31 -17.99 19.62
C HIS B 152 -12.69 -18.58 18.28
N PHE B 153 -13.74 -19.42 18.30
CA PHE B 153 -14.22 -20.18 17.15
C PHE B 153 -15.38 -19.43 16.51
N PHE B 154 -15.36 -19.33 15.18
CA PHE B 154 -16.36 -18.54 14.46
C PHE B 154 -17.27 -19.45 13.63
N GLY B 155 -16.69 -20.51 13.04
CA GLY B 155 -17.51 -21.53 12.38
C GLY B 155 -17.65 -21.27 10.88
N LYS B 156 -18.29 -22.23 10.21
CA LYS B 156 -18.30 -22.38 8.76
C LYS B 156 -18.87 -21.14 8.07
N ASP B 157 -20.02 -20.64 8.57
CA ASP B 157 -20.73 -19.55 7.92
C ASP B 157 -19.86 -18.30 7.89
N GLU B 158 -19.18 -18.03 9.01
CA GLU B 158 -18.36 -16.83 9.13
C GLU B 158 -17.11 -16.96 8.26
N ILE B 159 -16.56 -18.18 8.16
CA ILE B 159 -15.36 -18.41 7.36
C ILE B 159 -15.67 -18.16 5.89
N LYS B 160 -16.87 -18.57 5.45
CA LYS B 160 -17.31 -18.30 4.09
C LYS B 160 -17.37 -16.79 3.83
N ARG B 161 -17.80 -16.03 4.84
CA ARG B 161 -17.89 -14.58 4.73
C ARG B 161 -16.50 -13.96 4.60
N VAL B 162 -15.54 -14.49 5.38
CA VAL B 162 -14.15 -14.06 5.36
C VAL B 162 -13.56 -14.28 3.96
N ILE B 163 -13.84 -15.45 3.39
CA ILE B 163 -13.36 -15.81 2.06
C ILE B 163 -13.96 -14.87 1.02
N ASP B 164 -15.25 -14.53 1.19
CA ASP B 164 -15.94 -13.62 0.28
C ASP B 164 -15.24 -12.26 0.29
N MET B 165 -14.85 -11.80 1.50
CA MET B 165 -14.20 -10.51 1.65
C MET B 165 -12.83 -10.52 0.97
N MET B 166 -12.09 -11.63 1.16
CA MET B 166 -10.77 -11.81 0.58
C MET B 166 -10.86 -11.74 -0.95
N ALA B 167 -11.86 -12.42 -1.52
CA ALA B 167 -12.00 -12.57 -2.96
C ALA B 167 -12.24 -11.23 -3.65
N ILE B 168 -12.96 -10.32 -2.98
CA ILE B 168 -13.22 -8.98 -3.47
C ILE B 168 -11.90 -8.32 -3.89
N TYR B 169 -10.86 -8.49 -3.06
CA TYR B 169 -9.63 -7.73 -3.21
C TYR B 169 -8.50 -8.62 -3.76
N LYS B 170 -8.87 -9.75 -4.37
CA LYS B 170 -7.96 -10.63 -5.12
C LYS B 170 -6.92 -11.26 -4.20
N MET B 171 -7.23 -11.38 -2.90
CA MET B 171 -6.37 -12.14 -2.00
C MET B 171 -6.55 -13.63 -2.29
N ASN B 172 -5.49 -14.43 -2.08
CA ASN B 172 -5.44 -15.76 -2.65
C ASN B 172 -4.95 -16.81 -1.65
N ARG B 173 -4.63 -16.40 -0.42
CA ARG B 173 -4.12 -17.34 0.58
C ARG B 173 -4.88 -17.14 1.89
N PHE B 174 -5.60 -18.20 2.32
CA PHE B 174 -6.21 -18.19 3.64
C PHE B 174 -5.41 -19.09 4.58
N HIS B 175 -4.82 -18.48 5.61
CA HIS B 175 -4.02 -19.19 6.59
C HIS B 175 -4.91 -19.46 7.81
N TRP B 176 -5.15 -20.75 8.07
CA TRP B 176 -6.12 -21.19 9.06
C TRP B 176 -5.39 -21.64 10.33
N HIS B 177 -5.37 -20.76 11.33
CA HIS B 177 -4.69 -21.01 12.59
C HIS B 177 -5.65 -21.75 13.51
N LEU B 178 -5.57 -23.09 13.47
CA LEU B 178 -6.65 -23.94 13.96
C LEU B 178 -6.36 -24.50 15.35
N THR B 179 -5.11 -24.38 15.82
CA THR B 179 -4.70 -25.05 17.04
C THR B 179 -3.94 -24.10 17.95
N GLU B 180 -4.25 -24.19 19.26
CA GLU B 180 -3.77 -23.24 20.24
C GLU B 180 -3.71 -23.86 21.64
N ASP B 181 -3.26 -23.05 22.61
CA ASP B 181 -3.28 -23.40 24.02
C ASP B 181 -4.72 -23.47 24.52
N GLN B 182 -5.59 -22.65 23.91
CA GLN B 182 -6.94 -22.41 24.41
C GLN B 182 -7.96 -23.19 23.59
N GLY B 183 -7.52 -24.01 22.63
CA GLY B 183 -8.44 -24.81 21.83
C GLY B 183 -7.83 -25.45 20.60
N TRP B 184 -8.42 -26.58 20.20
CA TRP B 184 -8.08 -27.35 19.00
C TRP B 184 -9.35 -27.49 18.17
N ARG B 185 -9.30 -27.09 16.88
CA ARG B 185 -10.52 -26.80 16.14
C ARG B 185 -10.71 -27.70 14.92
N ILE B 186 -9.88 -28.74 14.75
CA ILE B 186 -10.03 -29.61 13.59
C ILE B 186 -10.04 -31.07 14.03
N GLU B 187 -11.09 -31.79 13.61
CA GLU B 187 -11.25 -33.21 13.89
C GLU B 187 -10.10 -34.00 13.26
N ILE B 188 -9.40 -34.77 14.11
CA ILE B 188 -8.39 -35.72 13.65
C ILE B 188 -8.87 -37.12 14.04
N LYS B 189 -9.08 -37.96 13.02
CA LYS B 189 -9.74 -39.25 13.19
C LYS B 189 -8.96 -40.13 14.18
N LYS B 190 -7.63 -40.14 14.06
CA LYS B 190 -6.81 -41.05 14.84
C LYS B 190 -6.68 -40.57 16.29
N TYR B 191 -7.01 -39.30 16.54
CA TYR B 191 -6.87 -38.75 17.89
C TYR B 191 -8.14 -37.98 18.26
N PRO B 192 -9.26 -38.68 18.52
CA PRO B 192 -10.56 -38.03 18.72
C PRO B 192 -10.65 -37.08 19.92
N LYS B 193 -9.72 -37.25 20.88
CA LYS B 193 -9.73 -36.44 22.09
C LYS B 193 -9.27 -35.01 21.82
N LEU B 194 -8.60 -34.79 20.67
CA LEU B 194 -8.14 -33.47 20.32
C LEU B 194 -9.32 -32.50 20.29
N THR B 195 -10.48 -32.98 19.80
CA THR B 195 -11.68 -32.16 19.78
C THR B 195 -12.52 -32.42 21.03
N GLU B 196 -12.67 -33.69 21.41
CA GLU B 196 -13.49 -34.06 22.56
C GLU B 196 -13.04 -33.29 23.80
N THR B 197 -11.72 -33.15 23.99
CA THR B 197 -11.16 -32.34 25.05
C THR B 197 -10.85 -30.94 24.54
N GLY B 198 -10.17 -30.86 23.39
CA GLY B 198 -9.50 -29.65 22.98
C GLY B 198 -10.45 -28.55 22.48
N ALA B 199 -11.66 -28.93 22.06
CA ALA B 199 -12.55 -28.01 21.38
C ALA B 199 -13.52 -27.35 22.35
N TRP B 200 -13.41 -27.69 23.64
CA TRP B 200 -14.36 -27.23 24.65
C TRP B 200 -13.63 -26.81 25.92
N ARG B 201 -14.11 -25.73 26.53
CA ARG B 201 -13.49 -25.20 27.74
C ARG B 201 -14.55 -24.43 28.54
N ASN B 202 -14.28 -24.22 29.83
CA ASN B 202 -15.25 -23.62 30.73
C ASN B 202 -15.00 -22.12 30.86
N SER B 203 -14.82 -21.44 29.73
CA SER B 203 -14.79 -19.98 29.70
C SER B 203 -14.89 -19.48 28.26
N LYS B 204 -15.76 -18.48 28.05
CA LYS B 204 -15.86 -17.81 26.78
C LYS B 204 -14.72 -16.83 26.65
N VAL B 205 -14.64 -15.87 27.59
CA VAL B 205 -13.56 -14.90 27.63
C VAL B 205 -12.28 -15.63 27.98
N LEU B 206 -11.15 -15.03 27.59
CA LEU B 206 -9.84 -15.54 27.98
C LEU B 206 -9.21 -14.57 28.97
N ALA B 207 -8.77 -15.11 30.11
CA ALA B 207 -8.34 -14.32 31.25
C ALA B 207 -7.05 -13.58 30.93
N TYR B 208 -6.97 -12.33 31.42
CA TYR B 208 -5.77 -11.51 31.35
C TYR B 208 -5.92 -10.34 32.32
N GLY B 209 -4.88 -10.13 33.13
CA GLY B 209 -4.91 -9.12 34.17
C GLY B 209 -6.10 -9.33 35.10
N ASP B 210 -6.99 -8.34 35.15
CA ASP B 210 -8.13 -8.38 36.06
C ASP B 210 -9.28 -9.20 35.47
N VAL B 211 -9.24 -9.44 34.15
CA VAL B 211 -10.28 -10.22 33.49
C VAL B 211 -10.07 -11.70 33.85
N LYS B 212 -11.11 -12.30 34.45
CA LYS B 212 -11.04 -13.66 34.96
C LYS B 212 -11.90 -14.58 34.08
N PRO B 213 -11.68 -15.91 34.09
CA PRO B 213 -12.55 -16.83 33.35
C PRO B 213 -14.01 -16.67 33.79
N ASP B 214 -14.94 -16.96 32.88
CA ASP B 214 -16.35 -16.61 33.10
C ASP B 214 -17.19 -17.86 33.37
N GLY B 215 -16.59 -19.05 33.30
CA GLY B 215 -17.26 -20.27 33.72
C GLY B 215 -18.23 -20.87 32.69
N GLU B 216 -18.48 -20.14 31.60
CA GLU B 216 -19.41 -20.57 30.57
C GLU B 216 -18.74 -21.63 29.69
N ARG B 217 -19.46 -22.73 29.45
CA ARG B 217 -19.01 -23.75 28.51
C ARG B 217 -18.99 -23.13 27.11
N TYR B 218 -17.83 -23.23 26.44
CA TYR B 218 -17.63 -22.55 25.17
C TYR B 218 -16.74 -23.39 24.26
N GLY B 219 -17.07 -23.40 22.96
CA GLY B 219 -16.16 -23.95 21.99
C GLY B 219 -16.84 -24.31 20.67
N GLY B 220 -16.33 -25.38 20.04
CA GLY B 220 -16.70 -25.76 18.69
C GLY B 220 -15.48 -26.25 17.92
N PHE B 221 -15.72 -26.92 16.79
CA PHE B 221 -14.67 -27.46 15.95
C PHE B 221 -15.26 -27.78 14.58
N TYR B 222 -14.37 -27.97 13.60
CA TYR B 222 -14.76 -28.41 12.28
C TYR B 222 -14.58 -29.92 12.15
N THR B 223 -15.59 -30.59 11.57
CA THR B 223 -15.45 -31.96 11.13
C THR B 223 -14.63 -31.94 9.84
N GLN B 224 -14.13 -33.12 9.44
CA GLN B 224 -13.34 -33.22 8.23
C GLN B 224 -14.21 -32.86 7.01
N LYS B 225 -15.51 -33.16 7.13
CA LYS B 225 -16.50 -32.82 6.11
C LYS B 225 -16.61 -31.29 5.97
N ASP B 226 -16.64 -30.58 7.10
CA ASP B 226 -16.71 -29.13 7.12
C ASP B 226 -15.50 -28.54 6.42
N ILE B 227 -14.32 -29.09 6.73
CA ILE B 227 -13.05 -28.64 6.18
C ILE B 227 -13.09 -28.72 4.65
N LYS B 228 -13.51 -29.88 4.13
CA LYS B 228 -13.52 -30.14 2.70
C LYS B 228 -14.49 -29.20 1.99
N GLU B 229 -15.61 -28.91 2.65
CA GLU B 229 -16.60 -27.98 2.12
C GLU B 229 -16.02 -26.57 2.02
N ILE B 230 -15.22 -26.18 3.03
CA ILE B 230 -14.67 -24.83 3.06
C ILE B 230 -13.54 -24.70 2.04
N VAL B 231 -12.74 -25.76 1.91
CA VAL B 231 -11.68 -25.82 0.91
C VAL B 231 -12.29 -25.62 -0.49
N ALA B 232 -13.38 -26.35 -0.78
CA ALA B 232 -14.04 -26.31 -2.08
C ALA B 232 -14.58 -24.91 -2.36
N TYR B 233 -15.18 -24.29 -1.33
CA TYR B 233 -15.80 -22.98 -1.46
C TYR B 233 -14.74 -21.93 -1.82
N ALA B 234 -13.58 -22.02 -1.16
CA ALA B 234 -12.50 -21.07 -1.38
C ALA B 234 -11.90 -21.25 -2.78
N LYS B 235 -11.80 -22.51 -3.22
CA LYS B 235 -11.12 -22.83 -4.47
C LYS B 235 -11.84 -22.20 -5.64
N LYS B 236 -13.16 -22.01 -5.49
CA LYS B 236 -13.98 -21.43 -6.54
C LYS B 236 -13.64 -19.95 -6.71
N LYS B 237 -13.02 -19.35 -5.69
CA LYS B 237 -12.62 -17.96 -5.76
C LYS B 237 -11.10 -17.84 -5.81
N PHE B 238 -10.43 -18.95 -6.16
CA PHE B 238 -8.99 -19.03 -6.33
C PHE B 238 -8.25 -18.65 -5.06
N ILE B 239 -8.81 -19.05 -3.92
CA ILE B 239 -8.16 -18.92 -2.63
C ILE B 239 -7.75 -20.31 -2.15
N GLU B 240 -6.46 -20.45 -1.87
CA GLU B 240 -5.89 -21.68 -1.37
C GLU B 240 -5.81 -21.58 0.15
N ILE B 241 -6.07 -22.71 0.83
CA ILE B 241 -6.07 -22.71 2.28
C ILE B 241 -4.80 -23.41 2.78
N ILE B 242 -4.11 -22.75 3.73
CA ILE B 242 -2.94 -23.31 4.38
C ILE B 242 -3.31 -23.59 5.84
N PRO B 243 -3.31 -24.87 6.28
CA PRO B 243 -3.61 -25.20 7.67
C PRO B 243 -2.37 -24.94 8.53
N GLU B 244 -2.58 -24.42 9.74
CA GLU B 244 -1.52 -24.34 10.72
C GLU B 244 -1.86 -25.25 11.90
N ILE B 245 -1.01 -26.27 12.09
CA ILE B 245 -0.93 -27.03 13.32
C ILE B 245 0.30 -26.51 14.06
N ASP B 246 0.06 -25.66 15.05
CA ASP B 246 1.14 -24.96 15.74
C ASP B 246 1.76 -25.91 16.75
N ILE B 247 2.98 -26.37 16.45
CA ILE B 247 3.73 -27.29 17.29
C ILE B 247 5.20 -26.89 17.28
N PRO B 248 5.99 -27.19 18.34
CA PRO B 248 5.51 -27.82 19.56
C PRO B 248 5.04 -26.87 20.65
N GLY B 249 5.17 -25.56 20.42
CA GLY B 249 4.59 -24.57 21.32
C GLY B 249 3.12 -24.32 20.99
N HIS B 250 2.46 -23.47 21.78
CA HIS B 250 1.06 -23.10 21.58
C HIS B 250 0.21 -24.36 21.44
N SER B 251 0.52 -25.38 22.27
CA SER B 251 0.02 -26.73 22.08
C SER B 251 -0.68 -27.25 23.33
N GLN B 252 -1.09 -26.36 24.24
CA GLN B 252 -1.58 -26.80 25.54
C GLN B 252 -2.86 -27.63 25.38
N ALA B 253 -3.68 -27.29 24.38
CA ALA B 253 -4.93 -28.02 24.16
C ALA B 253 -4.63 -29.47 23.75
N ALA B 254 -3.67 -29.65 22.85
CA ALA B 254 -3.24 -30.97 22.42
C ALA B 254 -2.66 -31.76 23.59
N VAL B 255 -1.87 -31.07 24.43
CA VAL B 255 -1.24 -31.70 25.58
C VAL B 255 -2.32 -32.12 26.58
N ALA B 256 -3.37 -31.32 26.72
CA ALA B 256 -4.49 -31.62 27.60
C ALA B 256 -5.23 -32.86 27.13
N ALA B 257 -5.27 -33.05 25.80
CA ALA B 257 -5.98 -34.17 25.20
C ALA B 257 -5.21 -35.47 25.41
N TYR B 258 -3.89 -35.44 25.18
CA TYR B 258 -3.08 -36.64 25.23
C TYR B 258 -1.83 -36.41 26.08
N PRO B 259 -1.97 -36.17 27.41
CA PRO B 259 -0.82 -35.83 28.25
C PRO B 259 0.20 -36.97 28.40
N GLU B 260 -0.27 -38.22 28.31
CA GLU B 260 0.55 -39.39 28.60
C GLU B 260 1.79 -39.43 27.71
N PHE B 261 1.70 -38.85 26.50
CA PHE B 261 2.85 -38.86 25.62
C PHE B 261 3.23 -37.47 25.11
N LEU B 262 2.33 -36.49 25.22
CA LEU B 262 2.64 -35.15 24.71
C LEU B 262 3.25 -34.27 25.80
N ALA B 263 2.81 -34.46 27.05
CA ALA B 263 3.29 -33.64 28.15
C ALA B 263 4.75 -33.94 28.47
N CYS B 264 5.50 -32.90 28.81
CA CYS B 264 6.86 -33.02 29.30
C CYS B 264 6.84 -33.57 30.72
N ASP B 265 5.73 -33.30 31.41
CA ASP B 265 5.53 -33.62 32.81
C ASP B 265 4.20 -34.36 32.97
N PRO B 266 4.10 -35.61 32.48
CA PRO B 266 2.79 -36.29 32.36
C PRO B 266 2.17 -36.67 33.70
N ARG B 267 2.93 -36.48 34.78
CA ARG B 267 2.43 -36.75 36.12
C ARG B 267 1.57 -35.59 36.61
N ASP B 268 1.79 -34.40 36.02
CA ASP B 268 1.06 -33.20 36.38
C ASP B 268 -0.29 -33.18 35.68
N LYS B 269 -1.16 -32.26 36.11
CA LYS B 269 -2.45 -32.01 35.50
C LYS B 269 -2.25 -31.17 34.24
N HIS B 270 -3.04 -31.46 33.20
CA HIS B 270 -3.01 -30.69 31.96
C HIS B 270 -4.43 -30.40 31.49
N GLU B 271 -4.75 -29.10 31.37
CA GLU B 271 -6.07 -28.65 30.97
C GLU B 271 -5.95 -27.65 29.82
N VAL B 272 -7.05 -27.46 29.08
CA VAL B 272 -7.11 -26.39 28.09
C VAL B 272 -6.94 -25.07 28.82
N TRP B 273 -6.06 -24.21 28.28
CA TRP B 273 -5.73 -22.95 28.92
C TRP B 273 -6.90 -21.97 28.80
N LEU B 274 -7.20 -21.28 29.91
CA LEU B 274 -8.26 -20.28 29.96
C LEU B 274 -7.67 -18.88 29.99
N GLN B 275 -6.34 -18.79 29.79
CA GLN B 275 -5.60 -17.54 29.91
C GLN B 275 -5.12 -17.08 28.53
N GLN B 276 -4.87 -15.77 28.40
CA GLN B 276 -4.07 -15.23 27.31
C GLN B 276 -2.60 -15.28 27.73
N GLY B 277 -1.68 -15.28 26.75
CA GLY B 277 -0.26 -15.22 27.03
C GLY B 277 0.53 -16.33 26.34
N ILE B 278 1.68 -16.70 26.92
CA ILE B 278 2.58 -17.70 26.37
C ILE B 278 2.69 -18.84 27.36
N SER B 279 2.27 -20.03 26.94
CA SER B 279 2.27 -21.21 27.79
C SER B 279 3.62 -21.90 27.72
N THR B 280 4.05 -22.48 28.86
CA THR B 280 5.26 -23.29 28.89
C THR B 280 4.91 -24.77 28.73
N ASP B 281 3.61 -25.07 28.62
CA ASP B 281 3.15 -26.44 28.54
C ASP B 281 3.25 -26.91 27.09
N VAL B 282 4.48 -27.22 26.67
CA VAL B 282 4.80 -27.49 25.29
C VAL B 282 4.93 -29.00 25.08
N ILE B 283 4.87 -29.42 23.81
CA ILE B 283 4.94 -30.84 23.48
C ILE B 283 6.34 -31.36 23.80
N ASN B 284 6.38 -32.58 24.34
CA ASN B 284 7.61 -33.30 24.62
C ASN B 284 8.15 -33.87 23.31
N VAL B 285 9.07 -33.12 22.68
CA VAL B 285 9.57 -33.46 21.35
C VAL B 285 10.50 -34.68 21.40
N ALA B 286 10.83 -35.14 22.60
CA ALA B 286 11.75 -36.27 22.76
C ALA B 286 10.98 -37.59 22.86
N ASN B 287 9.70 -37.51 23.19
CA ASN B 287 8.86 -38.69 23.33
C ASN B 287 8.58 -39.27 21.94
N PRO B 288 8.81 -40.59 21.71
CA PRO B 288 8.57 -41.19 20.40
C PRO B 288 7.11 -41.14 19.93
N LYS B 289 6.17 -41.24 20.89
CA LYS B 289 4.76 -41.25 20.56
C LYS B 289 4.30 -39.84 20.16
N ALA B 290 5.01 -38.82 20.66
CA ALA B 290 4.74 -37.45 20.26
C ALA B 290 5.10 -37.25 18.79
N MET B 291 6.21 -37.89 18.38
CA MET B 291 6.68 -37.87 17.00
C MET B 291 5.64 -38.53 16.09
N GLN B 292 5.13 -39.69 16.52
CA GLN B 292 4.14 -40.45 15.75
C GLN B 292 2.86 -39.63 15.61
N PHE B 293 2.48 -38.95 16.69
CA PHE B 293 1.30 -38.09 16.73
C PHE B 293 1.39 -37.05 15.62
N ALA B 294 2.54 -36.37 15.55
CA ALA B 294 2.74 -35.26 14.62
C ALA B 294 2.65 -35.74 13.17
N LYS B 295 3.29 -36.88 12.90
CA LYS B 295 3.32 -37.47 11.57
C LYS B 295 1.90 -37.79 11.09
N GLU B 296 1.11 -38.37 12.00
CA GLU B 296 -0.24 -38.82 11.67
C GLU B 296 -1.18 -37.64 11.51
N VAL B 297 -0.94 -36.55 12.25
CA VAL B 297 -1.72 -35.34 12.08
C VAL B 297 -1.46 -34.77 10.69
N ILE B 298 -0.18 -34.72 10.31
CA ILE B 298 0.26 -34.22 9.01
C ILE B 298 -0.35 -35.07 7.89
N ASP B 299 -0.41 -36.40 8.11
CA ASP B 299 -0.97 -37.32 7.13
C ASP B 299 -2.43 -36.97 6.86
N GLU B 300 -3.20 -36.71 7.92
CA GLU B 300 -4.61 -36.40 7.78
C GLU B 300 -4.79 -35.03 7.12
N LEU B 301 -3.89 -34.08 7.42
CA LEU B 301 -3.95 -32.75 6.81
C LEU B 301 -3.75 -32.86 5.30
N THR B 302 -2.81 -33.72 4.91
CA THR B 302 -2.44 -33.93 3.51
C THR B 302 -3.66 -34.38 2.71
N GLU B 303 -4.58 -35.08 3.38
CA GLU B 303 -5.78 -35.61 2.75
C GLU B 303 -6.83 -34.51 2.59
N LEU B 304 -6.89 -33.58 3.55
CA LEU B 304 -7.96 -32.59 3.61
C LEU B 304 -7.58 -31.35 2.82
N PHE B 305 -6.28 -31.01 2.82
CA PHE B 305 -5.82 -29.74 2.28
C PHE B 305 -4.95 -30.00 1.05
N PRO B 306 -5.47 -29.76 -0.18
CA PRO B 306 -4.73 -30.04 -1.41
C PRO B 306 -3.59 -29.08 -1.74
N PHE B 307 -3.62 -27.87 -1.15
CA PHE B 307 -2.56 -26.90 -1.35
C PHE B 307 -1.24 -27.47 -0.82
N ASN B 308 -0.13 -27.00 -1.41
CA ASN B 308 1.15 -27.68 -1.29
C ASN B 308 1.94 -27.19 -0.08
N TYR B 309 1.32 -26.37 0.78
CA TYR B 309 1.99 -25.81 1.94
C TYR B 309 1.27 -26.20 3.23
N ILE B 310 2.06 -26.51 4.27
CA ILE B 310 1.58 -26.68 5.64
C ILE B 310 2.39 -25.76 6.55
N HIS B 311 1.69 -25.08 7.48
CA HIS B 311 2.33 -24.23 8.49
C HIS B 311 2.42 -25.01 9.80
N LEU B 312 3.63 -25.15 10.34
CA LEU B 312 3.85 -25.89 11.57
C LEU B 312 4.10 -24.95 12.76
N GLY B 313 3.93 -23.64 12.55
CA GLY B 313 4.04 -22.68 13.63
C GLY B 313 5.48 -22.45 14.06
N GLY B 314 5.76 -22.68 15.35
CA GLY B 314 7.11 -22.56 15.88
C GLY B 314 7.34 -21.26 16.65
N ASN B 315 6.26 -20.49 16.86
CA ASN B 315 6.32 -19.23 17.59
C ASN B 315 6.31 -19.51 19.09
N GLU B 316 6.97 -18.61 19.85
CA GLU B 316 6.81 -18.50 21.29
C GLU B 316 6.81 -19.88 21.93
N CYS B 317 7.94 -20.58 21.83
CA CYS B 317 8.04 -21.93 22.35
C CYS B 317 9.09 -21.97 23.47
N PRO B 318 8.70 -21.73 24.75
CA PRO B 318 9.66 -21.79 25.86
C PRO B 318 10.25 -23.18 26.02
N THR B 319 11.57 -23.23 26.26
CA THR B 319 12.32 -24.48 26.33
C THR B 319 12.37 -24.99 27.76
N ARG B 320 11.78 -24.23 28.69
CA ARG B 320 11.87 -24.45 30.13
C ARG B 320 11.54 -25.91 30.50
N LYS B 321 10.44 -26.45 29.95
CA LYS B 321 9.97 -27.76 30.38
C LYS B 321 10.86 -28.86 29.78
N TRP B 322 11.52 -28.56 28.66
CA TRP B 322 12.46 -29.50 28.05
C TRP B 322 13.69 -29.66 28.93
N GLN B 323 14.09 -28.56 29.59
CA GLN B 323 15.28 -28.54 30.45
C GLN B 323 15.05 -29.40 31.69
N LYS B 324 13.79 -29.57 32.08
CA LYS B 324 13.43 -30.29 33.29
C LYS B 324 13.02 -31.72 32.95
N ASN B 325 13.14 -32.10 31.67
CA ASN B 325 12.74 -33.41 31.20
C ASN B 325 13.97 -34.23 30.84
N ASP B 326 14.02 -35.47 31.36
CA ASP B 326 15.19 -36.34 31.28
C ASP B 326 15.44 -36.75 29.83
N GLU B 327 14.39 -37.22 29.14
CA GLU B 327 14.49 -37.67 27.76
C GLU B 327 14.97 -36.52 26.87
N CYS B 328 14.56 -35.29 27.21
CA CYS B 328 14.89 -34.12 26.41
C CYS B 328 16.36 -33.74 26.61
N LYS B 329 16.84 -33.86 27.86
CA LYS B 329 18.22 -33.57 28.20
C LYS B 329 19.13 -34.56 27.47
N LYS B 330 18.74 -35.84 27.49
CA LYS B 330 19.47 -36.91 26.85
C LYS B 330 19.53 -36.68 25.34
N LEU B 331 18.38 -36.34 24.74
CA LEU B 331 18.29 -36.12 23.30
C LEU B 331 19.17 -34.93 22.90
N LEU B 332 19.18 -33.88 23.71
CA LEU B 332 19.96 -32.69 23.41
C LEU B 332 21.44 -33.02 23.44
N SER B 333 21.82 -33.94 24.34
CA SER B 333 23.20 -34.38 24.47
C SER B 333 23.63 -35.15 23.22
N GLU B 334 22.74 -36.02 22.72
CA GLU B 334 23.07 -36.88 21.59
C GLU B 334 23.22 -36.08 20.30
N ILE B 335 22.50 -34.96 20.17
CA ILE B 335 22.62 -34.11 18.99
C ILE B 335 23.83 -33.17 19.15
N GLY B 336 24.48 -33.22 20.32
CA GLY B 336 25.67 -32.44 20.60
C GLY B 336 25.39 -30.93 20.57
N SER B 337 24.39 -30.50 21.34
CA SER B 337 24.03 -29.09 21.44
C SER B 337 23.90 -28.69 22.91
N SER B 338 24.10 -27.39 23.17
CA SER B 338 23.87 -26.83 24.50
C SER B 338 22.65 -25.92 24.46
N ASN B 339 22.11 -25.70 23.26
CA ASN B 339 20.98 -24.81 23.04
C ASN B 339 19.70 -25.65 22.92
N PHE B 340 18.83 -25.54 23.94
CA PHE B 340 17.62 -26.34 24.04
C PHE B 340 16.65 -26.00 22.90
N ARG B 341 16.89 -24.86 22.24
CA ARG B 341 16.14 -24.44 21.07
C ARG B 341 16.31 -25.45 19.92
N ASP B 342 17.44 -26.16 19.92
CA ASP B 342 17.79 -27.06 18.83
C ASP B 342 16.87 -28.29 18.82
N LEU B 343 16.26 -28.59 19.97
CA LEU B 343 15.30 -29.67 20.06
C LEU B 343 14.12 -29.39 19.13
N GLN B 344 13.70 -28.12 19.08
CA GLN B 344 12.59 -27.71 18.23
C GLN B 344 12.94 -27.92 16.77
N ILE B 345 14.16 -27.52 16.39
CA ILE B 345 14.59 -27.56 15.00
C ILE B 345 14.77 -29.01 14.58
N TYR B 346 15.33 -29.83 15.48
CA TYR B 346 15.53 -31.24 15.21
C TYR B 346 14.19 -31.95 15.05
N PHE B 347 13.20 -31.51 15.84
CA PHE B 347 11.85 -32.03 15.74
C PHE B 347 11.29 -31.82 14.34
N TYR B 348 11.53 -30.62 13.80
CA TYR B 348 11.08 -30.25 12.46
C TYR B 348 11.81 -31.07 11.38
N LYS B 349 13.10 -31.33 11.62
CA LYS B 349 13.94 -32.10 10.71
C LYS B 349 13.32 -33.48 10.47
N GLN B 350 12.97 -34.17 11.57
CA GLN B 350 12.41 -35.51 11.50
C GLN B 350 11.09 -35.50 10.73
N LEU B 351 10.29 -34.43 10.92
CA LEU B 351 9.00 -34.30 10.26
C LEU B 351 9.20 -34.03 8.78
N LYS B 352 10.17 -33.16 8.47
CA LYS B 352 10.49 -32.81 7.10
C LYS B 352 11.00 -34.05 6.36
N ASP B 353 11.94 -34.77 6.99
CA ASP B 353 12.50 -36.00 6.44
C ASP B 353 11.37 -37.00 6.13
N TYR B 354 10.43 -37.13 7.08
CA TYR B 354 9.31 -38.05 6.94
C TYR B 354 8.50 -37.70 5.69
N ILE B 355 8.18 -36.40 5.53
CA ILE B 355 7.37 -35.95 4.41
C ILE B 355 8.07 -36.28 3.09
N ALA B 356 9.41 -36.21 3.09
CA ALA B 356 10.21 -36.39 1.89
C ALA B 356 10.19 -37.84 1.41
N THR B 357 9.80 -38.78 2.30
CA THR B 357 9.77 -40.19 1.95
C THR B 357 8.44 -40.56 1.30
N LYS B 358 7.43 -39.69 1.48
CA LYS B 358 6.08 -39.93 0.97
C LYS B 358 6.05 -39.70 -0.54
N PRO B 359 5.05 -40.25 -1.28
CA PRO B 359 4.93 -39.99 -2.72
C PRO B 359 4.84 -38.51 -3.06
N ALA B 360 5.20 -38.16 -4.30
CA ALA B 360 5.42 -36.78 -4.70
C ALA B 360 4.17 -35.92 -4.51
N ASP B 361 2.99 -36.52 -4.73
CA ASP B 361 1.74 -35.79 -4.69
C ASP B 361 1.28 -35.60 -3.25
N GLN B 362 1.98 -36.23 -2.30
CA GLN B 362 1.64 -36.15 -0.89
C GLN B 362 2.65 -35.29 -0.14
N GLN B 363 3.63 -34.75 -0.88
CA GLN B 363 4.67 -33.94 -0.25
C GLN B 363 4.14 -32.52 -0.03
N ARG B 364 4.61 -31.90 1.06
CA ARG B 364 4.18 -30.56 1.43
C ARG B 364 5.40 -29.74 1.82
N GLN B 365 5.39 -28.46 1.44
CA GLN B 365 6.40 -27.52 1.88
C GLN B 365 5.97 -26.92 3.20
N LEU B 366 6.96 -26.56 4.05
CA LEU B 366 6.67 -26.17 5.42
C LEU B 366 6.91 -24.66 5.61
N ILE B 367 6.00 -24.04 6.38
CA ILE B 367 6.14 -22.65 6.79
C ILE B 367 6.31 -22.60 8.30
N PHE B 368 7.13 -21.66 8.77
CA PHE B 368 7.37 -21.46 10.19
C PHE B 368 7.36 -19.95 10.49
N TRP B 369 6.97 -19.61 11.73
CA TRP B 369 7.15 -18.27 12.25
C TRP B 369 8.65 -18.04 12.48
N ASN B 370 9.07 -16.77 12.44
CA ASN B 370 10.47 -16.43 12.28
C ASN B 370 11.34 -16.79 13.49
N GLU B 371 10.73 -17.15 14.63
CA GLU B 371 11.53 -17.50 15.80
C GLU B 371 12.40 -18.73 15.52
N VAL B 372 12.04 -19.50 14.49
CA VAL B 372 12.76 -20.74 14.18
C VAL B 372 14.18 -20.40 13.71
N LEU B 373 14.37 -19.16 13.22
CA LEU B 373 15.66 -18.70 12.76
C LEU B 373 16.64 -18.53 13.93
N HIS B 374 16.12 -18.48 15.16
CA HIS B 374 16.95 -18.27 16.35
C HIS B 374 17.74 -19.53 16.69
N GLY B 375 17.36 -20.67 16.09
CA GLY B 375 18.09 -21.90 16.26
C GLY B 375 19.07 -22.17 15.13
N ASN B 376 19.82 -23.28 15.23
CA ASN B 376 20.73 -23.72 14.19
C ASN B 376 19.92 -24.34 13.06
N THR B 377 19.51 -23.52 12.10
CA THR B 377 18.51 -23.91 11.11
C THR B 377 19.14 -24.72 9.98
N SER B 378 20.47 -24.79 9.94
CA SER B 378 21.15 -25.49 8.85
C SER B 378 20.90 -27.00 8.96
N ILE B 379 20.46 -27.45 10.13
CA ILE B 379 20.01 -28.83 10.32
C ILE B 379 18.79 -29.09 9.43
N LEU B 380 17.95 -28.06 9.21
CA LEU B 380 16.70 -28.18 8.49
C LEU B 380 16.95 -28.08 6.99
N GLY B 381 18.01 -27.37 6.59
CA GLY B 381 18.18 -26.98 5.21
C GLY B 381 17.48 -25.65 4.95
N ASN B 382 17.37 -25.27 3.68
CA ASN B 382 16.94 -23.90 3.35
C ASN B 382 15.72 -23.91 2.44
N ASP B 383 15.11 -25.07 2.21
CA ASP B 383 13.86 -25.09 1.47
C ASP B 383 12.69 -25.10 2.46
N ILE B 384 12.67 -24.10 3.33
CA ILE B 384 11.56 -23.81 4.21
C ILE B 384 11.12 -22.39 3.92
N THR B 385 9.92 -22.02 4.39
CA THR B 385 9.41 -20.68 4.22
C THR B 385 9.26 -20.03 5.60
N ILE B 386 9.73 -18.78 5.72
CA ILE B 386 9.71 -18.06 6.99
C ILE B 386 8.62 -16.99 6.93
N MET B 387 7.65 -17.10 7.83
CA MET B 387 6.65 -16.07 7.99
C MET B 387 7.13 -15.11 9.06
N ALA B 388 7.52 -13.89 8.64
CA ALA B 388 8.15 -12.90 9.49
C ALA B 388 7.11 -12.00 10.16
N TRP B 389 7.11 -11.98 11.49
CA TRP B 389 6.10 -11.27 12.27
C TRP B 389 6.72 -10.35 13.32
N ILE B 390 7.75 -10.85 14.03
CA ILE B 390 8.41 -10.07 15.07
C ILE B 390 9.80 -9.67 14.59
N GLY B 391 10.09 -8.36 14.65
CA GLY B 391 11.23 -7.79 13.96
C GLY B 391 11.25 -8.26 12.50
N ALA B 392 10.09 -8.10 11.85
CA ALA B 392 9.75 -8.78 10.61
C ALA B 392 10.69 -8.38 9.47
N ASN B 393 10.96 -7.07 9.35
CA ASN B 393 11.77 -6.55 8.27
C ASN B 393 13.15 -7.22 8.28
N ALA B 394 13.76 -7.30 9.46
CA ALA B 394 15.08 -7.90 9.62
C ALA B 394 15.02 -9.41 9.41
N ALA B 395 13.94 -10.04 9.91
CA ALA B 395 13.83 -11.49 9.83
C ALA B 395 13.72 -11.96 8.38
N ALA B 396 12.91 -11.24 7.58
CA ALA B 396 12.70 -11.58 6.19
C ALA B 396 14.02 -11.49 5.41
N LYS B 397 14.79 -10.42 5.66
CA LYS B 397 16.08 -10.21 5.05
C LYS B 397 17.02 -11.36 5.41
N GLN B 398 16.99 -11.74 6.69
CA GLN B 398 17.81 -12.84 7.23
C GLN B 398 17.45 -14.13 6.48
N ALA B 399 16.14 -14.36 6.28
CA ALA B 399 15.66 -15.55 5.63
C ALA B 399 16.12 -15.60 4.18
N ALA B 400 15.91 -14.49 3.46
CA ALA B 400 16.27 -14.36 2.06
C ALA B 400 17.77 -14.57 1.87
N LYS B 401 18.58 -14.07 2.83
CA LYS B 401 20.02 -14.17 2.76
C LYS B 401 20.45 -15.63 2.85
N GLN B 402 19.68 -16.43 3.59
CA GLN B 402 19.98 -17.86 3.77
C GLN B 402 19.34 -18.68 2.65
N GLY B 403 18.72 -18.00 1.68
CA GLY B 403 18.12 -18.64 0.53
C GLY B 403 16.75 -19.25 0.81
N MET B 404 16.08 -18.78 1.88
CA MET B 404 14.75 -19.23 2.23
C MET B 404 13.71 -18.24 1.71
N ASN B 405 12.56 -18.77 1.29
CA ASN B 405 11.40 -17.95 0.94
C ASN B 405 10.80 -17.33 2.21
N THR B 406 10.16 -16.17 2.06
CA THR B 406 9.66 -15.45 3.23
C THR B 406 8.35 -14.73 2.92
N ILE B 407 7.47 -14.70 3.92
CA ILE B 407 6.19 -13.98 3.88
C ILE B 407 6.21 -12.93 4.98
N LEU B 408 5.84 -11.70 4.65
CA LEU B 408 5.85 -10.59 5.58
C LEU B 408 4.48 -10.46 6.25
N SER B 409 4.43 -10.68 7.55
CA SER B 409 3.21 -10.40 8.31
C SER B 409 3.58 -9.68 9.61
N PRO B 410 4.14 -8.45 9.54
CA PRO B 410 4.61 -7.75 10.73
C PRO B 410 3.49 -7.41 11.70
N GLN B 411 3.73 -7.66 12.99
CA GLN B 411 2.80 -7.31 14.04
C GLN B 411 2.25 -5.90 13.83
N ILE B 412 3.15 -4.94 13.63
CA ILE B 412 2.81 -3.57 13.26
C ILE B 412 3.19 -3.37 11.81
N PRO B 413 2.24 -3.00 10.90
CA PRO B 413 0.82 -2.85 11.23
C PRO B 413 -0.13 -3.87 10.62
N TYR B 414 0.35 -5.10 10.40
CA TYR B 414 -0.40 -6.10 9.65
C TYR B 414 -1.24 -7.01 10.55
N TYR B 415 -1.19 -6.80 11.87
CA TYR B 415 -2.09 -7.50 12.78
C TYR B 415 -3.39 -6.70 12.86
N ILE B 416 -4.37 -7.04 12.02
CA ILE B 416 -5.55 -6.19 11.86
C ILE B 416 -6.66 -6.60 12.85
N ASN B 417 -6.29 -7.34 13.90
CA ASN B 417 -7.16 -7.48 15.06
C ASN B 417 -6.93 -6.32 16.02
N ARG B 418 -5.81 -5.60 15.85
CA ARG B 418 -5.44 -4.49 16.71
C ARG B 418 -6.41 -3.33 16.50
N LYS B 419 -6.56 -2.47 17.52
CA LYS B 419 -7.46 -1.33 17.46
C LYS B 419 -7.09 -0.46 16.25
N GLN B 420 -8.11 0.05 15.56
CA GLN B 420 -7.89 0.86 14.37
C GLN B 420 -8.13 2.34 14.69
N SER B 421 -8.45 2.64 15.95
CA SER B 421 -8.78 3.99 16.38
C SER B 421 -8.66 4.10 17.90
N LYS B 422 -8.49 5.34 18.38
CA LYS B 422 -8.35 5.63 19.80
C LYS B 422 -9.71 5.99 20.41
N LEU B 423 -10.78 5.98 19.61
CA LEU B 423 -12.09 6.40 20.09
C LEU B 423 -12.53 5.53 21.26
N PRO B 424 -13.18 6.11 22.30
CA PRO B 424 -13.61 5.33 23.46
C PRO B 424 -14.73 4.34 23.14
N THR B 425 -15.28 4.44 21.93
CA THR B 425 -16.38 3.58 21.51
C THR B 425 -15.87 2.30 20.83
N GLU B 426 -14.55 2.18 20.65
CA GLU B 426 -13.99 1.02 19.95
C GLU B 426 -14.21 -0.24 20.79
N PRO B 427 -14.45 -1.42 20.16
CA PRO B 427 -14.47 -2.68 20.91
C PRO B 427 -13.09 -2.99 21.47
N MET B 428 -13.03 -3.88 22.47
CA MET B 428 -11.76 -4.23 23.08
C MET B 428 -10.96 -5.13 22.15
N SER B 429 -9.71 -4.72 21.89
CA SER B 429 -8.69 -5.56 21.26
C SER B 429 -7.32 -4.96 21.55
N GLN B 430 -6.25 -5.64 21.12
CA GLN B 430 -4.88 -5.23 21.42
C GLN B 430 -4.54 -3.91 20.74
N GLY B 431 -3.54 -3.21 21.29
CA GLY B 431 -3.02 -1.99 20.68
C GLY B 431 -3.67 -0.74 21.27
N HIS B 432 -3.18 0.43 20.85
CA HIS B 432 -3.65 1.69 21.42
C HIS B 432 -4.32 2.56 20.36
N GLY B 433 -4.64 1.95 19.20
CA GLY B 433 -5.41 2.63 18.16
C GLY B 433 -4.51 3.26 17.10
N THR B 434 -3.23 2.89 17.11
CA THR B 434 -2.25 3.44 16.18
C THR B 434 -2.33 2.74 14.82
N GLU B 435 -2.94 1.54 14.77
CA GLU B 435 -2.97 0.78 13.53
C GLU B 435 -4.18 1.17 12.70
N THR B 436 -4.19 2.42 12.24
CA THR B 436 -5.24 2.98 11.39
C THR B 436 -5.08 2.44 9.98
N VAL B 437 -6.12 2.66 9.16
CA VAL B 437 -6.08 2.31 7.75
C VAL B 437 -4.85 2.94 7.11
N GLU B 438 -4.58 4.21 7.45
CA GLU B 438 -3.44 4.94 6.88
C GLU B 438 -2.13 4.22 7.23
N ALA B 439 -1.98 3.83 8.50
CA ALA B 439 -0.75 3.18 8.96
C ALA B 439 -0.54 1.84 8.25
N VAL B 440 -1.63 1.09 8.05
CA VAL B 440 -1.54 -0.21 7.41
C VAL B 440 -1.07 0.00 5.98
N TYR B 441 -1.65 1.00 5.30
CA TYR B 441 -1.40 1.25 3.90
C TYR B 441 0.03 1.74 3.66
N ASN B 442 0.55 2.52 4.62
CA ASN B 442 1.80 3.25 4.46
C ASN B 442 3.01 2.31 4.64
N TYR B 443 2.78 1.12 5.22
CA TYR B 443 3.83 0.12 5.30
C TYR B 443 4.23 -0.30 3.89
N GLN B 444 5.54 -0.28 3.63
CA GLN B 444 6.09 -0.60 2.32
C GLN B 444 6.90 -1.89 2.43
N PRO B 445 6.37 -3.02 1.94
CA PRO B 445 7.00 -4.33 2.10
C PRO B 445 8.43 -4.44 1.59
N LEU B 446 8.75 -3.68 0.53
CA LEU B 446 10.01 -3.86 -0.17
C LEU B 446 10.97 -2.69 0.05
N LYS B 447 10.61 -1.76 0.95
CA LYS B 447 11.48 -0.64 1.28
C LYS B 447 12.82 -1.17 1.79
N ASP B 448 13.91 -0.70 1.16
CA ASP B 448 15.27 -1.03 1.54
C ASP B 448 15.56 -2.52 1.35
N VAL B 449 14.84 -3.18 0.44
CA VAL B 449 15.09 -4.59 0.18
C VAL B 449 15.89 -4.72 -1.11
N ASP B 450 17.12 -5.25 -0.98
CA ASP B 450 18.05 -5.40 -2.09
C ASP B 450 17.43 -6.23 -3.20
N ALA B 451 17.63 -5.80 -4.45
CA ALA B 451 17.07 -6.47 -5.61
C ALA B 451 17.45 -7.94 -5.65
N ALA B 452 18.61 -8.27 -5.07
CA ALA B 452 19.13 -9.63 -5.05
C ALA B 452 18.33 -10.51 -4.09
N LEU B 453 17.68 -9.88 -3.09
CA LEU B 453 16.95 -10.61 -2.07
C LEU B 453 15.48 -10.74 -2.45
N GLN B 454 15.00 -9.85 -3.34
CA GLN B 454 13.58 -9.68 -3.61
C GLN B 454 12.92 -10.96 -4.13
N PRO B 455 13.58 -11.78 -4.99
CA PRO B 455 12.96 -13.03 -5.47
C PRO B 455 12.47 -13.98 -4.38
N TYR B 456 12.99 -13.83 -3.17
CA TYR B 456 12.64 -14.71 -2.06
C TYR B 456 11.40 -14.22 -1.32
N TYR B 457 10.97 -12.98 -1.62
CA TYR B 457 9.82 -12.36 -0.96
C TYR B 457 8.55 -12.81 -1.66
N LYS B 458 7.89 -13.84 -1.11
CA LYS B 458 6.72 -14.45 -1.71
C LYS B 458 5.51 -13.53 -1.54
N GLY B 459 5.46 -12.77 -0.45
CA GLY B 459 4.40 -11.78 -0.34
C GLY B 459 4.09 -11.34 1.08
N VAL B 460 2.81 -10.99 1.30
CA VAL B 460 2.37 -10.33 2.51
C VAL B 460 1.10 -11.01 3.02
N GLN B 461 0.81 -10.78 4.31
CA GLN B 461 -0.35 -11.36 4.97
C GLN B 461 -0.79 -10.48 6.14
N ALA B 462 -2.10 -10.23 6.22
CA ALA B 462 -2.74 -9.69 7.41
C ALA B 462 -3.12 -10.85 8.34
N ASN B 463 -2.79 -10.71 9.62
CA ASN B 463 -3.12 -11.74 10.60
C ASN B 463 -4.17 -11.20 11.56
N PHE B 464 -5.04 -12.10 12.03
CA PHE B 464 -6.11 -11.74 12.95
C PHE B 464 -6.14 -12.70 14.14
N TRP B 465 -5.66 -12.21 15.28
CA TRP B 465 -5.60 -12.96 16.53
C TRP B 465 -6.82 -12.63 17.38
N THR B 466 -7.38 -13.63 18.05
CA THR B 466 -8.73 -13.49 18.59
C THR B 466 -8.80 -13.66 20.10
N GLU B 467 -7.72 -13.31 20.84
CA GLU B 467 -7.76 -13.31 22.30
C GLU B 467 -9.00 -12.57 22.81
N TRP B 468 -9.26 -11.39 22.22
CA TRP B 468 -10.31 -10.51 22.71
C TRP B 468 -11.59 -10.62 21.87
N VAL B 469 -11.47 -11.10 20.62
CA VAL B 469 -12.57 -11.01 19.67
C VAL B 469 -13.36 -12.31 19.68
N THR B 470 -14.66 -12.19 20.00
CA THR B 470 -15.53 -13.35 20.22
C THR B 470 -16.75 -13.30 19.29
N GLU B 471 -17.10 -12.10 18.81
CA GLU B 471 -18.32 -11.91 18.03
C GLU B 471 -17.99 -11.71 16.56
N PRO B 472 -18.68 -12.41 15.63
CA PRO B 472 -18.49 -12.23 14.18
C PRO B 472 -18.57 -10.77 13.73
N SER B 473 -19.47 -10.00 14.36
CA SER B 473 -19.68 -8.60 14.02
C SER B 473 -18.45 -7.77 14.35
N VAL B 474 -17.77 -8.13 15.44
CA VAL B 474 -16.57 -7.42 15.88
C VAL B 474 -15.38 -7.84 15.02
N LEU B 475 -15.34 -9.13 14.62
CA LEU B 475 -14.35 -9.63 13.69
C LEU B 475 -14.36 -8.80 12.40
N GLU B 476 -15.56 -8.60 11.84
CA GLU B 476 -15.72 -7.92 10.56
C GLU B 476 -15.36 -6.45 10.70
N TYR B 477 -15.83 -5.85 11.80
CA TYR B 477 -15.58 -4.45 12.12
C TYR B 477 -14.07 -4.17 12.08
N LEU B 478 -13.28 -5.08 12.66
CA LEU B 478 -11.84 -4.89 12.74
C LEU B 478 -11.17 -5.24 11.41
N MET B 479 -11.71 -6.23 10.68
CA MET B 479 -11.13 -6.69 9.43
C MET B 479 -11.19 -5.62 8.33
N LEU B 480 -12.34 -4.93 8.23
CA LEU B 480 -12.59 -4.04 7.12
C LEU B 480 -12.56 -2.59 7.60
N PRO B 481 -11.97 -1.64 6.83
CA PRO B 481 -11.37 -1.93 5.52
C PRO B 481 -9.86 -2.17 5.44
N ARG B 482 -9.21 -2.43 6.59
CA ARG B 482 -7.77 -2.63 6.62
C ARG B 482 -7.34 -3.81 5.75
N LEU B 483 -8.22 -4.82 5.63
CA LEU B 483 -7.93 -6.00 4.83
C LEU B 483 -7.58 -5.58 3.41
N ALA B 484 -8.36 -4.65 2.86
CA ALA B 484 -8.22 -4.18 1.49
C ALA B 484 -6.88 -3.47 1.31
N ALA B 485 -6.41 -2.81 2.37
CA ALA B 485 -5.13 -2.12 2.30
C ALA B 485 -3.99 -3.12 2.14
N VAL B 486 -4.04 -4.22 2.91
CA VAL B 486 -3.02 -5.24 2.81
C VAL B 486 -3.11 -5.92 1.44
N ALA B 487 -4.36 -6.13 0.97
CA ALA B 487 -4.59 -6.73 -0.32
C ALA B 487 -3.93 -5.90 -1.42
N GLU B 488 -4.06 -4.57 -1.33
CA GLU B 488 -3.52 -3.69 -2.35
C GLU B 488 -2.00 -3.69 -2.27
N ALA B 489 -1.47 -3.70 -1.03
CA ALA B 489 -0.03 -3.80 -0.81
C ALA B 489 0.53 -5.05 -1.47
N GLY B 490 -0.26 -6.14 -1.42
CA GLY B 490 0.15 -7.42 -1.97
C GLY B 490 0.07 -7.47 -3.49
N TRP B 491 -0.82 -6.66 -4.08
CA TRP B 491 -1.12 -6.73 -5.50
C TRP B 491 -0.45 -5.60 -6.28
N THR B 492 -0.71 -4.36 -5.86
CA THR B 492 -0.32 -3.17 -6.62
C THR B 492 1.17 -2.88 -6.42
N PRO B 493 1.94 -2.67 -7.51
CA PRO B 493 3.34 -2.23 -7.39
C PRO B 493 3.43 -0.95 -6.57
N GLN B 494 4.48 -0.87 -5.73
CA GLN B 494 4.67 0.20 -4.77
C GLN B 494 4.51 1.58 -5.42
N GLU B 495 5.07 1.73 -6.62
CA GLU B 495 5.12 3.01 -7.31
C GLU B 495 3.71 3.48 -7.67
N LYS B 496 2.74 2.55 -7.67
CA LYS B 496 1.39 2.86 -8.08
C LYS B 496 0.49 3.03 -6.88
N ARG B 497 1.05 2.88 -5.67
CA ARG B 497 0.26 2.97 -4.45
C ARG B 497 0.31 4.39 -3.89
N ASN B 498 -0.82 4.82 -3.30
CA ASN B 498 -0.99 6.16 -2.77
C ASN B 498 -2.20 6.13 -1.84
N TYR B 499 -1.99 6.51 -0.56
CA TYR B 499 -3.02 6.38 0.45
C TYR B 499 -4.24 7.23 0.11
N GLU B 500 -4.01 8.48 -0.30
CA GLU B 500 -5.10 9.41 -0.59
C GLU B 500 -5.99 8.84 -1.69
N ASP B 501 -5.36 8.32 -2.75
CA ASP B 501 -6.08 7.67 -3.84
C ASP B 501 -6.85 6.46 -3.30
N PHE B 502 -6.21 5.64 -2.46
CA PHE B 502 -6.81 4.43 -1.92
C PHE B 502 -8.03 4.78 -1.09
N LYS B 503 -7.92 5.85 -0.29
CA LYS B 503 -9.00 6.34 0.55
C LYS B 503 -10.24 6.65 -0.30
N GLU B 504 -10.04 7.37 -1.41
CA GLU B 504 -11.13 7.74 -2.30
C GLU B 504 -11.79 6.49 -2.89
N ARG B 505 -10.97 5.49 -3.24
CA ARG B 505 -11.45 4.28 -3.88
C ARG B 505 -12.19 3.39 -2.87
N ILE B 506 -11.66 3.25 -1.65
CA ILE B 506 -12.19 2.31 -0.68
C ILE B 506 -13.51 2.83 -0.12
N ARG B 507 -13.69 4.16 -0.13
CA ARG B 507 -14.92 4.78 0.30
C ARG B 507 -16.11 4.25 -0.50
N LYS B 508 -15.89 3.87 -1.76
CA LYS B 508 -16.96 3.42 -2.63
C LYS B 508 -17.43 2.02 -2.24
N ASP B 509 -16.66 1.34 -1.38
CA ASP B 509 -16.96 -0.04 -1.02
C ASP B 509 -17.88 -0.12 0.20
N ALA B 510 -18.14 1.04 0.82
CA ALA B 510 -19.08 1.12 1.94
C ALA B 510 -20.43 0.54 1.52
N GLU B 511 -20.83 0.87 0.29
CA GLU B 511 -22.08 0.41 -0.30
C GLU B 511 -22.05 -1.11 -0.46
N LEU B 512 -20.93 -1.65 -0.96
CA LEU B 512 -20.74 -3.10 -1.10
C LEU B 512 -20.90 -3.79 0.25
N TYR B 513 -20.25 -3.24 1.28
CA TYR B 513 -20.28 -3.82 2.61
C TYR B 513 -21.71 -3.81 3.17
N ASP B 514 -22.42 -2.70 2.93
CA ASP B 514 -23.80 -2.55 3.39
C ASP B 514 -24.69 -3.60 2.74
N LEU B 515 -24.51 -3.81 1.43
CA LEU B 515 -25.34 -4.73 0.67
C LEU B 515 -25.05 -6.17 1.08
N LYS B 516 -23.82 -6.44 1.54
CA LYS B 516 -23.41 -7.77 1.94
C LYS B 516 -23.80 -8.04 3.39
N GLY B 517 -24.09 -6.97 4.14
CA GLY B 517 -24.34 -7.07 5.57
C GLY B 517 -23.06 -7.34 6.37
N TRP B 518 -21.92 -6.84 5.86
CA TRP B 518 -20.65 -6.89 6.58
C TRP B 518 -20.51 -5.65 7.46
N ASN B 519 -20.00 -5.85 8.68
CA ASN B 519 -19.59 -4.73 9.53
C ASN B 519 -18.20 -4.25 9.11
N TYR B 520 -17.83 -3.03 9.52
CA TYR B 520 -16.59 -2.40 9.12
C TYR B 520 -16.38 -1.12 9.90
N GLY B 521 -15.10 -0.76 10.11
CA GLY B 521 -14.74 0.52 10.71
C GLY B 521 -15.15 1.67 9.81
N LYS B 522 -15.68 2.75 10.40
CA LYS B 522 -16.31 3.83 9.64
C LYS B 522 -15.40 5.05 9.60
N HIS B 523 -14.25 4.96 10.26
CA HIS B 523 -13.37 6.10 10.49
C HIS B 523 -13.02 6.87 9.22
N ILE B 524 -12.82 6.16 8.10
CA ILE B 524 -12.37 6.85 6.88
C ILE B 524 -13.49 6.94 5.85
N MET B 525 -14.71 6.53 6.22
CA MET B 525 -15.79 6.40 5.25
C MET B 525 -16.59 7.70 5.10
N GLU C 3 34.28 -4.72 32.57
CA GLU C 3 34.66 -6.11 32.28
C GLU C 3 35.95 -6.15 31.46
N ILE C 4 36.43 -7.36 31.20
CA ILE C 4 37.46 -7.63 30.22
C ILE C 4 36.82 -7.62 28.84
N ALA C 5 37.31 -6.74 27.96
CA ALA C 5 36.75 -6.61 26.63
C ALA C 5 37.86 -6.55 25.59
N LEU C 6 38.19 -7.72 25.01
CA LEU C 6 39.31 -7.87 24.09
C LEU C 6 38.79 -8.17 22.70
N THR C 7 39.24 -7.37 21.72
CA THR C 7 38.86 -7.53 20.32
C THR C 7 40.12 -7.33 19.48
N PRO C 8 40.54 -8.32 18.65
CA PRO C 8 39.86 -9.62 18.56
C PRO C 8 39.89 -10.47 19.83
N GLN C 9 38.83 -11.28 20.00
CA GLN C 9 38.75 -12.25 21.09
C GLN C 9 39.91 -13.23 20.96
N PRO C 10 40.73 -13.40 22.03
CA PRO C 10 41.86 -14.33 22.00
C PRO C 10 41.40 -15.79 21.88
N ALA C 11 42.31 -16.66 21.42
CA ALA C 11 42.01 -18.07 21.24
C ALA C 11 41.67 -18.71 22.58
N HIS C 12 42.43 -18.34 23.63
CA HIS C 12 42.24 -18.88 24.97
C HIS C 12 42.41 -17.77 26.00
N LEU C 13 41.40 -17.60 26.85
CA LEU C 13 41.43 -16.59 27.91
C LEU C 13 40.87 -17.21 29.19
N THR C 14 41.68 -17.17 30.26
CA THR C 14 41.25 -17.57 31.59
C THR C 14 41.45 -16.41 32.56
N VAL C 15 40.36 -15.98 33.20
CA VAL C 15 40.41 -14.97 34.25
C VAL C 15 41.03 -15.62 35.49
N LYS C 16 41.91 -14.88 36.17
CA LYS C 16 42.60 -15.40 37.36
C LYS C 16 42.35 -14.48 38.55
N ASP C 17 42.99 -14.83 39.66
CA ASP C 17 42.78 -14.17 40.94
C ASP C 17 43.45 -12.80 40.97
N GLY C 18 42.70 -11.79 41.44
CA GLY C 18 43.27 -10.51 41.84
C GLY C 18 43.64 -9.63 40.66
N ARG C 19 44.56 -8.68 40.91
CA ARG C 19 44.92 -7.65 39.95
C ARG C 19 46.42 -7.37 40.05
N PHE C 20 47.01 -6.88 38.95
CA PHE C 20 48.38 -6.40 38.90
C PHE C 20 48.36 -4.88 38.95
N GLU C 21 48.98 -4.31 39.99
CA GLU C 21 49.08 -2.87 40.16
C GLU C 21 50.43 -2.40 39.61
N PHE C 22 50.40 -1.40 38.72
CA PHE C 22 51.58 -0.96 38.00
C PHE C 22 52.65 -0.38 38.92
N GLY C 23 52.23 0.53 39.81
CA GLY C 23 53.17 1.22 40.68
C GLY C 23 53.98 2.29 39.93
N ASN C 24 55.14 2.67 40.49
CA ASN C 24 55.86 3.84 40.03
C ASN C 24 57.30 3.49 39.69
N GLN C 25 57.71 2.27 40.04
CA GLN C 25 59.11 1.87 40.01
C GLN C 25 59.28 0.59 39.18
N LEU C 26 58.57 0.58 38.05
CA LEU C 26 58.41 -0.64 37.27
C LEU C 26 59.63 -0.90 36.39
N LYS C 27 60.18 -2.11 36.53
CA LYS C 27 61.34 -2.53 35.75
C LYS C 27 60.92 -3.65 34.80
N ALA C 28 61.51 -3.66 33.60
CA ALA C 28 61.17 -4.64 32.58
C ALA C 28 62.41 -5.34 32.05
N LYS C 29 62.31 -6.66 31.91
CA LYS C 29 63.35 -7.46 31.27
C LYS C 29 62.89 -7.87 29.88
N VAL C 30 63.62 -7.40 28.86
CA VAL C 30 63.30 -7.67 27.46
C VAL C 30 64.39 -8.57 26.88
N THR C 31 63.98 -9.67 26.26
CA THR C 31 64.88 -10.63 25.65
C THR C 31 65.70 -9.92 24.57
N PRO C 32 67.01 -10.26 24.44
CA PRO C 32 67.80 -9.83 23.28
C PRO C 32 67.27 -10.54 22.04
N TYR C 33 67.60 -10.02 20.85
CA TYR C 33 67.09 -10.61 19.62
C TYR C 33 68.11 -10.49 18.50
N GLN C 34 67.78 -9.68 17.48
CA GLN C 34 68.62 -9.54 16.30
C GLN C 34 69.02 -8.08 16.16
N GLY C 35 68.04 -7.21 15.92
CA GLY C 35 68.31 -5.79 15.74
C GLY C 35 67.65 -4.94 16.82
N ASP C 36 67.64 -5.47 18.05
CA ASP C 36 66.90 -4.89 19.17
C ASP C 36 65.45 -4.69 18.75
N SER C 37 64.96 -5.55 17.85
CA SER C 37 63.62 -5.40 17.30
C SER C 37 62.57 -5.45 18.42
N ILE C 38 62.77 -6.39 19.35
CA ILE C 38 61.87 -6.59 20.47
C ILE C 38 61.91 -5.35 21.36
N ARG C 39 63.12 -4.85 21.61
CA ARG C 39 63.32 -3.70 22.47
C ARG C 39 62.65 -2.47 21.84
N MET C 40 62.70 -2.36 20.51
CA MET C 40 62.13 -1.22 19.81
C MET C 40 60.62 -1.28 19.88
N VAL C 41 60.06 -2.49 19.78
CA VAL C 41 58.63 -2.70 19.94
C VAL C 41 58.21 -2.27 21.34
N PHE C 42 58.99 -2.68 22.35
CA PHE C 42 58.69 -2.37 23.73
C PHE C 42 58.83 -0.86 23.98
N GLU C 43 59.82 -0.26 23.31
CA GLU C 43 60.10 1.16 23.40
C GLU C 43 58.86 1.95 22.96
N SER C 44 58.26 1.55 21.83
CA SER C 44 57.03 2.17 21.33
C SER C 44 55.93 2.06 22.37
N PHE C 45 55.77 0.85 22.93
CA PHE C 45 54.76 0.59 23.94
C PHE C 45 54.95 1.54 25.13
N LYS C 46 56.19 1.63 25.63
CA LYS C 46 56.55 2.45 26.78
C LYS C 46 56.14 3.90 26.55
N LYS C 47 56.40 4.41 25.35
CA LYS C 47 56.11 5.79 25.00
C LYS C 47 54.60 6.06 25.10
N GLU C 48 53.80 5.16 24.50
CA GLU C 48 52.36 5.29 24.48
C GLU C 48 51.81 5.19 25.90
N LEU C 49 52.34 4.24 26.67
CA LEU C 49 51.87 4.00 28.02
C LEU C 49 52.12 5.25 28.87
N GLN C 50 53.34 5.78 28.80
CA GLN C 50 53.72 6.97 29.56
C GLN C 50 52.84 8.15 29.16
N GLU C 51 52.64 8.33 27.85
CA GLU C 51 51.82 9.41 27.33
C GLU C 51 50.42 9.36 27.95
N ALA C 52 49.86 8.15 28.04
CA ALA C 52 48.48 7.95 28.42
C ALA C 52 48.28 7.93 29.94
N THR C 53 49.27 7.41 30.68
CA THR C 53 49.07 7.08 32.08
C THR C 53 50.06 7.81 32.98
N GLY C 54 51.25 8.12 32.46
CA GLY C 54 52.30 8.75 33.23
C GLY C 54 53.25 7.72 33.86
N ILE C 55 52.98 6.43 33.61
CA ILE C 55 53.80 5.34 34.12
C ILE C 55 55.10 5.27 33.32
N LYS C 56 56.23 5.27 34.03
CA LYS C 56 57.55 5.12 33.43
C LYS C 56 58.03 3.70 33.70
N VAL C 57 58.62 3.08 32.67
CA VAL C 57 59.14 1.72 32.78
C VAL C 57 60.64 1.76 32.48
N SER C 58 61.44 1.29 33.44
CA SER C 58 62.89 1.23 33.28
C SER C 58 63.32 -0.20 32.94
N SER C 59 64.60 -0.37 32.59
CA SER C 59 65.12 -1.65 32.13
C SER C 59 65.91 -2.36 33.23
N THR C 60 66.02 -3.70 33.12
CA THR C 60 66.81 -4.53 34.00
C THR C 60 67.15 -5.84 33.30
N GLN C 61 68.29 -6.44 33.67
CA GLN C 61 68.71 -7.71 33.09
C GLN C 61 68.43 -8.85 34.08
N LYS C 62 67.95 -8.50 35.28
CA LYS C 62 67.75 -9.46 36.35
C LYS C 62 66.27 -9.80 36.46
N GLU C 63 65.95 -11.10 36.38
CA GLU C 63 64.57 -11.56 36.38
C GLU C 63 63.92 -11.29 37.74
N ALA C 64 64.73 -11.36 38.81
CA ALA C 64 64.24 -11.19 40.16
C ALA C 64 63.54 -9.84 40.34
N LYS C 65 64.05 -8.81 39.65
CA LYS C 65 63.65 -7.44 39.93
C LYS C 65 62.71 -6.89 38.85
N ALA C 66 62.30 -7.76 37.91
CA ALA C 66 61.46 -7.35 36.79
C ALA C 66 60.01 -7.78 37.02
N ARG C 67 59.09 -6.81 36.93
CA ARG C 67 57.67 -7.08 37.08
C ARG C 67 56.99 -7.18 35.72
N ILE C 68 57.72 -6.81 34.65
CA ILE C 68 57.33 -7.11 33.29
C ILE C 68 58.49 -7.83 32.62
N ILE C 69 58.21 -9.02 32.06
CA ILE C 69 59.22 -9.79 31.35
C ILE C 69 58.67 -10.14 29.97
N LEU C 70 59.51 -9.92 28.95
CA LEU C 70 59.28 -10.39 27.60
C LEU C 70 60.32 -11.47 27.30
N ASP C 71 59.88 -12.73 27.24
CA ASP C 71 60.76 -13.86 26.97
C ASP C 71 60.52 -14.38 25.57
N LEU C 72 61.59 -14.86 24.92
CA LEU C 72 61.50 -15.50 23.62
C LEU C 72 61.13 -16.97 23.81
N ASN C 73 60.03 -17.38 23.17
CA ASN C 73 59.62 -18.77 23.15
C ASN C 73 59.54 -19.21 21.68
N PRO C 74 60.60 -19.85 21.13
CA PRO C 74 60.68 -20.14 19.71
C PRO C 74 59.72 -21.21 19.19
N GLN C 75 58.91 -21.80 20.07
CA GLN C 75 57.93 -22.80 19.67
C GLN C 75 56.64 -22.16 19.15
N LEU C 76 56.45 -20.87 19.44
CA LEU C 76 55.20 -20.20 19.09
C LEU C 76 55.21 -19.81 17.61
N PRO C 77 54.05 -19.92 16.92
CA PRO C 77 53.91 -19.39 15.55
C PRO C 77 54.27 -17.90 15.44
N ALA C 78 54.42 -17.45 14.19
CA ALA C 78 55.03 -16.17 13.87
C ALA C 78 54.29 -14.99 14.48
N GLU C 79 52.98 -15.16 14.73
CA GLU C 79 52.14 -14.06 15.20
C GLU C 79 51.56 -14.38 16.57
N ALA C 80 51.96 -15.51 17.16
CA ALA C 80 51.38 -15.99 18.40
C ALA C 80 52.03 -15.36 19.62
N TYR C 81 51.37 -15.45 20.77
CA TYR C 81 51.90 -14.95 22.03
C TYR C 81 51.19 -15.62 23.21
N LYS C 82 51.84 -15.56 24.38
CA LYS C 82 51.22 -15.82 25.66
C LYS C 82 51.31 -14.55 26.50
N LEU C 83 50.24 -14.26 27.26
CA LEU C 83 50.22 -13.12 28.16
C LEU C 83 49.67 -13.59 29.51
N ASN C 84 50.56 -13.65 30.50
N ASN C 84 50.57 -13.65 30.50
CA ASN C 84 50.21 -14.03 31.85
CA ASN C 84 50.20 -14.03 31.86
C ASN C 84 50.31 -12.80 32.76
C ASN C 84 50.31 -12.80 32.76
N VAL C 85 49.16 -12.43 33.34
CA VAL C 85 49.10 -11.32 34.28
C VAL C 85 48.68 -11.89 35.64
N SER C 86 49.56 -11.72 36.63
CA SER C 86 49.28 -12.09 38.02
C SER C 86 49.53 -10.88 38.92
N LYS C 87 49.28 -11.05 40.22
CA LYS C 87 49.55 -10.02 41.20
C LYS C 87 51.02 -9.62 41.13
N LYS C 88 51.89 -10.60 40.86
CA LYS C 88 53.33 -10.45 40.98
C LYS C 88 53.95 -9.85 39.71
N GLN C 89 53.45 -10.26 38.53
CA GLN C 89 54.26 -10.12 37.33
C GLN C 89 53.40 -10.18 36.06
N VAL C 90 53.84 -9.43 35.05
CA VAL C 90 53.34 -9.56 33.69
C VAL C 90 54.39 -10.32 32.88
N ARG C 91 53.98 -11.49 32.35
CA ARG C 91 54.89 -12.31 31.56
C ARG C 91 54.34 -12.42 30.14
N ILE C 92 55.22 -12.15 29.16
CA ILE C 92 54.85 -12.23 27.75
C ILE C 92 55.83 -13.17 27.05
N GLU C 93 55.29 -14.13 26.29
CA GLU C 93 56.07 -15.03 25.49
C GLU C 93 55.64 -14.89 24.03
N ALA C 94 56.64 -14.84 23.13
CA ALA C 94 56.44 -14.78 21.69
C ALA C 94 57.71 -15.26 21.01
N SER C 95 57.62 -15.53 19.70
CA SER C 95 58.74 -16.03 18.92
C SER C 95 59.30 -14.96 17.97
N ARG C 96 58.47 -13.97 17.62
CA ARG C 96 58.85 -12.96 16.65
C ARG C 96 58.39 -11.59 17.16
N PRO C 97 58.99 -10.48 16.63
CA PRO C 97 58.58 -9.13 17.01
C PRO C 97 57.06 -8.90 16.95
N ALA C 98 56.43 -9.38 15.88
CA ALA C 98 55.00 -9.19 15.66
C ALA C 98 54.20 -9.76 16.83
N GLY C 99 54.57 -10.97 17.26
CA GLY C 99 53.93 -11.64 18.39
C GLY C 99 53.98 -10.78 19.66
N PHE C 100 55.14 -10.16 19.92
CA PHE C 100 55.31 -9.30 21.08
C PHE C 100 54.44 -8.05 20.95
N TYR C 101 54.36 -7.52 19.73
CA TYR C 101 53.53 -6.36 19.45
C TYR C 101 52.07 -6.67 19.75
N TYR C 102 51.60 -7.85 19.31
CA TYR C 102 50.21 -8.23 19.47
C TYR C 102 49.90 -8.46 20.95
N ALA C 103 50.86 -9.03 21.68
CA ALA C 103 50.72 -9.24 23.11
C ALA C 103 50.51 -7.91 23.81
N LEU C 104 51.24 -6.88 23.36
CA LEU C 104 51.18 -5.56 24.00
C LEU C 104 49.91 -4.83 23.60
N GLN C 105 49.39 -5.13 22.40
CA GLN C 105 48.10 -4.60 21.98
C GLN C 105 47.02 -5.11 22.94
N THR C 106 47.08 -6.42 23.26
CA THR C 106 46.10 -7.05 24.14
C THR C 106 46.23 -6.48 25.55
N LEU C 107 47.47 -6.30 26.02
CA LEU C 107 47.74 -5.74 27.33
C LEU C 107 47.09 -4.35 27.44
N LYS C 108 47.28 -3.51 26.42
CA LYS C 108 46.72 -2.17 26.43
C LYS C 108 45.20 -2.24 26.52
N GLN C 109 44.62 -3.24 25.86
CA GLN C 109 43.18 -3.36 25.73
C GLN C 109 42.57 -3.80 27.05
N LEU C 110 43.40 -4.31 27.98
CA LEU C 110 42.96 -4.72 29.31
C LEU C 110 42.82 -3.51 30.23
N MET C 111 43.33 -2.36 29.78
CA MET C 111 43.32 -1.11 30.55
C MET C 111 42.20 -0.21 30.02
N PRO C 112 41.85 0.90 30.72
CA PRO C 112 40.90 1.87 30.18
C PRO C 112 41.28 2.30 28.75
N ARG C 113 40.27 2.63 27.95
CA ARG C 113 40.41 2.75 26.51
C ARG C 113 41.38 3.87 26.13
N ASN C 114 41.59 4.82 27.04
CA ASN C 114 42.46 5.95 26.74
C ASN C 114 43.90 5.49 26.54
N VAL C 115 44.24 4.32 27.11
CA VAL C 115 45.58 3.77 26.97
C VAL C 115 45.81 3.34 25.52
N MET C 116 44.85 2.59 24.96
CA MET C 116 44.94 2.17 23.58
C MET C 116 44.89 3.41 22.67
N ALA C 117 44.21 4.47 23.15
CA ALA C 117 44.02 5.70 22.39
C ALA C 117 45.30 6.53 22.39
N GLY C 118 46.19 6.28 23.36
CA GLY C 118 47.44 7.00 23.52
C GLY C 118 47.22 8.44 23.99
N VAL C 119 46.16 8.66 24.79
CA VAL C 119 45.75 9.97 25.21
C VAL C 119 45.59 9.99 26.73
N ALA C 120 46.12 11.03 27.38
CA ALA C 120 45.98 11.22 28.82
C ALA C 120 44.58 11.78 29.11
N THR C 121 44.02 11.40 30.28
CA THR C 121 42.72 11.89 30.72
C THR C 121 42.83 12.36 32.18
N SER C 122 41.69 12.70 32.78
CA SER C 122 41.61 13.16 34.15
C SER C 122 40.91 12.15 35.06
N TRP C 127 46.20 2.78 38.04
CA TRP C 127 46.30 1.87 36.85
C TRP C 127 46.64 0.46 37.30
N SER C 128 45.79 -0.49 36.88
CA SER C 128 45.98 -1.90 37.19
C SER C 128 45.50 -2.75 36.02
N LEU C 129 45.88 -4.03 36.03
CA LEU C 129 45.40 -5.02 35.08
C LEU C 129 44.65 -6.11 35.84
N PRO C 130 43.58 -6.71 35.27
CA PRO C 130 42.99 -7.92 35.84
C PRO C 130 43.95 -9.08 35.58
N SER C 131 44.06 -9.98 36.56
CA SER C 131 44.87 -11.18 36.41
C SER C 131 44.22 -12.09 35.36
N VAL C 132 45.02 -12.50 34.37
CA VAL C 132 44.54 -13.31 33.27
C VAL C 132 45.65 -14.25 32.83
N GLU C 133 45.24 -15.32 32.14
CA GLU C 133 46.14 -16.19 31.41
C GLU C 133 45.64 -16.28 29.97
N ILE C 134 46.45 -15.81 29.02
CA ILE C 134 46.04 -15.73 27.63
C ILE C 134 47.05 -16.47 26.75
N GLU C 135 46.53 -17.34 25.88
CA GLU C 135 47.29 -17.91 24.78
C GLU C 135 46.55 -17.60 23.49
N ASP C 136 47.26 -17.05 22.51
CA ASP C 136 46.58 -16.44 21.37
C ASP C 136 47.42 -16.57 20.11
N ALA C 137 46.72 -16.75 18.98
CA ALA C 137 47.30 -16.86 17.64
C ALA C 137 46.20 -16.57 16.62
N PRO C 138 46.50 -15.96 15.46
CA PRO C 138 45.48 -15.71 14.44
C PRO C 138 45.06 -16.99 13.71
N ARG C 139 43.77 -17.09 13.37
CA ARG C 139 43.28 -18.20 12.56
C ARG C 139 43.86 -18.09 11.15
N PHE C 140 43.94 -16.86 10.64
CA PHE C 140 44.35 -16.60 9.26
C PHE C 140 45.56 -15.67 9.22
N GLU C 141 46.45 -15.93 8.25
CA GLU C 141 47.68 -15.16 8.13
C GLU C 141 47.42 -13.85 7.38
N TRP C 142 46.32 -13.78 6.63
CA TRP C 142 45.95 -12.59 5.87
C TRP C 142 44.70 -11.97 6.47
N ARG C 143 44.88 -10.82 7.13
CA ARG C 143 43.78 -10.08 7.75
C ARG C 143 43.83 -8.64 7.25
N GLY C 144 43.04 -8.34 6.20
CA GLY C 144 43.33 -7.22 5.32
C GLY C 144 42.22 -6.16 5.25
N PHE C 145 42.62 -4.96 4.83
CA PHE C 145 41.70 -3.90 4.45
C PHE C 145 42.19 -3.27 3.15
N MET C 146 41.27 -3.08 2.19
CA MET C 146 41.58 -2.40 0.94
C MET C 146 40.91 -1.02 0.90
N LEU C 147 41.66 0.01 0.52
CA LEU C 147 41.08 1.31 0.25
C LEU C 147 41.27 1.70 -1.21
N ASP C 148 40.17 2.09 -1.85
CA ASP C 148 40.13 2.63 -3.20
C ASP C 148 40.37 4.13 -3.13
N GLU C 149 41.54 4.57 -3.63
CA GLU C 149 41.84 5.99 -3.71
C GLU C 149 41.77 6.49 -5.15
N GLY C 150 41.42 5.57 -6.07
CA GLY C 150 41.23 5.96 -7.46
C GLY C 150 40.01 6.87 -7.63
N ARG C 151 38.89 6.46 -7.01
CA ARG C 151 37.62 7.18 -7.13
C ARG C 151 37.70 8.51 -6.38
N HIS C 152 38.12 8.45 -5.12
CA HIS C 152 38.41 9.64 -4.33
C HIS C 152 39.72 9.44 -3.57
N PHE C 153 40.53 10.52 -3.54
CA PHE C 153 41.85 10.53 -2.95
C PHE C 153 41.76 11.11 -1.53
N PHE C 154 42.40 10.45 -0.57
CA PHE C 154 42.30 10.84 0.83
C PHE C 154 43.62 11.40 1.34
N GLY C 155 44.73 10.81 0.89
CA GLY C 155 46.04 11.39 1.16
C GLY C 155 46.70 10.77 2.40
N LYS C 156 47.94 11.20 2.64
CA LYS C 156 48.87 10.54 3.55
C LYS C 156 48.32 10.52 4.97
N ASP C 157 47.80 11.66 5.45
CA ASP C 157 47.34 11.78 6.83
C ASP C 157 46.22 10.78 7.11
N GLU C 158 45.28 10.66 6.17
CA GLU C 158 44.14 9.80 6.35
C GLU C 158 44.57 8.33 6.29
N ILE C 159 45.56 8.01 5.42
CA ILE C 159 46.05 6.65 5.29
C ILE C 159 46.70 6.21 6.59
N LYS C 160 47.43 7.13 7.24
CA LYS C 160 48.04 6.87 8.53
C LYS C 160 46.96 6.53 9.57
N ARG C 161 45.81 7.22 9.48
CA ARG C 161 44.71 6.99 10.41
C ARG C 161 44.10 5.61 10.18
N VAL C 162 43.98 5.22 8.90
CA VAL C 162 43.47 3.92 8.49
C VAL C 162 44.36 2.82 9.06
N ILE C 163 45.68 3.01 8.94
CA ILE C 163 46.66 2.06 9.44
C ILE C 163 46.54 1.94 10.97
N ASP C 164 46.33 3.08 11.64
CA ASP C 164 46.17 3.12 13.09
C ASP C 164 44.95 2.29 13.49
N MET C 165 43.87 2.42 12.73
CA MET C 165 42.63 1.69 13.03
C MET C 165 42.86 0.19 12.85
N MET C 166 43.57 -0.18 11.77
CA MET C 166 43.87 -1.57 11.45
C MET C 166 44.67 -2.19 12.60
N ALA C 167 45.67 -1.45 13.09
CA ALA C 167 46.62 -1.95 14.08
C ALA C 167 45.92 -2.28 15.41
N ILE C 168 44.89 -1.50 15.76
CA ILE C 168 44.09 -1.72 16.98
C ILE C 168 43.62 -3.17 17.01
N TYR C 169 43.15 -3.67 15.86
CA TYR C 169 42.47 -4.95 15.80
C TYR C 169 43.34 -6.02 15.16
N LYS C 170 44.66 -5.78 15.13
CA LYS C 170 45.69 -6.74 14.75
C LYS C 170 45.58 -7.15 13.28
N MET C 171 45.01 -6.28 12.45
CA MET C 171 45.00 -6.49 11.00
C MET C 171 46.41 -6.24 10.47
N ASN C 172 46.79 -6.92 9.37
CA ASN C 172 48.19 -7.00 9.00
C ASN C 172 48.42 -6.80 7.49
N ARG C 173 47.35 -6.59 6.72
CA ARG C 173 47.49 -6.41 5.28
C ARG C 173 46.71 -5.18 4.82
N PHE C 174 47.41 -4.18 4.27
CA PHE C 174 46.74 -3.05 3.66
C PHE C 174 46.86 -3.15 2.13
N HIS C 175 45.70 -3.28 1.49
CA HIS C 175 45.62 -3.39 0.04
C HIS C 175 45.29 -2.00 -0.53
N TRP C 176 46.24 -1.45 -1.31
CA TRP C 176 46.17 -0.08 -1.77
C TRP C 176 45.72 -0.03 -3.23
N HIS C 177 44.43 0.26 -3.45
CA HIS C 177 43.84 0.30 -4.78
C HIS C 177 44.08 1.70 -5.36
N LEU C 178 45.18 1.85 -6.10
CA LEU C 178 45.74 3.16 -6.39
C LEU C 178 45.40 3.64 -7.79
N THR C 179 44.86 2.77 -8.65
CA THR C 179 44.67 3.12 -10.05
C THR C 179 43.28 2.73 -10.53
N GLU C 180 42.67 3.64 -11.32
CA GLU C 180 41.27 3.50 -11.71
C GLU C 180 40.99 4.24 -13.03
N ASP C 181 39.72 4.15 -13.46
CA ASP C 181 39.24 4.89 -14.62
C ASP C 181 39.20 6.38 -14.31
N GLN C 182 38.99 6.70 -13.02
CA GLN C 182 38.70 8.05 -12.58
C GLN C 182 39.93 8.70 -11.95
N GLY C 183 41.09 8.00 -11.96
CA GLY C 183 42.31 8.58 -11.42
C GLY C 183 43.45 7.57 -11.20
N TRP C 184 44.68 8.09 -11.28
CA TRP C 184 45.92 7.35 -11.05
C TRP C 184 46.69 8.09 -9.95
N ARG C 185 47.07 7.36 -8.88
CA ARG C 185 47.41 8.02 -7.63
C ARG C 185 48.86 7.77 -7.20
N ILE C 186 49.68 7.13 -8.04
CA ILE C 186 51.07 6.85 -7.65
C ILE C 186 52.03 7.33 -8.74
N GLU C 187 53.00 8.15 -8.33
CA GLU C 187 54.03 8.67 -9.23
C GLU C 187 54.86 7.52 -9.79
N ILE C 188 54.93 7.45 -11.13
CA ILE C 188 55.84 6.53 -11.82
C ILE C 188 56.84 7.38 -12.59
N LYS C 189 58.12 7.23 -12.24
CA LYS C 189 59.18 8.09 -12.74
C LYS C 189 59.23 8.08 -14.27
N LYS C 190 59.13 6.88 -14.85
CA LYS C 190 59.34 6.74 -16.29
C LYS C 190 58.11 7.23 -17.06
N TYR C 191 56.97 7.41 -16.38
CA TYR C 191 55.75 7.84 -17.05
C TYR C 191 55.09 8.96 -16.26
N PRO C 192 55.68 10.18 -16.25
CA PRO C 192 55.21 11.26 -15.38
C PRO C 192 53.78 11.73 -15.65
N LYS C 193 53.26 11.44 -16.84
CA LYS C 193 51.94 11.90 -17.24
C LYS C 193 50.85 11.10 -16.52
N LEU C 194 51.21 9.93 -15.96
CA LEU C 194 50.24 9.13 -15.22
C LEU C 194 49.61 9.96 -14.11
N THR C 195 50.43 10.80 -13.46
CA THR C 195 49.93 11.68 -12.41
C THR C 195 49.56 13.05 -12.99
N GLU C 196 50.44 13.59 -13.85
CA GLU C 196 50.24 14.91 -14.44
C GLU C 196 48.85 15.00 -15.08
N THR C 197 48.46 13.94 -15.80
CA THR C 197 47.13 13.83 -16.38
C THR C 197 46.21 13.05 -15.44
N GLY C 198 46.69 11.90 -14.96
CA GLY C 198 45.81 10.90 -14.37
C GLY C 198 45.31 11.26 -12.97
N ALA C 199 46.00 12.17 -12.29
CA ALA C 199 45.72 12.45 -10.88
C ALA C 199 44.75 13.62 -10.73
N TRP C 200 44.29 14.19 -11.86
CA TRP C 200 43.47 15.40 -11.82
C TRP C 200 42.32 15.30 -12.82
N ARG C 201 41.16 15.81 -12.42
CA ARG C 201 39.96 15.76 -13.25
C ARG C 201 39.02 16.90 -12.86
N ASN C 202 38.09 17.24 -13.76
CA ASN C 202 37.22 18.38 -13.58
C ASN C 202 35.88 17.97 -12.97
N SER C 203 35.93 17.14 -11.92
CA SER C 203 34.76 16.86 -11.11
C SER C 203 35.17 16.18 -9.81
N LYS C 204 34.59 16.65 -8.70
CA LYS C 204 34.77 16.03 -7.40
C LYS C 204 33.88 14.79 -7.34
N VAL C 205 32.57 15.01 -7.49
CA VAL C 205 31.60 13.93 -7.50
C VAL C 205 31.81 13.10 -8.77
N LEU C 206 31.39 11.84 -8.71
CA LEU C 206 31.42 10.99 -9.89
C LEU C 206 29.99 10.74 -10.35
N ALA C 207 29.75 11.00 -11.65
CA ALA C 207 28.42 11.03 -12.22
C ALA C 207 27.83 9.62 -12.23
N TYR C 208 26.52 9.55 -11.96
CA TYR C 208 25.76 8.31 -12.04
C TYR C 208 24.28 8.66 -12.04
N GLY C 209 23.54 8.07 -13.00
CA GLY C 209 22.14 8.39 -13.21
C GLY C 209 21.95 9.89 -13.40
N ASP C 210 21.20 10.50 -12.48
CA ASP C 210 20.86 11.91 -12.60
C ASP C 210 21.96 12.80 -12.02
N VAL C 211 22.88 12.21 -11.25
CA VAL C 211 24.00 12.95 -10.68
C VAL C 211 25.00 13.24 -11.79
N LYS C 212 25.30 14.53 -11.99
CA LYS C 212 26.13 14.99 -13.10
C LYS C 212 27.48 15.49 -12.55
N PRO C 213 28.54 15.55 -13.38
CA PRO C 213 29.82 16.12 -12.96
C PRO C 213 29.63 17.55 -12.45
N ASP C 214 30.50 17.97 -11.53
CA ASP C 214 30.32 19.23 -10.80
C ASP C 214 31.31 20.30 -11.27
N GLY C 215 32.23 19.95 -12.17
CA GLY C 215 33.09 20.93 -12.81
C GLY C 215 34.29 21.39 -11.97
N GLU C 216 34.34 20.96 -10.70
CA GLU C 216 35.39 21.35 -9.77
C GLU C 216 36.66 20.56 -10.08
N ARG C 217 37.80 21.26 -10.19
CA ARG C 217 39.09 20.61 -10.33
C ARG C 217 39.38 19.83 -9.05
N TYR C 218 39.67 18.53 -9.20
CA TYR C 218 39.80 17.65 -8.05
C TYR C 218 40.85 16.58 -8.32
N GLY C 219 41.62 16.25 -7.28
CA GLY C 219 42.51 15.11 -7.36
C GLY C 219 43.63 15.14 -6.32
N GLY C 220 44.79 14.61 -6.72
CA GLY C 220 45.92 14.37 -5.83
C GLY C 220 46.58 13.05 -6.15
N PHE C 221 47.80 12.86 -5.63
CA PHE C 221 48.59 11.65 -5.84
C PHE C 221 49.68 11.57 -4.80
N TYR C 222 50.29 10.38 -4.67
CA TYR C 222 51.45 10.18 -3.83
C TYR C 222 52.71 10.23 -4.69
N THR C 223 53.72 10.95 -4.20
CA THR C 223 55.07 10.84 -4.73
C THR C 223 55.67 9.53 -4.22
N GLN C 224 56.79 9.10 -4.83
CA GLN C 224 57.43 7.86 -4.42
C GLN C 224 57.96 8.01 -3.00
N LYS C 225 58.31 9.24 -2.62
CA LYS C 225 58.73 9.58 -1.26
C LYS C 225 57.59 9.35 -0.27
N ASP C 226 56.38 9.79 -0.65
CA ASP C 226 55.19 9.60 0.17
C ASP C 226 54.95 8.10 0.40
N ILE C 227 55.06 7.33 -0.68
CA ILE C 227 54.83 5.88 -0.66
C ILE C 227 55.76 5.23 0.37
N LYS C 228 57.06 5.55 0.28
CA LYS C 228 58.07 4.94 1.12
C LYS C 228 57.83 5.31 2.59
N GLU C 229 57.37 6.54 2.82
CA GLU C 229 57.04 7.00 4.17
C GLU C 229 55.86 6.20 4.73
N ILE C 230 54.87 5.89 3.88
CA ILE C 230 53.68 5.20 4.35
C ILE C 230 54.00 3.72 4.58
N VAL C 231 54.84 3.14 3.72
CA VAL C 231 55.32 1.78 3.89
C VAL C 231 56.02 1.65 5.25
N ALA C 232 56.92 2.60 5.56
CA ALA C 232 57.69 2.58 6.80
C ALA C 232 56.75 2.70 8.00
N TYR C 233 55.75 3.58 7.91
CA TYR C 233 54.82 3.84 9.00
C TYR C 233 54.04 2.57 9.32
N ALA C 234 53.60 1.86 8.28
CA ALA C 234 52.79 0.65 8.44
C ALA C 234 53.65 -0.47 9.04
N LYS C 235 54.92 -0.55 8.63
CA LYS C 235 55.81 -1.64 9.01
C LYS C 235 56.00 -1.64 10.54
N LYS C 236 55.93 -0.44 11.13
CA LYS C 236 56.13 -0.26 12.55
C LYS C 236 54.95 -0.85 13.32
N LYS C 237 53.81 -1.05 12.64
CA LYS C 237 52.63 -1.63 13.27
C LYS C 237 52.34 -3.00 12.68
N PHE C 238 53.36 -3.57 12.02
CA PHE C 238 53.36 -4.93 11.48
C PHE C 238 52.25 -5.10 10.44
N ILE C 239 52.03 -4.03 9.65
CA ILE C 239 51.12 -4.06 8.52
C ILE C 239 51.95 -4.02 7.23
N GLU C 240 51.73 -4.99 6.36
CA GLU C 240 52.35 -5.04 5.05
C GLU C 240 51.42 -4.41 4.02
N ILE C 241 51.99 -3.69 3.05
CA ILE C 241 51.19 -3.03 2.04
C ILE C 241 51.31 -3.78 0.72
N ILE C 242 50.14 -4.07 0.10
CA ILE C 242 50.06 -4.68 -1.23
C ILE C 242 49.54 -3.63 -2.19
N PRO C 243 50.32 -3.20 -3.20
CA PRO C 243 49.86 -2.23 -4.18
C PRO C 243 49.00 -2.94 -5.24
N GLU C 244 47.94 -2.26 -5.68
CA GLU C 244 47.18 -2.73 -6.83
C GLU C 244 47.31 -1.73 -7.98
N ILE C 245 47.93 -2.20 -9.07
CA ILE C 245 47.83 -1.54 -10.36
C ILE C 245 46.83 -2.35 -11.17
N ASP C 246 45.59 -1.82 -11.27
CA ASP C 246 44.50 -2.54 -11.89
C ASP C 246 44.63 -2.43 -13.40
N ILE C 247 45.02 -3.55 -14.05
CA ILE C 247 45.21 -3.62 -15.49
C ILE C 247 44.66 -4.97 -15.99
N PRO C 248 44.22 -5.09 -17.27
CA PRO C 248 44.18 -3.96 -18.22
C PRO C 248 42.86 -3.19 -18.25
N GLY C 249 41.89 -3.64 -17.47
CA GLY C 249 40.66 -2.90 -17.26
C GLY C 249 40.83 -1.85 -16.17
N HIS C 250 39.78 -1.07 -15.92
CA HIS C 250 39.77 -0.04 -14.90
C HIS C 250 40.99 0.86 -15.08
N SER C 251 41.34 1.17 -16.35
CA SER C 251 42.61 1.77 -16.71
C SER C 251 42.44 3.03 -17.54
N GLN C 252 41.25 3.66 -17.47
CA GLN C 252 40.95 4.79 -18.35
C GLN C 252 41.88 5.96 -18.06
N ALA C 253 42.28 6.13 -16.79
CA ALA C 253 43.16 7.23 -16.44
C ALA C 253 44.53 7.06 -17.10
N ALA C 254 45.07 5.83 -17.05
CA ALA C 254 46.34 5.50 -17.69
C ALA C 254 46.24 5.70 -19.20
N VAL C 255 45.10 5.30 -19.79
CA VAL C 255 44.89 5.44 -21.21
C VAL C 255 44.84 6.91 -21.60
N ALA C 256 44.24 7.74 -20.72
CA ALA C 256 44.14 9.18 -20.94
C ALA C 256 45.53 9.80 -20.93
N ALA C 257 46.43 9.25 -20.11
CA ALA C 257 47.79 9.76 -19.94
C ALA C 257 48.64 9.47 -21.17
N TYR C 258 48.55 8.22 -21.66
CA TYR C 258 49.40 7.78 -22.76
C TYR C 258 48.56 7.07 -23.81
N PRO C 259 47.65 7.78 -24.52
CA PRO C 259 46.75 7.14 -25.48
C PRO C 259 47.46 6.54 -26.69
N GLU C 260 48.59 7.13 -27.08
CA GLU C 260 49.29 6.77 -28.31
C GLU C 260 49.65 5.30 -28.34
N PHE C 261 49.85 4.68 -27.15
CA PHE C 261 50.20 3.27 -27.12
C PHE C 261 49.30 2.46 -26.21
N LEU C 262 48.56 3.10 -25.30
CA LEU C 262 47.72 2.35 -24.38
C LEU C 262 46.30 2.19 -24.93
N ALA C 263 45.82 3.20 -25.66
CA ALA C 263 44.46 3.17 -26.20
C ALA C 263 44.35 2.13 -27.30
N CYS C 264 43.19 1.45 -27.33
CA CYS C 264 42.85 0.54 -28.41
C CYS C 264 42.50 1.35 -29.66
N ASP C 265 42.04 2.58 -29.44
CA ASP C 265 41.55 3.47 -30.48
C ASP C 265 42.23 4.82 -30.32
N PRO C 266 43.55 4.92 -30.61
CA PRO C 266 44.33 6.10 -30.25
C PRO C 266 43.97 7.36 -31.05
N ARG C 267 43.11 7.20 -32.06
CA ARG C 267 42.67 8.33 -32.87
C ARG C 267 41.53 9.05 -32.15
N ASP C 268 40.85 8.34 -31.25
CA ASP C 268 39.75 8.91 -30.47
C ASP C 268 40.30 9.75 -29.32
N LYS C 269 39.40 10.50 -28.68
CA LYS C 269 39.70 11.28 -27.48
C LYS C 269 39.71 10.36 -26.26
N HIS C 270 40.65 10.60 -25.35
CA HIS C 270 40.73 9.85 -24.11
C HIS C 270 40.96 10.80 -22.94
N GLU C 271 40.01 10.80 -22.01
CA GLU C 271 40.06 11.63 -20.82
C GLU C 271 39.84 10.77 -19.58
N VAL C 272 40.25 11.30 -18.43
CA VAL C 272 39.94 10.68 -17.16
C VAL C 272 38.42 10.63 -17.02
N TRP C 273 37.90 9.47 -16.62
CA TRP C 273 36.46 9.25 -16.52
C TRP C 273 35.88 10.03 -15.35
N LEU C 274 34.73 10.68 -15.59
CA LEU C 274 34.01 11.45 -14.58
C LEU C 274 32.77 10.67 -14.13
N GLN C 275 32.66 9.42 -14.58
CA GLN C 275 31.46 8.60 -14.36
C GLN C 275 31.79 7.47 -13.39
N GLN C 276 30.76 6.95 -12.71
CA GLN C 276 30.81 5.66 -12.06
C GLN C 276 30.42 4.59 -13.07
N GLY C 277 30.84 3.34 -12.85
CA GLY C 277 30.46 2.24 -13.73
C GLY C 277 31.65 1.43 -14.22
N ILE C 278 31.48 0.79 -15.38
CA ILE C 278 32.50 -0.06 -15.99
C ILE C 278 32.87 0.53 -17.34
N SER C 279 34.14 0.91 -17.49
CA SER C 279 34.63 1.54 -18.69
C SER C 279 35.07 0.48 -19.70
N THR C 280 34.83 0.75 -20.99
CA THR C 280 35.29 -0.13 -22.05
C THR C 280 36.64 0.37 -22.58
N ASP C 281 37.11 1.50 -22.05
CA ASP C 281 38.34 2.12 -22.54
C ASP C 281 39.53 1.46 -21.84
N VAL C 282 39.87 0.24 -22.30
CA VAL C 282 40.83 -0.62 -21.63
C VAL C 282 42.17 -0.56 -22.36
N ILE C 283 43.23 -1.02 -21.70
CA ILE C 283 44.56 -0.98 -22.27
C ILE C 283 44.64 -1.94 -23.45
N ASN C 284 45.31 -1.49 -24.52
CA ASN C 284 45.59 -2.29 -25.70
C ASN C 284 46.72 -3.27 -25.38
N VAL C 285 46.35 -4.49 -24.98
CA VAL C 285 47.30 -5.48 -24.48
C VAL C 285 48.16 -6.05 -25.62
N ALA C 286 47.83 -5.69 -26.87
CA ALA C 286 48.51 -6.22 -28.02
C ALA C 286 49.64 -5.29 -28.46
N ASN C 287 49.58 -4.02 -28.03
CA ASN C 287 50.57 -3.03 -28.39
C ASN C 287 51.86 -3.33 -27.63
N PRO C 288 53.03 -3.40 -28.32
CA PRO C 288 54.30 -3.71 -27.65
C PRO C 288 54.72 -2.69 -26.60
N LYS C 289 54.40 -1.41 -26.83
CA LYS C 289 54.77 -0.35 -25.91
C LYS C 289 53.91 -0.42 -24.64
N ALA C 290 52.70 -0.98 -24.78
CA ALA C 290 51.83 -1.18 -23.63
C ALA C 290 52.44 -2.25 -22.73
N MET C 291 53.05 -3.27 -23.33
CA MET C 291 53.73 -4.35 -22.63
C MET C 291 54.92 -3.78 -21.85
N GLN C 292 55.71 -2.92 -22.52
CA GLN C 292 56.87 -2.30 -21.92
C GLN C 292 56.46 -1.44 -20.74
N PHE C 293 55.35 -0.71 -20.91
CA PHE C 293 54.77 0.15 -19.89
C PHE C 293 54.52 -0.65 -18.62
N ALA C 294 53.85 -1.79 -18.77
CA ALA C 294 53.42 -2.60 -17.64
C ALA C 294 54.63 -3.15 -16.88
N LYS C 295 55.64 -3.62 -17.63
CA LYS C 295 56.85 -4.19 -17.04
C LYS C 295 57.54 -3.13 -16.19
N GLU C 296 57.64 -1.91 -16.72
CA GLU C 296 58.36 -0.83 -16.08
C GLU C 296 57.60 -0.32 -14.86
N VAL C 297 56.26 -0.39 -14.90
CA VAL C 297 55.45 -0.02 -13.75
C VAL C 297 55.72 -1.03 -12.62
N ILE C 298 55.72 -2.32 -12.97
CA ILE C 298 55.98 -3.40 -12.03
C ILE C 298 57.38 -3.25 -11.43
N ASP C 299 58.36 -2.84 -12.26
CA ASP C 299 59.73 -2.65 -11.81
C ASP C 299 59.79 -1.59 -10.72
N GLU C 300 59.08 -0.48 -10.93
CA GLU C 300 59.07 0.62 -9.98
C GLU C 300 58.35 0.21 -8.70
N LEU C 301 57.28 -0.60 -8.82
CA LEU C 301 56.54 -1.09 -7.67
C LEU C 301 57.45 -1.94 -6.78
N THR C 302 58.25 -2.80 -7.44
CA THR C 302 59.13 -3.74 -6.77
C THR C 302 60.12 -2.98 -5.88
N GLU C 303 60.46 -1.75 -6.29
CA GLU C 303 61.41 -0.91 -5.58
C GLU C 303 60.76 -0.26 -4.36
N LEU C 304 59.47 0.11 -4.49
CA LEU C 304 58.80 0.89 -3.47
C LEU C 304 58.15 -0.01 -2.42
N PHE C 305 57.69 -1.20 -2.86
CA PHE C 305 56.90 -2.06 -1.99
C PHE C 305 57.67 -3.35 -1.70
N PRO C 306 58.23 -3.50 -0.48
CA PRO C 306 59.04 -4.67 -0.14
C PRO C 306 58.27 -5.97 0.08
N PHE C 307 56.96 -5.89 0.33
CA PHE C 307 56.15 -7.07 0.52
C PHE C 307 56.14 -7.88 -0.78
N ASN C 308 55.92 -9.19 -0.66
CA ASN C 308 56.23 -10.11 -1.75
C ASN C 308 55.04 -10.31 -2.69
N TYR C 309 53.98 -9.51 -2.51
CA TYR C 309 52.78 -9.64 -3.33
C TYR C 309 52.49 -8.35 -4.10
N ILE C 310 52.06 -8.49 -5.36
CA ILE C 310 51.50 -7.40 -6.16
C ILE C 310 50.13 -7.83 -6.67
N HIS C 311 49.15 -6.92 -6.57
CA HIS C 311 47.82 -7.13 -7.12
C HIS C 311 47.71 -6.44 -8.47
N LEU C 312 47.34 -7.22 -9.52
CA LEU C 312 47.23 -6.68 -10.87
C LEU C 312 45.76 -6.51 -11.28
N GLY C 313 44.84 -6.70 -10.33
CA GLY C 313 43.43 -6.45 -10.60
C GLY C 313 42.80 -7.55 -11.47
N GLY C 314 42.24 -7.14 -12.61
CA GLY C 314 41.66 -8.09 -13.54
C GLY C 314 40.13 -8.17 -13.48
N ASN C 315 39.53 -7.27 -12.70
CA ASN C 315 38.09 -7.18 -12.54
C ASN C 315 37.49 -6.44 -13.73
N GLU C 316 36.25 -6.81 -14.08
CA GLU C 316 35.38 -6.03 -14.96
C GLU C 316 36.17 -5.46 -16.14
N CYS C 317 36.66 -6.35 -17.02
CA CYS C 317 37.45 -5.91 -18.15
C CYS C 317 36.73 -6.23 -19.47
N PRO C 318 35.89 -5.32 -20.01
CA PRO C 318 35.20 -5.57 -21.28
C PRO C 318 36.17 -5.75 -22.44
N THR C 319 35.89 -6.74 -23.31
CA THR C 319 36.77 -7.12 -24.39
C THR C 319 36.41 -6.38 -25.68
N ARG C 320 35.36 -5.56 -25.60
CA ARG C 320 34.72 -4.95 -26.76
C ARG C 320 35.73 -4.20 -27.63
N LYS C 321 36.62 -3.42 -27.01
CA LYS C 321 37.53 -2.58 -27.78
C LYS C 321 38.66 -3.41 -28.40
N TRP C 322 38.94 -4.57 -27.81
CA TRP C 322 39.93 -5.49 -28.35
C TRP C 322 39.41 -6.09 -29.66
N GLN C 323 38.10 -6.33 -29.72
CA GLN C 323 37.46 -6.93 -30.88
C GLN C 323 37.50 -6.00 -32.08
N LYS C 324 37.58 -4.69 -31.82
CA LYS C 324 37.56 -3.67 -32.86
C LYS C 324 38.97 -3.21 -33.18
N ASN C 325 39.97 -3.86 -32.56
CA ASN C 325 41.37 -3.50 -32.75
C ASN C 325 42.08 -4.57 -33.56
N ASP C 326 42.80 -4.14 -34.61
CA ASP C 326 43.45 -5.01 -35.58
C ASP C 326 44.55 -5.84 -34.94
N GLU C 327 45.44 -5.17 -34.20
CA GLU C 327 46.56 -5.82 -33.52
C GLU C 327 46.05 -6.87 -32.54
N CYS C 328 44.90 -6.60 -31.92
CA CYS C 328 44.33 -7.48 -30.91
C CYS C 328 43.73 -8.71 -31.56
N LYS C 329 43.09 -8.52 -32.72
CA LYS C 329 42.50 -9.61 -33.48
C LYS C 329 43.60 -10.55 -33.96
N LYS C 330 44.69 -9.96 -34.45
CA LYS C 330 45.87 -10.68 -34.93
C LYS C 330 46.50 -11.48 -33.80
N LEU C 331 46.68 -10.84 -32.64
CA LEU C 331 47.30 -11.47 -31.48
C LEU C 331 46.46 -12.64 -31.01
N LEU C 332 45.12 -12.46 -31.01
CA LEU C 332 44.23 -13.51 -30.55
C LEU C 332 44.31 -14.72 -31.48
N SER C 333 44.54 -14.45 -32.77
CA SER C 333 44.68 -15.49 -33.77
C SER C 333 45.95 -16.30 -33.53
N GLU C 334 47.05 -15.59 -33.21
CA GLU C 334 48.35 -16.21 -33.04
C GLU C 334 48.38 -17.12 -31.81
N ILE C 335 47.61 -16.78 -30.77
CA ILE C 335 47.57 -17.61 -29.57
C ILE C 335 46.55 -18.73 -29.75
N GLY C 336 45.86 -18.74 -30.89
CA GLY C 336 44.93 -19.78 -31.24
C GLY C 336 43.73 -19.85 -30.29
N SER C 337 43.06 -18.71 -30.11
CA SER C 337 41.87 -18.63 -29.26
C SER C 337 40.74 -17.92 -30.02
N SER C 338 39.50 -18.22 -29.63
CA SER C 338 38.33 -17.51 -30.14
C SER C 338 37.74 -16.61 -29.05
N ASN C 339 38.26 -16.77 -27.83
CA ASN C 339 37.77 -16.06 -26.66
C ASN C 339 38.69 -14.86 -26.37
N PHE C 340 38.15 -13.66 -26.59
CA PHE C 340 38.90 -12.41 -26.46
C PHE C 340 39.34 -12.19 -25.02
N ARG C 341 38.74 -12.93 -24.09
CA ARG C 341 39.10 -12.93 -22.67
C ARG C 341 40.53 -13.42 -22.50
N ASP C 342 40.99 -14.28 -23.43
CA ASP C 342 42.28 -14.94 -23.29
C ASP C 342 43.42 -13.95 -23.52
N LEU C 343 43.12 -12.82 -24.18
CA LEU C 343 44.10 -11.76 -24.34
C LEU C 343 44.51 -11.24 -22.96
N GLN C 344 43.55 -11.13 -22.04
CA GLN C 344 43.81 -10.64 -20.69
C GLN C 344 44.76 -11.61 -19.97
N ILE C 345 44.46 -12.92 -20.09
CA ILE C 345 45.20 -13.93 -19.36
C ILE C 345 46.61 -14.03 -19.94
N TYR C 346 46.70 -13.94 -21.27
CA TYR C 346 47.99 -14.01 -21.96
C TYR C 346 48.84 -12.80 -21.60
N PHE C 347 48.18 -11.65 -21.39
CA PHE C 347 48.86 -10.43 -20.97
C PHE C 347 49.53 -10.66 -19.62
N TYR C 348 48.82 -11.33 -18.71
CA TYR C 348 49.33 -11.65 -17.38
C TYR C 348 50.49 -12.64 -17.45
N LYS C 349 50.41 -13.58 -18.39
CA LYS C 349 51.42 -14.62 -18.58
C LYS C 349 52.76 -13.95 -18.89
N GLN C 350 52.78 -13.02 -19.84
CA GLN C 350 53.98 -12.33 -20.26
C GLN C 350 54.58 -11.57 -19.06
N LEU C 351 53.73 -10.99 -18.22
CA LEU C 351 54.18 -10.20 -17.08
C LEU C 351 54.74 -11.14 -16.00
N LYS C 352 54.05 -12.27 -15.80
CA LYS C 352 54.47 -13.28 -14.83
C LYS C 352 55.82 -13.85 -15.26
N ASP C 353 55.95 -14.22 -16.54
CA ASP C 353 57.18 -14.76 -17.11
C ASP C 353 58.31 -13.77 -16.89
N TYR C 354 58.04 -12.48 -17.14
CA TYR C 354 59.03 -11.43 -17.00
C TYR C 354 59.55 -11.38 -15.56
N ILE C 355 58.64 -11.42 -14.59
CA ILE C 355 59.00 -11.36 -13.18
C ILE C 355 59.90 -12.53 -12.82
N ALA C 356 59.65 -13.69 -13.44
CA ALA C 356 60.36 -14.92 -13.14
C ALA C 356 61.82 -14.88 -13.59
N THR C 357 62.15 -13.95 -14.51
CA THR C 357 63.50 -13.82 -15.03
C THR C 357 64.35 -12.95 -14.12
N LYS C 358 63.69 -12.15 -13.27
CA LYS C 358 64.35 -11.21 -12.38
C LYS C 358 65.01 -11.96 -11.23
N PRO C 359 66.02 -11.38 -10.54
CA PRO C 359 66.64 -12.02 -9.36
C PRO C 359 65.62 -12.33 -8.27
N ALA C 360 65.96 -13.30 -7.41
CA ALA C 360 65.05 -13.91 -6.45
C ALA C 360 64.42 -12.87 -5.53
N ASP C 361 65.18 -11.84 -5.16
CA ASP C 361 64.73 -10.86 -4.18
C ASP C 361 63.84 -9.82 -4.84
N GLN C 362 63.72 -9.87 -6.17
CA GLN C 362 62.90 -8.94 -6.91
C GLN C 362 61.64 -9.62 -7.44
N GLN C 363 61.48 -10.90 -7.09
CA GLN C 363 60.32 -11.66 -7.56
C GLN C 363 59.12 -11.34 -6.69
N ARG C 364 57.93 -11.35 -7.31
CA ARG C 364 56.70 -11.03 -6.61
C ARG C 364 55.63 -12.04 -7.01
N GLN C 365 54.79 -12.41 -6.06
CA GLN C 365 53.62 -13.24 -6.33
C GLN C 365 52.47 -12.32 -6.73
N LEU C 366 51.58 -12.82 -7.59
CA LEU C 366 50.53 -11.99 -8.16
C LEU C 366 49.16 -12.37 -7.58
N ILE C 367 48.34 -11.34 -7.33
CA ILE C 367 46.96 -11.49 -6.90
C ILE C 367 46.06 -10.95 -8.01
N PHE C 368 44.91 -11.63 -8.21
CA PHE C 368 43.92 -11.19 -9.17
C PHE C 368 42.53 -11.30 -8.54
N TRP C 369 41.61 -10.43 -9.00
CA TRP C 369 40.19 -10.58 -8.72
C TRP C 369 39.67 -11.81 -9.46
N ASN C 370 38.60 -12.42 -8.94
CA ASN C 370 38.23 -13.79 -9.31
C ASN C 370 37.71 -13.89 -10.75
N GLU C 371 37.43 -12.76 -11.43
CA GLU C 371 36.97 -12.83 -12.81
C GLU C 371 38.01 -13.48 -13.71
N VAL C 372 39.28 -13.53 -13.26
CA VAL C 372 40.34 -14.08 -14.09
C VAL C 372 40.13 -15.58 -14.28
N LEU C 373 39.37 -16.19 -13.36
CA LEU C 373 39.03 -17.61 -13.42
C LEU C 373 38.10 -17.91 -14.60
N HIS C 374 37.44 -16.88 -15.14
CA HIS C 374 36.48 -17.06 -16.22
C HIS C 374 37.19 -17.34 -17.55
N GLY C 375 38.50 -17.09 -17.59
CA GLY C 375 39.31 -17.37 -18.77
C GLY C 375 40.04 -18.71 -18.63
N ASN C 376 40.79 -19.07 -19.69
CA ASN C 376 41.61 -20.27 -19.68
C ASN C 376 42.85 -20.02 -18.83
N THR C 377 42.76 -20.33 -17.53
CA THR C 377 43.76 -19.88 -16.56
C THR C 377 45.00 -20.78 -16.56
N SER C 378 44.91 -21.92 -17.27
CA SER C 378 46.02 -22.87 -17.28
C SER C 378 47.22 -22.29 -18.02
N ILE C 379 46.98 -21.23 -18.81
CA ILE C 379 48.04 -20.44 -19.43
C ILE C 379 48.93 -19.84 -18.33
N LEU C 380 48.32 -19.47 -17.19
CA LEU C 380 49.00 -18.77 -16.11
C LEU C 380 49.71 -19.75 -15.19
N GLY C 381 49.19 -20.98 -15.11
CA GLY C 381 49.57 -21.91 -14.06
C GLY C 381 48.76 -21.67 -12.80
N ASN C 382 49.20 -22.23 -11.68
CA ASN C 382 48.37 -22.25 -10.49
C ASN C 382 49.07 -21.60 -9.29
N ASP C 383 50.21 -20.96 -9.52
CA ASP C 383 50.85 -20.24 -8.42
C ASP C 383 50.48 -18.77 -8.51
N ILE C 384 49.16 -18.52 -8.52
CA ILE C 384 48.59 -17.19 -8.42
C ILE C 384 47.67 -17.21 -7.20
N THR C 385 47.28 -16.01 -6.73
CA THR C 385 46.35 -15.90 -5.63
C THR C 385 45.07 -15.24 -6.14
N ILE C 386 43.92 -15.81 -5.77
CA ILE C 386 42.63 -15.33 -6.21
C ILE C 386 41.95 -14.59 -5.05
N MET C 387 41.68 -13.30 -5.27
CA MET C 387 40.89 -12.54 -4.32
C MET C 387 39.42 -12.64 -4.76
N ALA C 388 38.63 -13.39 -3.97
CA ALA C 388 37.26 -13.74 -4.32
C ALA C 388 36.29 -12.69 -3.79
N TRP C 389 35.53 -12.06 -4.69
CA TRP C 389 34.66 -10.95 -4.34
C TRP C 389 33.23 -11.17 -4.86
N ILE C 390 33.08 -11.64 -6.10
CA ILE C 390 31.78 -11.86 -6.71
C ILE C 390 31.51 -13.36 -6.82
N GLY C 391 30.37 -13.81 -6.27
CA GLY C 391 30.14 -15.22 -6.03
C GLY C 391 31.35 -15.83 -5.32
N ALA C 392 31.75 -15.17 -4.22
CA ALA C 392 33.06 -15.33 -3.60
C ALA C 392 33.24 -16.75 -3.06
N ASN C 393 32.20 -17.26 -2.38
CA ASN C 393 32.26 -18.58 -1.76
C ASN C 393 32.63 -19.64 -2.80
N ALA C 394 31.95 -19.59 -3.95
CA ALA C 394 32.15 -20.56 -5.02
C ALA C 394 33.51 -20.34 -5.69
N ALA C 395 33.91 -19.07 -5.85
CA ALA C 395 35.14 -18.73 -6.54
C ALA C 395 36.34 -19.26 -5.75
N ALA C 396 36.32 -19.05 -4.43
CA ALA C 396 37.40 -19.46 -3.55
C ALA C 396 37.58 -20.97 -3.60
N LYS C 397 36.46 -21.71 -3.55
CA LYS C 397 36.46 -23.16 -3.62
C LYS C 397 37.07 -23.61 -4.95
N GLN C 398 36.67 -22.93 -6.02
CA GLN C 398 37.16 -23.21 -7.36
C GLN C 398 38.67 -23.01 -7.41
N ALA C 399 39.14 -21.93 -6.78
CA ALA C 399 40.56 -21.59 -6.74
C ALA C 399 41.34 -22.65 -5.99
N ALA C 400 40.86 -23.00 -4.78
CA ALA C 400 41.50 -23.98 -3.92
C ALA C 400 41.59 -25.33 -4.61
N LYS C 401 40.53 -25.68 -5.37
CA LYS C 401 40.46 -26.96 -6.06
C LYS C 401 41.55 -27.04 -7.13
N GLN C 402 41.88 -25.90 -7.73
CA GLN C 402 42.89 -25.82 -8.77
C GLN C 402 44.28 -25.62 -8.17
N GLY C 403 44.37 -25.65 -6.83
CA GLY C 403 45.62 -25.52 -6.12
C GLY C 403 46.13 -24.08 -6.02
N MET C 404 45.23 -23.11 -6.18
CA MET C 404 45.56 -21.69 -6.03
C MET C 404 45.19 -21.21 -4.62
N ASN C 405 46.02 -20.31 -4.07
CA ASN C 405 45.69 -19.63 -2.83
C ASN C 405 44.56 -18.63 -3.07
N THR C 406 43.79 -18.35 -2.02
CA THR C 406 42.63 -17.48 -2.17
C THR C 406 42.41 -16.61 -0.93
N ILE C 407 41.95 -15.39 -1.16
CA ILE C 407 41.58 -14.45 -0.12
C ILE C 407 40.09 -14.13 -0.31
N LEU C 408 39.33 -14.20 0.79
CA LEU C 408 37.90 -13.96 0.74
C LEU C 408 37.61 -12.49 1.02
N SER C 409 37.05 -11.80 0.02
CA SER C 409 36.57 -10.44 0.22
C SER C 409 35.20 -10.28 -0.44
N PRO C 410 34.16 -11.01 0.02
CA PRO C 410 32.86 -11.02 -0.65
C PRO C 410 32.18 -9.65 -0.60
N GLN C 411 31.63 -9.23 -1.74
CA GLN C 411 30.88 -7.99 -1.83
C GLN C 411 29.92 -7.88 -0.66
N ILE C 412 29.13 -8.94 -0.43
CA ILE C 412 28.26 -9.05 0.73
C ILE C 412 28.87 -10.10 1.67
N PRO C 413 29.19 -9.77 2.94
CA PRO C 413 29.06 -8.41 3.48
C PRO C 413 30.36 -7.66 3.79
N TYR C 414 31.43 -7.95 3.05
CA TYR C 414 32.76 -7.47 3.39
C TYR C 414 33.11 -6.16 2.67
N TYR C 415 32.19 -5.64 1.84
CA TYR C 415 32.37 -4.32 1.26
C TYR C 415 31.83 -3.28 2.24
N ILE C 416 32.72 -2.75 3.10
CA ILE C 416 32.28 -1.94 4.22
C ILE C 416 32.20 -0.46 3.84
N ASN C 417 32.15 -0.17 2.52
CA ASN C 417 31.74 1.14 2.07
C ASN C 417 30.22 1.19 1.92
N ARG C 418 29.60 0.00 1.89
CA ARG C 418 28.15 -0.13 1.71
C ARG C 418 27.45 0.38 2.97
N LYS C 419 26.21 0.83 2.80
CA LYS C 419 25.42 1.37 3.90
C LYS C 419 25.35 0.34 5.03
N GLN C 420 25.45 0.82 6.28
CA GLN C 420 25.43 -0.06 7.43
C GLN C 420 24.09 0.00 8.15
N SER C 421 23.16 0.79 7.58
CA SER C 421 21.85 1.00 8.16
C SER C 421 20.91 1.54 7.09
N LYS C 422 19.60 1.33 7.31
CA LYS C 422 18.58 1.78 6.37
C LYS C 422 18.06 3.16 6.73
N LEU C 423 18.60 3.75 7.81
CA LEU C 423 18.09 5.03 8.31
C LEU C 423 18.22 6.09 7.21
N PRO C 424 17.21 6.98 7.05
CA PRO C 424 17.27 8.02 6.02
C PRO C 424 18.36 9.07 6.28
N THR C 425 18.97 9.00 7.46
CA THR C 425 19.99 9.96 7.86
C THR C 425 21.39 9.49 7.48
N GLU C 426 21.50 8.29 6.91
CA GLU C 426 22.81 7.74 6.54
C GLU C 426 23.40 8.58 5.40
N PRO C 427 24.74 8.76 5.34
CA PRO C 427 25.37 9.33 4.14
C PRO C 427 25.18 8.42 2.93
N MET C 428 25.34 8.99 1.72
CA MET C 428 25.11 8.22 0.50
C MET C 428 26.29 7.28 0.28
N SER C 429 25.96 5.99 0.08
CA SER C 429 26.88 4.98 -0.45
C SER C 429 26.05 3.82 -0.99
N GLN C 430 26.72 2.82 -1.58
CA GLN C 430 26.04 1.68 -2.21
C GLN C 430 25.32 0.84 -1.17
N GLY C 431 24.32 0.07 -1.63
CA GLY C 431 23.60 -0.87 -0.79
C GLY C 431 22.32 -0.25 -0.21
N HIS C 432 21.54 -1.07 0.50
CA HIS C 432 20.27 -0.62 1.06
C HIS C 432 20.28 -0.69 2.59
N GLY C 433 21.46 -0.94 3.17
CA GLY C 433 21.61 -0.88 4.61
C GLY C 433 21.52 -2.25 5.27
N THR C 434 21.56 -3.30 4.44
CA THR C 434 21.56 -4.69 4.88
C THR C 434 22.90 -5.10 5.47
N GLU C 435 23.98 -4.36 5.17
CA GLU C 435 25.30 -4.74 5.63
C GLU C 435 25.59 -4.11 7.00
N THR C 436 24.80 -4.55 8.00
CA THR C 436 24.94 -4.12 9.38
C THR C 436 26.16 -4.80 9.99
N VAL C 437 26.56 -4.32 11.17
CA VAL C 437 27.64 -4.92 11.93
C VAL C 437 27.33 -6.40 12.13
N GLU C 438 26.07 -6.72 12.46
CA GLU C 438 25.64 -8.09 12.69
C GLU C 438 25.88 -8.94 11.45
N ALA C 439 25.48 -8.43 10.27
CA ALA C 439 25.61 -9.18 9.04
C ALA C 439 27.08 -9.43 8.71
N VAL C 440 27.93 -8.43 8.96
CA VAL C 440 29.35 -8.57 8.66
C VAL C 440 29.92 -9.68 9.54
N TYR C 441 29.55 -9.64 10.83
CA TYR C 441 30.11 -10.55 11.82
C TYR C 441 29.65 -11.99 11.56
N ASN C 442 28.42 -12.14 11.09
CA ASN C 442 27.77 -13.44 11.00
C ASN C 442 28.28 -14.25 9.81
N TYR C 443 28.96 -13.58 8.87
CA TYR C 443 29.60 -14.28 7.76
C TYR C 443 30.67 -15.22 8.31
N GLN C 444 30.61 -16.48 7.86
CA GLN C 444 31.54 -17.51 8.31
C GLN C 444 32.41 -17.92 7.13
N PRO C 445 33.69 -17.49 7.10
CA PRO C 445 34.58 -17.71 5.95
C PRO C 445 34.76 -19.18 5.55
N LEU C 446 34.70 -20.09 6.52
CA LEU C 446 35.07 -21.48 6.29
C LEU C 446 33.86 -22.41 6.31
N LYS C 447 32.65 -21.84 6.36
CA LYS C 447 31.43 -22.65 6.35
C LYS C 447 31.38 -23.48 5.07
N ASP C 448 31.20 -24.80 5.24
CA ASP C 448 31.08 -25.75 4.15
C ASP C 448 32.35 -25.82 3.30
N VAL C 449 33.50 -25.50 3.92
CA VAL C 449 34.76 -25.60 3.21
C VAL C 449 35.47 -26.87 3.65
N ASP C 450 35.67 -27.80 2.71
CA ASP C 450 36.30 -29.10 2.98
C ASP C 450 37.69 -28.90 3.57
N ALA C 451 38.01 -29.70 4.59
CA ALA C 451 39.26 -29.61 5.33
C ALA C 451 40.47 -29.68 4.39
N ALA C 452 40.31 -30.38 3.27
CA ALA C 452 41.38 -30.56 2.30
C ALA C 452 41.64 -29.28 1.52
N LEU C 453 40.64 -28.39 1.45
CA LEU C 453 40.75 -27.16 0.68
C LEU C 453 41.21 -26.00 1.57
N GLN C 454 41.03 -26.16 2.89
CA GLN C 454 41.20 -25.06 3.84
C GLN C 454 42.62 -24.48 3.82
N PRO C 455 43.70 -25.28 3.67
CA PRO C 455 45.05 -24.74 3.62
C PRO C 455 45.29 -23.66 2.55
N TYR C 456 44.42 -23.60 1.54
CA TYR C 456 44.57 -22.63 0.47
C TYR C 456 43.91 -21.29 0.83
N TYR C 457 43.12 -21.28 1.90
CA TYR C 457 42.41 -20.08 2.35
C TYR C 457 43.34 -19.24 3.23
N LYS C 458 43.97 -18.23 2.62
CA LYS C 458 44.96 -17.39 3.30
C LYS C 458 44.30 -16.47 4.32
N GLY C 459 43.05 -16.05 4.04
CA GLY C 459 42.32 -15.27 5.02
C GLY C 459 41.24 -14.39 4.35
N VAL C 460 41.00 -13.23 4.99
CA VAL C 460 39.83 -12.41 4.73
C VAL C 460 40.26 -10.94 4.60
N GLN C 461 39.39 -10.14 3.98
CA GLN C 461 39.67 -8.74 3.72
C GLN C 461 38.35 -7.97 3.60
N ALA C 462 38.27 -6.83 4.28
CA ALA C 462 37.25 -5.81 4.05
C ALA C 462 37.73 -4.85 2.95
N ASN C 463 36.86 -4.57 1.99
CA ASN C 463 37.19 -3.66 0.90
C ASN C 463 36.34 -2.39 1.02
N PHE C 464 36.93 -1.26 0.60
CA PHE C 464 36.25 0.03 0.68
C PHE C 464 36.37 0.78 -0.64
N TRP C 465 35.27 0.82 -1.39
CA TRP C 465 35.17 1.47 -2.69
C TRP C 465 34.58 2.87 -2.51
N THR C 466 35.10 3.84 -3.26
CA THR C 466 34.86 5.23 -2.90
C THR C 466 34.14 6.02 -4.01
N GLU C 467 33.31 5.36 -4.83
CA GLU C 467 32.50 6.07 -5.82
C GLU C 467 31.77 7.24 -5.18
N TRP C 468 31.16 7.00 -4.01
CA TRP C 468 30.29 7.95 -3.35
C TRP C 468 31.01 8.69 -2.24
N VAL C 469 32.09 8.09 -1.69
CA VAL C 469 32.68 8.59 -0.46
C VAL C 469 33.84 9.53 -0.80
N THR C 470 33.73 10.79 -0.34
CA THR C 470 34.64 11.86 -0.72
C THR C 470 35.26 12.50 0.53
N GLU C 471 34.60 12.35 1.69
CA GLU C 471 35.02 13.02 2.91
C GLU C 471 35.67 12.02 3.87
N PRO C 472 36.85 12.33 4.46
CA PRO C 472 37.48 11.45 5.46
C PRO C 472 36.56 11.06 6.61
N SER C 473 35.69 11.99 7.01
CA SER C 473 34.77 11.77 8.12
C SER C 473 33.74 10.70 7.75
N VAL C 474 33.34 10.66 6.48
CA VAL C 474 32.38 9.69 5.99
C VAL C 474 33.06 8.33 5.78
N LEU C 475 34.33 8.36 5.34
CA LEU C 475 35.15 7.15 5.24
C LEU C 475 35.19 6.43 6.58
N GLU C 476 35.48 7.18 7.65
CA GLU C 476 35.66 6.60 8.97
C GLU C 476 34.33 6.09 9.51
N TYR C 477 33.27 6.89 9.28
CA TYR C 477 31.92 6.56 9.70
C TYR C 477 31.54 5.18 9.18
N LEU C 478 31.88 4.92 7.92
CA LEU C 478 31.50 3.67 7.27
C LEU C 478 32.45 2.54 7.68
N MET C 479 33.73 2.86 7.91
CA MET C 479 34.74 1.86 8.26
C MET C 479 34.47 1.24 9.63
N LEU C 480 34.11 2.06 10.61
CA LEU C 480 34.01 1.61 12.00
C LEU C 480 32.54 1.53 12.42
N PRO C 481 32.12 0.51 13.20
CA PRO C 481 33.02 -0.54 13.69
C PRO C 481 33.09 -1.85 12.90
N ARG C 482 32.59 -1.84 11.66
CA ARG C 482 32.57 -3.05 10.84
C ARG C 482 33.98 -3.60 10.62
N LEU C 483 34.98 -2.71 10.58
CA LEU C 483 36.35 -3.11 10.35
C LEU C 483 36.78 -4.12 11.41
N ALA C 484 36.40 -3.85 12.66
CA ALA C 484 36.75 -4.68 13.80
C ALA C 484 36.10 -6.06 13.70
N ALA C 485 34.93 -6.12 13.07
CA ALA C 485 34.24 -7.38 12.89
C ALA C 485 35.02 -8.27 11.92
N VAL C 486 35.51 -7.69 10.82
CA VAL C 486 36.28 -8.44 9.86
C VAL C 486 37.61 -8.85 10.49
N ALA C 487 38.18 -7.94 11.30
CA ALA C 487 39.42 -8.22 12.00
C ALA C 487 39.26 -9.44 12.90
N GLU C 488 38.13 -9.53 13.61
CA GLU C 488 37.90 -10.63 14.54
C GLU C 488 37.68 -11.91 13.75
N ALA C 489 36.94 -11.81 12.63
CA ALA C 489 36.72 -12.94 11.74
C ALA C 489 38.05 -13.51 11.26
N GLY C 490 39.01 -12.61 11.02
CA GLY C 490 40.33 -12.99 10.53
C GLY C 490 41.21 -13.61 11.62
N TRP C 491 40.98 -13.22 12.88
CA TRP C 491 41.87 -13.59 13.97
C TRP C 491 41.30 -14.72 14.84
N THR C 492 40.07 -14.52 15.32
CA THR C 492 39.46 -15.41 16.30
C THR C 492 38.95 -16.68 15.61
N PRO C 493 39.27 -17.89 16.11
CA PRO C 493 38.68 -19.12 15.57
C PRO C 493 37.15 -19.06 15.63
N GLN C 494 36.50 -19.60 14.59
CA GLN C 494 35.07 -19.51 14.39
C GLN C 494 34.31 -19.94 15.65
N GLU C 495 34.77 -21.01 16.30
CA GLU C 495 34.05 -21.59 17.43
C GLU C 495 34.08 -20.64 18.62
N LYS C 496 34.96 -19.64 18.59
CA LYS C 496 35.11 -18.70 19.70
C LYS C 496 34.39 -17.38 19.37
N ARG C 497 33.77 -17.29 18.19
CA ARG C 497 33.11 -16.07 17.75
C ARG C 497 31.63 -16.11 18.11
N ASN C 498 31.10 -14.94 18.49
CA ASN C 498 29.72 -14.78 18.93
C ASN C 498 29.35 -13.29 18.83
N TYR C 499 28.31 -12.98 18.05
CA TYR C 499 27.98 -11.60 17.75
C TYR C 499 27.60 -10.83 19.02
N GLU C 500 26.77 -11.45 19.88
CA GLU C 500 26.28 -10.79 21.08
C GLU C 500 27.46 -10.41 21.97
N ASP C 501 28.42 -11.34 22.14
CA ASP C 501 29.63 -11.08 22.88
C ASP C 501 30.43 -9.95 22.22
N PHE C 502 30.56 -9.99 20.89
CA PHE C 502 31.34 -9.00 20.15
C PHE C 502 30.72 -7.62 20.33
N LYS C 503 29.39 -7.56 20.29
CA LYS C 503 28.64 -6.32 20.47
C LYS C 503 29.02 -5.67 21.81
N GLU C 504 29.00 -6.46 22.89
CA GLU C 504 29.32 -5.98 24.22
C GLU C 504 30.75 -5.45 24.27
N ARG C 505 31.67 -6.14 23.59
CA ARG C 505 33.08 -5.79 23.61
C ARG C 505 33.35 -4.53 22.79
N ILE C 506 32.73 -4.44 21.61
CA ILE C 506 33.04 -3.37 20.67
C ILE C 506 32.45 -2.04 21.18
N ARG C 507 31.38 -2.13 21.98
CA ARG C 507 30.76 -0.97 22.59
C ARG C 507 31.78 -0.17 23.40
N LYS C 508 32.77 -0.87 23.98
CA LYS C 508 33.74 -0.23 24.85
C LYS C 508 34.73 0.60 24.05
N ASP C 509 34.74 0.44 22.72
CA ASP C 509 35.71 1.11 21.86
C ASP C 509 35.19 2.47 21.40
N ALA C 510 33.92 2.78 21.69
CA ALA C 510 33.34 4.07 21.38
C ALA C 510 34.21 5.17 21.99
N GLU C 511 34.68 4.94 23.22
CA GLU C 511 35.52 5.86 23.96
C GLU C 511 36.85 6.06 23.25
N LEU C 512 37.45 4.94 22.77
CA LEU C 512 38.69 4.96 22.03
C LEU C 512 38.53 5.82 20.78
N TYR C 513 37.42 5.61 20.05
CA TYR C 513 37.18 6.31 18.80
C TYR C 513 37.00 7.81 19.07
N ASP C 514 36.29 8.14 20.16
CA ASP C 514 36.05 9.53 20.54
C ASP C 514 37.38 10.23 20.82
N LEU C 515 38.27 9.54 21.54
CA LEU C 515 39.53 10.13 21.97
C LEU C 515 40.49 10.27 20.78
N LYS C 516 40.32 9.41 19.77
CA LYS C 516 41.17 9.46 18.59
C LYS C 516 40.64 10.50 17.60
N GLY C 517 39.37 10.88 17.76
CA GLY C 517 38.70 11.76 16.82
C GLY C 517 38.34 11.03 15.53
N TRP C 518 38.10 9.71 15.64
CA TRP C 518 37.60 8.92 14.52
C TRP C 518 36.07 8.96 14.53
N ASN C 519 35.47 9.09 13.34
CA ASN C 519 34.04 8.93 13.21
C ASN C 519 33.71 7.43 13.13
N TYR C 520 32.44 7.08 13.33
CA TYR C 520 32.01 5.69 13.38
C TYR C 520 30.48 5.63 13.43
N GLY C 521 29.93 4.54 12.87
CA GLY C 521 28.50 4.29 12.99
C GLY C 521 28.10 4.03 14.44
N LYS C 522 26.94 4.56 14.85
CA LYS C 522 26.55 4.60 16.25
C LYS C 522 25.48 3.55 16.54
N HIS C 523 25.05 2.83 15.49
CA HIS C 523 23.86 2.00 15.53
C HIS C 523 23.86 1.00 16.69
N ILE C 524 25.04 0.44 17.03
CA ILE C 524 25.09 -0.61 18.04
C ILE C 524 25.75 -0.11 19.32
N MET C 525 26.03 1.20 19.40
CA MET C 525 26.82 1.75 20.49
C MET C 525 25.93 2.18 21.66
N ILE D 4 -58.17 -17.65 10.67
CA ILE D 4 -57.22 -18.08 9.63
C ILE D 4 -57.96 -18.14 8.30
N ALA D 5 -57.52 -17.32 7.36
CA ALA D 5 -58.08 -17.29 6.01
C ALA D 5 -56.91 -17.24 5.03
N LEU D 6 -56.57 -18.41 4.47
CA LEU D 6 -55.45 -18.55 3.56
C LEU D 6 -55.96 -18.88 2.16
N THR D 7 -55.53 -18.07 1.19
CA THR D 7 -55.88 -18.23 -0.21
C THR D 7 -54.63 -18.02 -1.05
N PRO D 8 -54.17 -19.01 -1.84
CA PRO D 8 -54.82 -20.32 -1.96
C PRO D 8 -54.80 -21.17 -0.69
N GLN D 9 -55.84 -21.99 -0.53
CA GLN D 9 -55.93 -22.97 0.55
C GLN D 9 -54.72 -23.91 0.45
N PRO D 10 -53.93 -24.07 1.54
CA PRO D 10 -52.77 -24.96 1.52
C PRO D 10 -53.18 -26.43 1.41
N ALA D 11 -52.24 -27.29 0.99
CA ALA D 11 -52.52 -28.70 0.84
C ALA D 11 -52.86 -29.33 2.19
N HIS D 12 -52.13 -28.93 3.24
CA HIS D 12 -52.32 -29.45 4.58
C HIS D 12 -52.17 -28.33 5.60
N LEU D 13 -53.19 -28.14 6.44
CA LEU D 13 -53.15 -27.16 7.51
C LEU D 13 -53.72 -27.78 8.79
N THR D 14 -52.92 -27.72 9.86
CA THR D 14 -53.35 -28.12 11.19
C THR D 14 -53.17 -26.94 12.15
N VAL D 15 -54.27 -26.52 12.78
CA VAL D 15 -54.23 -25.51 13.82
C VAL D 15 -53.62 -26.14 15.07
N LYS D 16 -52.75 -25.41 15.77
CA LYS D 16 -52.08 -25.92 16.95
C LYS D 16 -52.36 -24.99 18.14
N ASP D 17 -51.72 -25.31 19.28
CA ASP D 17 -51.98 -24.64 20.54
C ASP D 17 -51.31 -23.27 20.56
N GLY D 18 -52.08 -22.25 21.01
CA GLY D 18 -51.52 -20.97 21.42
C GLY D 18 -51.13 -20.10 20.23
N ARG D 19 -50.23 -19.14 20.50
CA ARG D 19 -49.86 -18.10 19.54
C ARG D 19 -48.38 -17.79 19.66
N PHE D 20 -47.79 -17.31 18.56
CA PHE D 20 -46.42 -16.82 18.53
C PHE D 20 -46.46 -15.29 18.56
N GLU D 21 -45.86 -14.70 19.60
CA GLU D 21 -45.79 -13.26 19.74
C GLU D 21 -44.46 -12.76 19.20
N PHE D 22 -44.51 -11.79 18.27
CA PHE D 22 -43.30 -11.28 17.62
C PHE D 22 -42.49 -10.46 18.62
N GLY D 23 -43.18 -9.62 19.42
CA GLY D 23 -42.54 -8.46 20.03
C GLY D 23 -42.46 -7.32 19.02
N ASN D 24 -41.34 -6.57 19.00
CA ASN D 24 -41.07 -5.68 17.89
C ASN D 24 -39.60 -5.81 17.48
N GLN D 25 -38.89 -6.78 18.06
CA GLN D 25 -37.60 -7.23 17.56
C GLN D 25 -37.58 -8.76 17.58
N LEU D 26 -36.62 -9.35 16.85
CA LEU D 26 -36.47 -10.80 16.80
C LEU D 26 -35.23 -11.14 15.99
N LYS D 27 -34.69 -12.35 16.18
CA LYS D 27 -33.51 -12.79 15.45
C LYS D 27 -33.88 -13.94 14.52
N ALA D 28 -33.24 -13.99 13.34
CA ALA D 28 -33.57 -14.99 12.33
C ALA D 28 -32.30 -15.69 11.83
N LYS D 29 -32.39 -17.02 11.70
CA LYS D 29 -31.32 -17.82 11.10
C LYS D 29 -31.76 -18.27 9.72
N VAL D 30 -31.02 -17.83 8.69
CA VAL D 30 -31.34 -18.13 7.31
C VAL D 30 -30.22 -19.02 6.74
N THR D 31 -30.62 -20.15 6.15
CA THR D 31 -29.72 -21.12 5.56
C THR D 31 -28.88 -20.43 4.48
N PRO D 32 -27.57 -20.79 4.37
CA PRO D 32 -26.77 -20.40 3.20
C PRO D 32 -27.31 -21.14 1.97
N TYR D 33 -26.95 -20.66 0.77
CA TYR D 33 -27.46 -21.28 -0.45
C TYR D 33 -26.41 -21.22 -1.55
N GLN D 34 -26.69 -20.40 -2.57
CA GLN D 34 -25.81 -20.27 -3.72
C GLN D 34 -25.39 -18.81 -3.85
N GLY D 35 -26.36 -17.93 -4.10
CA GLY D 35 -26.05 -16.52 -4.28
C GLY D 35 -26.74 -15.66 -3.22
N ASP D 36 -26.81 -16.18 -1.99
CA ASP D 36 -27.57 -15.54 -0.92
C ASP D 36 -29.00 -15.29 -1.38
N SER D 37 -29.48 -16.15 -2.29
CA SER D 37 -30.81 -15.99 -2.87
C SER D 37 -31.87 -16.04 -1.79
N ILE D 38 -31.70 -16.96 -0.83
CA ILE D 38 -32.63 -17.15 0.28
C ILE D 38 -32.61 -15.90 1.15
N ARG D 39 -31.39 -15.38 1.41
CA ARG D 39 -31.22 -14.21 2.24
C ARG D 39 -31.89 -13.01 1.59
N MET D 40 -31.81 -12.92 0.25
CA MET D 40 -32.38 -11.80 -0.48
C MET D 40 -33.90 -11.86 -0.44
N VAL D 41 -34.44 -13.08 -0.51
CA VAL D 41 -35.87 -13.30 -0.38
C VAL D 41 -36.30 -12.82 1.00
N PHE D 42 -35.54 -13.22 2.04
CA PHE D 42 -35.88 -12.88 3.40
C PHE D 42 -35.74 -11.37 3.62
N GLU D 43 -34.74 -10.78 2.96
CA GLU D 43 -34.48 -9.34 3.01
C GLU D 43 -35.72 -8.57 2.55
N SER D 44 -36.30 -9.00 1.42
CA SER D 44 -37.52 -8.41 0.89
C SER D 44 -38.64 -8.50 1.93
N PHE D 45 -38.80 -9.70 2.50
CA PHE D 45 -39.82 -9.96 3.50
C PHE D 45 -39.67 -8.99 4.67
N LYS D 46 -38.43 -8.88 5.19
CA LYS D 46 -38.10 -8.03 6.33
C LYS D 46 -38.54 -6.59 6.08
N LYS D 47 -38.27 -6.09 4.88
CA LYS D 47 -38.59 -4.72 4.50
C LYS D 47 -40.09 -4.48 4.58
N GLU D 48 -40.87 -5.40 3.97
CA GLU D 48 -42.31 -5.30 3.92
C GLU D 48 -42.89 -5.39 5.33
N LEU D 49 -42.35 -6.32 6.12
CA LEU D 49 -42.84 -6.54 7.47
C LEU D 49 -42.63 -5.28 8.30
N GLN D 50 -41.42 -4.72 8.24
CA GLN D 50 -41.07 -3.51 8.99
C GLN D 50 -41.97 -2.35 8.55
N GLU D 51 -42.15 -2.21 7.24
CA GLU D 51 -42.99 -1.16 6.69
C GLU D 51 -44.40 -1.22 7.29
N ALA D 52 -44.94 -2.45 7.41
CA ALA D 52 -46.34 -2.64 7.76
C ALA D 52 -46.54 -2.65 9.28
N THR D 53 -45.55 -3.14 10.03
CA THR D 53 -45.76 -3.45 11.44
C THR D 53 -44.80 -2.68 12.34
N GLY D 54 -43.61 -2.35 11.82
CA GLY D 54 -42.58 -1.70 12.61
C GLY D 54 -41.63 -2.70 13.27
N ILE D 55 -41.87 -4.00 13.02
CA ILE D 55 -41.04 -5.07 13.56
C ILE D 55 -39.72 -5.12 12.79
N LYS D 56 -38.61 -5.08 13.53
CA LYS D 56 -37.27 -5.20 12.97
C LYS D 56 -36.75 -6.60 13.27
N VAL D 57 -36.13 -7.20 12.26
CA VAL D 57 -35.62 -8.57 12.37
C VAL D 57 -34.12 -8.53 12.09
N SER D 58 -33.33 -9.01 13.06
CA SER D 58 -31.88 -9.09 12.93
C SER D 58 -31.47 -10.52 12.59
N SER D 59 -30.21 -10.68 12.18
CA SER D 59 -29.68 -11.97 11.78
C SER D 59 -28.85 -12.60 12.89
N THR D 60 -28.74 -13.94 12.85
CA THR D 60 -27.93 -14.71 13.79
C THR D 60 -27.55 -16.04 13.13
N GLN D 61 -26.39 -16.58 13.55
CA GLN D 61 -25.90 -17.84 13.03
C GLN D 61 -26.16 -18.94 14.06
N LYS D 62 -26.67 -18.57 15.23
CA LYS D 62 -26.89 -19.49 16.34
C LYS D 62 -28.37 -19.86 16.44
N GLU D 63 -28.64 -21.17 16.37
CA GLU D 63 -30.00 -21.68 16.35
C GLU D 63 -30.70 -21.40 17.67
N ALA D 64 -29.92 -21.41 18.77
CA ALA D 64 -30.45 -21.24 20.11
C ALA D 64 -31.22 -19.91 20.23
N LYS D 65 -30.72 -18.88 19.54
CA LYS D 65 -31.19 -17.52 19.78
C LYS D 65 -32.10 -17.03 18.65
N ALA D 66 -32.46 -17.94 17.72
CA ALA D 66 -33.29 -17.58 16.58
C ALA D 66 -34.74 -18.03 16.79
N ARG D 67 -35.67 -17.10 16.66
CA ARG D 67 -37.09 -17.39 16.80
C ARG D 67 -37.76 -17.52 15.43
N ILE D 68 -37.01 -17.16 14.37
CA ILE D 68 -37.38 -17.49 13.00
C ILE D 68 -36.20 -18.22 12.36
N ILE D 69 -36.46 -19.42 11.84
CA ILE D 69 -35.45 -20.20 11.15
C ILE D 69 -35.97 -20.57 9.77
N LEU D 70 -35.11 -20.37 8.76
CA LEU D 70 -35.32 -20.86 7.41
C LEU D 70 -34.28 -21.94 7.13
N ASP D 71 -34.73 -23.20 7.07
CA ASP D 71 -33.85 -24.34 6.81
C ASP D 71 -34.08 -24.87 5.40
N LEU D 72 -33.00 -25.35 4.78
CA LEU D 72 -33.07 -25.97 3.47
C LEU D 72 -33.43 -27.45 3.64
N ASN D 73 -34.52 -27.86 2.98
CA ASN D 73 -34.93 -29.25 2.95
C ASN D 73 -34.99 -29.69 1.48
N PRO D 74 -33.92 -30.34 0.95
CA PRO D 74 -33.82 -30.61 -0.48
C PRO D 74 -34.76 -31.69 -1.02
N GLN D 75 -35.59 -32.28 -0.15
CA GLN D 75 -36.55 -33.29 -0.56
C GLN D 75 -37.83 -32.65 -1.09
N LEU D 76 -38.04 -31.36 -0.81
CA LEU D 76 -39.29 -30.71 -1.16
C LEU D 76 -39.29 -30.32 -2.64
N PRO D 77 -40.43 -30.44 -3.35
CA PRO D 77 -40.57 -29.92 -4.71
C PRO D 77 -40.23 -28.42 -4.82
N ALA D 78 -40.08 -27.95 -6.06
CA ALA D 78 -39.45 -26.67 -6.37
C ALA D 78 -40.21 -25.49 -5.76
N GLU D 79 -41.52 -25.67 -5.53
CA GLU D 79 -42.36 -24.57 -5.07
C GLU D 79 -42.97 -24.89 -3.69
N ALA D 80 -42.56 -26.02 -3.12
CA ALA D 80 -43.15 -26.52 -1.88
C ALA D 80 -42.50 -25.87 -0.66
N TYR D 81 -43.19 -25.98 0.50
CA TYR D 81 -42.67 -25.49 1.76
C TYR D 81 -43.38 -26.16 2.93
N LYS D 82 -42.75 -26.08 4.11
CA LYS D 82 -43.38 -26.33 5.38
C LYS D 82 -43.29 -25.05 6.21
N LEU D 83 -44.36 -24.76 6.96
CA LEU D 83 -44.40 -23.62 7.86
C LEU D 83 -44.95 -24.09 9.21
N ASN D 84 -44.06 -24.14 10.21
N ASN D 84 -44.07 -24.11 10.22
CA ASN D 84 -44.43 -24.51 11.57
CA ASN D 84 -44.44 -24.53 11.57
C ASN D 84 -44.34 -23.28 12.46
C ASN D 84 -44.34 -23.33 12.50
N VAL D 85 -45.50 -22.91 13.03
CA VAL D 85 -45.58 -21.80 13.96
C VAL D 85 -45.99 -22.35 15.32
N SER D 86 -45.13 -22.15 16.32
CA SER D 86 -45.43 -22.50 17.70
C SER D 86 -45.20 -21.28 18.59
N LYS D 87 -45.47 -21.43 19.88
CA LYS D 87 -45.23 -20.37 20.86
C LYS D 87 -43.76 -19.96 20.82
N LYS D 88 -42.87 -20.93 20.55
CA LYS D 88 -41.44 -20.75 20.70
C LYS D 88 -40.81 -20.17 19.44
N GLN D 89 -41.29 -20.60 18.26
CA GLN D 89 -40.46 -20.46 17.07
C GLN D 89 -41.30 -20.56 15.79
N VAL D 90 -40.86 -19.83 14.77
CA VAL D 90 -41.34 -19.98 13.40
C VAL D 90 -40.29 -20.75 12.62
N ARG D 91 -40.66 -21.93 12.09
CA ARG D 91 -39.76 -22.74 11.31
C ARG D 91 -40.29 -22.86 9.88
N ILE D 92 -39.42 -22.60 8.91
CA ILE D 92 -39.76 -22.70 7.50
C ILE D 92 -38.77 -23.64 6.81
N GLU D 93 -39.31 -24.60 6.06
CA GLU D 93 -38.51 -25.51 5.25
C GLU D 93 -38.93 -25.38 3.79
N ALA D 94 -37.92 -25.32 2.91
CA ALA D 94 -38.12 -25.27 1.47
C ALA D 94 -36.83 -25.76 0.79
N SER D 95 -36.92 -26.02 -0.51
CA SER D 95 -35.79 -26.52 -1.29
C SER D 95 -35.24 -25.46 -2.22
N ARG D 96 -36.06 -24.46 -2.58
CA ARG D 96 -35.68 -23.45 -3.55
C ARG D 96 -36.14 -22.08 -3.06
N PRO D 97 -35.56 -20.98 -3.58
CA PRO D 97 -35.98 -19.63 -3.20
C PRO D 97 -37.49 -19.40 -3.27
N ALA D 98 -38.13 -19.89 -4.35
CA ALA D 98 -39.55 -19.70 -4.57
C ALA D 98 -40.35 -20.28 -3.41
N GLY D 99 -39.97 -21.49 -2.98
CA GLY D 99 -40.61 -22.16 -1.86
C GLY D 99 -40.59 -21.30 -0.59
N PHE D 100 -39.43 -20.67 -0.32
CA PHE D 100 -39.28 -19.82 0.85
C PHE D 100 -40.16 -18.58 0.71
N TYR D 101 -40.24 -18.05 -0.51
CA TYR D 101 -41.08 -16.89 -0.80
C TYR D 101 -42.55 -17.22 -0.52
N TYR D 102 -43.00 -18.40 -0.97
CA TYR D 102 -44.39 -18.80 -0.82
C TYR D 102 -44.71 -19.03 0.66
N ALA D 103 -43.75 -19.59 1.40
CA ALA D 103 -43.91 -19.80 2.84
C ALA D 103 -44.13 -18.46 3.54
N LEU D 104 -43.40 -17.43 3.09
CA LEU D 104 -43.47 -16.12 3.71
C LEU D 104 -44.74 -15.38 3.28
N GLN D 105 -45.26 -15.70 2.08
CA GLN D 105 -46.55 -15.19 1.66
C GLN D 105 -47.63 -15.71 2.60
N THR D 106 -47.56 -17.01 2.92
CA THR D 106 -48.55 -17.65 3.78
C THR D 106 -48.46 -17.06 5.18
N LEU D 107 -47.23 -16.87 5.67
CA LEU D 107 -46.99 -16.28 6.98
C LEU D 107 -47.65 -14.91 7.06
N LYS D 108 -47.47 -14.07 6.03
CA LYS D 108 -48.04 -12.73 6.02
C LYS D 108 -49.56 -12.82 6.05
N GLN D 109 -50.11 -13.84 5.39
CA GLN D 109 -51.55 -13.98 5.24
C GLN D 109 -52.19 -14.42 6.56
N LEU D 110 -51.37 -14.91 7.50
CA LEU D 110 -51.83 -15.32 8.82
C LEU D 110 -52.01 -14.12 9.74
N MET D 111 -51.49 -12.95 9.29
CA MET D 111 -51.50 -11.72 10.06
C MET D 111 -52.63 -10.82 9.54
N PRO D 112 -52.97 -9.70 10.22
CA PRO D 112 -53.94 -8.73 9.69
C PRO D 112 -53.58 -8.33 8.27
N ARG D 113 -54.61 -8.00 7.48
CA ARG D 113 -54.50 -7.89 6.03
C ARG D 113 -53.52 -6.79 5.62
N ASN D 114 -53.29 -5.82 6.51
CA ASN D 114 -52.43 -4.70 6.18
C ASN D 114 -50.99 -5.17 5.98
N VAL D 115 -50.64 -6.32 6.58
CA VAL D 115 -49.30 -6.87 6.43
C VAL D 115 -49.09 -7.34 4.98
N MET D 116 -50.06 -8.09 4.45
CA MET D 116 -49.98 -8.53 3.07
C MET D 116 -50.07 -7.32 2.15
N ALA D 117 -50.74 -6.26 2.61
CA ALA D 117 -50.92 -5.03 1.84
C ALA D 117 -49.64 -4.21 1.81
N GLY D 118 -48.74 -4.45 2.78
CA GLY D 118 -47.48 -3.72 2.90
C GLY D 118 -47.68 -2.27 3.34
N VAL D 119 -48.73 -2.03 4.15
CA VAL D 119 -49.14 -0.70 4.55
C VAL D 119 -49.28 -0.67 6.07
N ALA D 120 -48.73 0.38 6.68
CA ALA D 120 -48.88 0.62 8.11
C ALA D 120 -50.26 1.21 8.40
N THR D 121 -50.83 0.85 9.56
CA THR D 121 -52.15 1.37 9.95
C THR D 121 -52.13 1.92 11.38
N GLN D 126 -50.10 -4.53 18.42
CA GLN D 126 -49.36 -5.76 18.78
C GLN D 126 -49.62 -6.84 17.72
N TRP D 127 -48.60 -7.66 17.48
CA TRP D 127 -48.54 -8.57 16.33
C TRP D 127 -48.24 -9.99 16.80
N SER D 128 -49.08 -10.95 16.39
CA SER D 128 -48.87 -12.36 16.71
C SER D 128 -49.32 -13.23 15.55
N LEU D 129 -48.90 -14.51 15.58
CA LEU D 129 -49.35 -15.52 14.64
C LEU D 129 -50.10 -16.60 15.41
N PRO D 130 -51.15 -17.22 14.82
CA PRO D 130 -51.74 -18.44 15.38
C PRO D 130 -50.76 -19.59 15.15
N SER D 131 -50.66 -20.47 16.16
CA SER D 131 -49.83 -21.66 16.03
C SER D 131 -50.46 -22.59 14.98
N VAL D 132 -49.64 -23.00 14.01
CA VAL D 132 -50.10 -23.82 12.90
C VAL D 132 -48.99 -24.77 12.48
N GLU D 133 -49.39 -25.84 11.80
CA GLU D 133 -48.47 -26.70 11.06
C GLU D 133 -48.96 -26.79 9.62
N ILE D 134 -48.14 -26.31 8.67
CA ILE D 134 -48.56 -26.23 7.28
C ILE D 134 -47.54 -26.98 6.40
N GLU D 135 -48.05 -27.84 5.53
CA GLU D 135 -47.28 -28.42 4.45
C GLU D 135 -48.02 -28.13 3.15
N ASP D 136 -47.30 -27.56 2.16
CA ASP D 136 -47.99 -26.99 1.01
C ASP D 136 -47.12 -27.12 -0.24
N ALA D 137 -47.80 -27.31 -1.38
CA ALA D 137 -47.20 -27.39 -2.71
C ALA D 137 -48.29 -27.13 -3.76
N PRO D 138 -47.98 -26.50 -4.91
CA PRO D 138 -49.00 -26.28 -5.95
C PRO D 138 -49.37 -27.54 -6.71
N ARG D 139 -50.65 -27.67 -7.08
CA ARG D 139 -51.11 -28.79 -7.89
C ARG D 139 -50.53 -28.67 -9.30
N PHE D 140 -50.45 -27.43 -9.81
CA PHE D 140 -50.01 -27.17 -11.17
C PHE D 140 -48.80 -26.23 -11.18
N GLU D 141 -47.90 -26.45 -12.15
CA GLU D 141 -46.69 -25.66 -12.25
C GLU D 141 -46.97 -24.35 -12.98
N TRP D 142 -48.06 -24.29 -13.76
CA TRP D 142 -48.43 -23.11 -14.52
C TRP D 142 -49.70 -22.51 -13.94
N ARG D 143 -49.56 -21.35 -13.28
CA ARG D 143 -50.69 -20.66 -12.67
C ARG D 143 -50.64 -19.21 -13.16
N GLY D 144 -51.42 -18.92 -14.22
CA GLY D 144 -51.15 -17.79 -15.09
C GLY D 144 -52.28 -16.76 -15.16
N PHE D 145 -51.90 -15.54 -15.57
CA PHE D 145 -52.83 -14.49 -15.96
C PHE D 145 -52.32 -13.84 -17.25
N MET D 146 -53.22 -13.67 -18.23
CA MET D 146 -52.89 -12.97 -19.46
C MET D 146 -53.59 -11.63 -19.50
N LEU D 147 -52.85 -10.57 -19.85
CA LEU D 147 -53.46 -9.28 -20.12
C LEU D 147 -53.22 -8.87 -21.56
N ASP D 148 -54.32 -8.49 -22.24
CA ASP D 148 -54.32 -7.94 -23.58
C ASP D 148 -54.10 -6.44 -23.48
N GLU D 149 -52.93 -5.97 -23.94
CA GLU D 149 -52.66 -4.53 -23.99
C GLU D 149 -52.67 -4.03 -25.43
N GLY D 150 -52.98 -4.92 -26.37
CA GLY D 150 -53.12 -4.52 -27.76
C GLY D 150 -54.36 -3.65 -27.96
N ARG D 151 -55.49 -4.08 -27.39
CA ARG D 151 -56.77 -3.40 -27.55
C ARG D 151 -56.76 -2.07 -26.79
N HIS D 152 -56.36 -2.13 -25.51
CA HIS D 152 -56.12 -0.95 -24.71
C HIS D 152 -54.84 -1.12 -23.90
N PHE D 153 -54.06 -0.04 -23.85
CA PHE D 153 -52.76 0.00 -23.19
C PHE D 153 -52.92 0.56 -21.79
N PHE D 154 -52.29 -0.09 -20.81
CA PHE D 154 -52.44 0.28 -19.41
C PHE D 154 -51.15 0.87 -18.85
N GLY D 155 -50.01 0.33 -19.27
CA GLY D 155 -48.72 0.93 -18.96
C GLY D 155 -48.09 0.33 -17.72
N LYS D 156 -46.86 0.79 -17.43
CA LYS D 156 -45.94 0.17 -16.50
C LYS D 156 -46.53 0.09 -15.09
N ASP D 157 -47.09 1.20 -14.61
CA ASP D 157 -47.59 1.27 -13.24
C ASP D 157 -48.71 0.26 -13.02
N GLU D 158 -49.61 0.15 -13.99
CA GLU D 158 -50.73 -0.76 -13.86
C GLU D 158 -50.26 -2.21 -13.93
N ILE D 159 -49.23 -2.49 -14.76
CA ILE D 159 -48.72 -3.84 -14.91
C ILE D 159 -48.09 -4.29 -13.59
N LYS D 160 -47.40 -3.36 -12.91
CA LYS D 160 -46.83 -3.63 -11.60
C LYS D 160 -47.93 -4.00 -10.61
N ARG D 161 -49.09 -3.33 -10.72
CA ARG D 161 -50.22 -3.60 -9.84
C ARG D 161 -50.79 -4.98 -10.12
N VAL D 162 -50.86 -5.36 -11.40
CA VAL D 162 -51.33 -6.67 -11.83
C VAL D 162 -50.43 -7.77 -11.25
N ILE D 163 -49.11 -7.54 -11.32
CA ILE D 163 -48.12 -8.47 -10.79
C ILE D 163 -48.28 -8.59 -9.28
N ASP D 164 -48.54 -7.46 -8.60
CA ASP D 164 -48.75 -7.44 -7.16
C ASP D 164 -49.96 -8.31 -6.81
N MET D 165 -51.03 -8.21 -7.61
CA MET D 165 -52.25 -8.96 -7.38
C MET D 165 -51.98 -10.46 -7.54
N MET D 166 -51.22 -10.80 -8.60
CA MET D 166 -50.87 -12.17 -8.91
C MET D 166 -50.09 -12.79 -7.75
N ALA D 167 -49.11 -12.03 -7.23
CA ALA D 167 -48.18 -12.49 -6.21
C ALA D 167 -48.91 -12.84 -4.91
N ILE D 168 -49.97 -12.08 -4.58
CA ILE D 168 -50.80 -12.33 -3.41
C ILE D 168 -51.24 -13.79 -3.39
N TYR D 169 -51.65 -14.31 -4.55
CA TYR D 169 -52.31 -15.60 -4.63
C TYR D 169 -51.38 -16.65 -5.25
N LYS D 170 -50.07 -16.38 -5.23
CA LYS D 170 -49.01 -17.31 -5.59
C LYS D 170 -49.07 -17.73 -7.07
N MET D 171 -49.67 -16.88 -7.91
CA MET D 171 -49.63 -17.08 -9.36
C MET D 171 -48.21 -16.79 -9.85
N ASN D 172 -47.78 -17.46 -10.93
CA ASN D 172 -46.37 -17.50 -11.27
C ASN D 172 -46.11 -17.28 -12.77
N ARG D 173 -47.18 -17.08 -13.57
CA ARG D 173 -47.01 -16.90 -15.01
C ARG D 173 -47.81 -15.69 -15.47
N PHE D 174 -47.11 -14.67 -15.98
CA PHE D 174 -47.78 -13.53 -16.60
C PHE D 174 -47.63 -13.62 -18.12
N HIS D 175 -48.77 -13.77 -18.80
CA HIS D 175 -48.80 -13.86 -20.24
C HIS D 175 -49.14 -12.48 -20.80
N TRP D 176 -48.19 -11.89 -21.54
CA TRP D 176 -48.27 -10.51 -21.99
C TRP D 176 -48.67 -10.47 -23.46
N HIS D 177 -49.96 -10.20 -23.72
CA HIS D 177 -50.51 -10.15 -25.07
C HIS D 177 -50.27 -8.75 -25.62
N LEU D 178 -49.16 -8.57 -26.33
CA LEU D 178 -48.60 -7.25 -26.58
C LEU D 178 -48.92 -6.74 -27.98
N THR D 179 -49.40 -7.62 -28.86
CA THR D 179 -49.55 -7.24 -30.27
C THR D 179 -50.91 -7.66 -30.81
N GLU D 180 -51.52 -6.77 -31.61
CA GLU D 180 -52.90 -6.92 -32.05
C GLU D 180 -53.15 -6.19 -33.36
N ASP D 181 -54.39 -6.29 -33.83
CA ASP D 181 -54.87 -5.54 -35.00
C ASP D 181 -54.95 -4.06 -34.66
N GLN D 182 -55.21 -3.76 -33.37
CA GLN D 182 -55.54 -2.42 -32.93
C GLN D 182 -54.33 -1.76 -32.25
N GLY D 183 -53.17 -2.43 -32.23
CA GLY D 183 -51.98 -1.83 -31.65
C GLY D 183 -50.83 -2.82 -31.43
N TRP D 184 -49.60 -2.28 -31.46
CA TRP D 184 -48.35 -2.98 -31.18
C TRP D 184 -47.64 -2.26 -30.04
N ARG D 185 -47.28 -2.99 -28.98
CA ARG D 185 -46.98 -2.33 -27.70
C ARG D 185 -45.54 -2.57 -27.23
N ILE D 186 -44.68 -3.16 -28.06
CA ILE D 186 -43.31 -3.43 -27.64
C ILE D 186 -42.31 -2.92 -28.68
N GLU D 187 -41.36 -2.09 -28.23
CA GLU D 187 -40.32 -1.54 -29.11
C GLU D 187 -39.45 -2.68 -29.64
N ILE D 188 -39.33 -2.73 -30.98
CA ILE D 188 -38.39 -3.61 -31.64
C ILE D 188 -37.38 -2.74 -32.37
N LYS D 189 -36.10 -2.86 -32.01
CA LYS D 189 -35.05 -1.96 -32.46
C LYS D 189 -34.95 -1.97 -33.98
N LYS D 190 -35.01 -3.16 -34.59
CA LYS D 190 -34.78 -3.27 -36.02
C LYS D 190 -35.98 -2.80 -36.83
N TYR D 191 -37.14 -2.66 -36.17
CA TYR D 191 -38.35 -2.24 -36.86
C TYR D 191 -39.05 -1.14 -36.08
N PRO D 192 -38.49 0.09 -36.05
CA PRO D 192 -39.00 1.15 -35.18
C PRO D 192 -40.44 1.60 -35.46
N LYS D 193 -40.91 1.31 -36.69
CA LYS D 193 -42.23 1.75 -37.11
C LYS D 193 -43.33 0.92 -36.44
N LEU D 194 -42.97 -0.25 -35.88
CA LEU D 194 -43.95 -1.08 -35.19
C LEU D 194 -44.62 -0.28 -34.09
N THR D 195 -43.84 0.57 -33.40
CA THR D 195 -44.39 1.42 -32.35
C THR D 195 -44.76 2.78 -32.93
N GLU D 196 -43.86 3.36 -33.74
CA GLU D 196 -44.06 4.69 -34.31
C GLU D 196 -45.42 4.77 -35.01
N THR D 197 -45.77 3.70 -35.75
CA THR D 197 -47.08 3.58 -36.39
C THR D 197 -48.03 2.78 -35.50
N GLY D 198 -47.55 1.62 -35.02
CA GLY D 198 -48.43 0.60 -34.48
C GLY D 198 -48.99 0.92 -33.09
N ALA D 199 -48.33 1.84 -32.37
CA ALA D 199 -48.67 2.09 -30.97
C ALA D 199 -49.67 3.24 -30.83
N TRP D 200 -50.09 3.83 -31.96
CA TRP D 200 -50.92 5.02 -31.95
C TRP D 200 -52.04 4.92 -32.98
N ARG D 201 -53.23 5.40 -32.61
CA ARG D 201 -54.40 5.35 -33.47
C ARG D 201 -55.36 6.46 -33.09
N ASN D 202 -56.29 6.78 -33.99
CA ASN D 202 -57.18 7.92 -33.83
C ASN D 202 -58.52 7.50 -33.24
N SER D 203 -58.48 6.66 -32.20
CA SER D 203 -59.66 6.33 -31.42
C SER D 203 -59.26 5.64 -30.12
N LYS D 204 -59.88 6.10 -29.02
CA LYS D 204 -59.71 5.45 -27.73
C LYS D 204 -60.59 4.19 -27.71
N VAL D 205 -61.89 4.39 -27.89
CA VAL D 205 -62.84 3.28 -27.94
C VAL D 205 -62.57 2.48 -29.21
N LEU D 206 -62.97 1.21 -29.19
CA LEU D 206 -62.90 0.37 -30.39
C LEU D 206 -64.32 0.11 -30.88
N ALA D 207 -64.52 0.40 -32.18
CA ALA D 207 -65.85 0.45 -32.77
C ALA D 207 -66.43 -0.95 -32.83
N TYR D 208 -67.74 -1.04 -32.58
CA TYR D 208 -68.51 -2.24 -32.82
C TYR D 208 -69.98 -1.88 -32.92
N GLY D 209 -70.60 -2.29 -34.04
CA GLY D 209 -72.00 -2.00 -34.29
C GLY D 209 -72.24 -0.50 -34.29
N ASP D 210 -73.06 -0.02 -33.35
CA ASP D 210 -73.43 1.38 -33.30
C ASP D 210 -72.36 2.21 -32.60
N VAL D 211 -71.44 1.57 -31.87
CA VAL D 211 -70.33 2.28 -31.25
C VAL D 211 -69.32 2.64 -32.33
N LYS D 212 -69.04 3.94 -32.50
CA LYS D 212 -68.20 4.43 -33.59
C LYS D 212 -66.87 4.91 -33.05
N PRO D 213 -65.79 5.01 -33.87
CA PRO D 213 -64.53 5.58 -33.41
C PRO D 213 -64.74 6.99 -32.88
N ASP D 214 -63.90 7.40 -31.91
CA ASP D 214 -64.13 8.64 -31.17
C ASP D 214 -63.16 9.74 -31.58
N GLY D 215 -62.20 9.43 -32.46
CA GLY D 215 -61.35 10.44 -33.07
C GLY D 215 -60.18 10.88 -32.19
N GLU D 216 -60.15 10.43 -30.93
CA GLU D 216 -59.11 10.81 -29.98
C GLU D 216 -57.83 10.04 -30.30
N ARG D 217 -56.70 10.76 -30.38
CA ARG D 217 -55.40 10.13 -30.51
C ARG D 217 -55.11 9.34 -29.24
N TYR D 218 -54.81 8.05 -29.40
CA TYR D 218 -54.71 7.16 -28.24
C TYR D 218 -53.66 6.09 -28.49
N GLY D 219 -52.91 5.77 -27.44
CA GLY D 219 -52.00 4.63 -27.50
C GLY D 219 -50.93 4.68 -26.43
N GLY D 220 -49.75 4.17 -26.81
CA GLY D 220 -48.64 3.95 -25.90
C GLY D 220 -47.95 2.63 -26.22
N PHE D 221 -46.75 2.46 -25.67
CA PHE D 221 -45.94 1.27 -25.88
C PHE D 221 -44.88 1.22 -24.79
N TYR D 222 -44.25 0.05 -24.65
CA TYR D 222 -43.10 -0.14 -23.77
C TYR D 222 -41.81 -0.05 -24.59
N THR D 223 -40.83 0.70 -24.07
CA THR D 223 -39.47 0.64 -24.58
C THR D 223 -38.85 -0.66 -24.06
N GLN D 224 -37.70 -1.05 -24.63
CA GLN D 224 -37.04 -2.28 -24.21
C GLN D 224 -36.56 -2.12 -22.77
N LYS D 225 -36.25 -0.88 -22.37
CA LYS D 225 -35.88 -0.55 -21.00
C LYS D 225 -37.07 -0.83 -20.06
N ASP D 226 -38.28 -0.42 -20.47
CA ASP D 226 -39.48 -0.63 -19.68
C ASP D 226 -39.72 -2.13 -19.49
N ILE D 227 -39.53 -2.90 -20.57
CA ILE D 227 -39.73 -4.34 -20.57
C ILE D 227 -38.84 -4.98 -19.51
N LYS D 228 -37.55 -4.63 -19.55
CA LYS D 228 -36.54 -5.21 -18.67
C LYS D 228 -36.84 -4.87 -17.22
N GLU D 229 -37.36 -3.66 -16.98
CA GLU D 229 -37.75 -3.21 -15.65
C GLU D 229 -38.91 -4.05 -15.13
N ILE D 230 -39.87 -4.37 -16.02
CA ILE D 230 -41.05 -5.10 -15.60
C ILE D 230 -40.70 -6.57 -15.38
N VAL D 231 -39.81 -7.12 -16.21
CA VAL D 231 -39.31 -8.48 -16.06
C VAL D 231 -38.65 -8.61 -14.69
N ALA D 232 -37.78 -7.65 -14.34
CA ALA D 232 -37.06 -7.67 -13.08
C ALA D 232 -38.02 -7.59 -11.89
N TYR D 233 -39.03 -6.73 -12.00
CA TYR D 233 -40.00 -6.51 -10.94
C TYR D 233 -40.78 -7.80 -10.66
N ALA D 234 -41.17 -8.51 -11.72
CA ALA D 234 -41.94 -9.75 -11.60
C ALA D 234 -41.07 -10.85 -11.01
N LYS D 235 -39.78 -10.90 -11.39
CA LYS D 235 -38.90 -11.97 -10.99
C LYS D 235 -38.73 -11.98 -9.47
N LYS D 236 -38.84 -10.79 -8.86
CA LYS D 236 -38.69 -10.63 -7.43
C LYS D 236 -39.87 -11.28 -6.70
N LYS D 237 -40.99 -11.48 -7.43
CA LYS D 237 -42.17 -12.10 -6.86
C LYS D 237 -42.38 -13.49 -7.46
N PHE D 238 -41.34 -14.02 -8.09
CA PHE D 238 -41.30 -15.36 -8.67
C PHE D 238 -42.37 -15.54 -9.74
N ILE D 239 -42.60 -14.47 -10.50
CA ILE D 239 -43.50 -14.49 -11.65
C ILE D 239 -42.64 -14.40 -12.91
N GLU D 240 -42.83 -15.39 -13.80
CA GLU D 240 -42.15 -15.41 -15.10
C GLU D 240 -43.08 -14.80 -16.13
N ILE D 241 -42.50 -14.06 -17.08
CA ILE D 241 -43.29 -13.41 -18.10
C ILE D 241 -43.13 -14.15 -19.42
N ILE D 242 -44.26 -14.45 -20.07
CA ILE D 242 -44.28 -15.04 -21.41
C ILE D 242 -44.80 -13.98 -22.37
N PRO D 243 -43.98 -13.51 -23.34
CA PRO D 243 -44.45 -12.56 -24.34
C PRO D 243 -45.26 -13.28 -25.41
N GLU D 244 -46.32 -12.64 -25.89
CA GLU D 244 -47.03 -13.11 -27.06
C GLU D 244 -46.88 -12.08 -28.19
N ILE D 245 -46.22 -12.52 -29.26
CA ILE D 245 -46.28 -11.85 -30.55
C ILE D 245 -47.25 -12.67 -31.40
N ASP D 246 -48.47 -12.16 -31.53
CA ASP D 246 -49.54 -12.90 -32.20
C ASP D 246 -49.35 -12.76 -33.71
N ILE D 247 -48.93 -13.86 -34.35
CA ILE D 247 -48.68 -13.92 -35.78
C ILE D 247 -49.18 -15.27 -36.31
N PRO D 248 -49.57 -15.38 -37.61
CA PRO D 248 -49.62 -14.25 -38.55
C PRO D 248 -50.96 -13.52 -38.60
N GLY D 249 -51.95 -14.01 -37.85
CA GLY D 249 -53.19 -13.28 -37.69
C GLY D 249 -53.08 -12.25 -36.57
N HIS D 250 -54.16 -11.49 -36.35
CA HIS D 250 -54.22 -10.47 -35.32
C HIS D 250 -53.01 -9.54 -35.45
N SER D 251 -52.64 -9.22 -36.69
CA SER D 251 -51.37 -8.58 -37.00
C SER D 251 -51.54 -7.29 -37.81
N GLN D 252 -52.75 -6.71 -37.79
CA GLN D 252 -53.04 -5.58 -38.65
C GLN D 252 -52.14 -4.38 -38.34
N ALA D 253 -51.80 -4.21 -37.06
CA ALA D 253 -50.95 -3.09 -36.66
C ALA D 253 -49.56 -3.24 -37.26
N ALA D 254 -48.99 -4.45 -37.22
CA ALA D 254 -47.70 -4.75 -37.81
C ALA D 254 -47.75 -4.53 -39.32
N VAL D 255 -48.86 -4.94 -39.94
CA VAL D 255 -49.01 -4.81 -41.38
C VAL D 255 -49.11 -3.33 -41.75
N ALA D 256 -49.74 -2.53 -40.89
CA ALA D 256 -49.86 -1.09 -41.09
C ALA D 256 -48.49 -0.42 -41.03
N ALA D 257 -47.60 -0.96 -40.19
CA ALA D 257 -46.28 -0.42 -39.98
C ALA D 257 -45.38 -0.71 -41.18
N TYR D 258 -45.42 -1.94 -41.68
CA TYR D 258 -44.53 -2.36 -42.75
C TYR D 258 -45.33 -3.07 -43.84
N PRO D 259 -46.23 -2.37 -44.57
CA PRO D 259 -47.08 -3.02 -45.56
C PRO D 259 -46.33 -3.59 -46.76
N GLU D 260 -45.20 -2.96 -47.10
CA GLU D 260 -44.46 -3.27 -48.32
C GLU D 260 -44.06 -4.75 -48.35
N PHE D 261 -43.86 -5.37 -47.18
CA PHE D 261 -43.48 -6.78 -47.17
C PHE D 261 -44.39 -7.64 -46.28
N LEU D 262 -45.17 -7.02 -45.39
CA LEU D 262 -46.03 -7.80 -44.51
C LEU D 262 -47.42 -7.99 -45.11
N ALA D 263 -47.90 -6.98 -45.83
CA ALA D 263 -49.25 -7.04 -46.41
C ALA D 263 -49.29 -8.08 -47.53
N CYS D 264 -50.41 -8.79 -47.62
CA CYS D 264 -50.69 -9.70 -48.72
C CYS D 264 -51.03 -8.89 -49.97
N ASP D 265 -51.52 -7.67 -49.75
CA ASP D 265 -52.02 -6.78 -50.78
C ASP D 265 -51.38 -5.41 -50.59
N PRO D 266 -50.05 -5.26 -50.83
CA PRO D 266 -49.33 -4.06 -50.43
C PRO D 266 -49.69 -2.81 -51.23
N ARG D 267 -50.51 -2.99 -52.27
CA ARG D 267 -50.98 -1.88 -53.09
C ARG D 267 -52.15 -1.18 -52.40
N ASP D 268 -52.84 -1.92 -51.51
CA ASP D 268 -53.98 -1.40 -50.77
C ASP D 268 -53.50 -0.56 -49.60
N LYS D 269 -54.44 0.15 -48.97
CA LYS D 269 -54.21 0.94 -47.77
C LYS D 269 -54.19 0.00 -46.56
N HIS D 270 -53.29 0.28 -45.61
CA HIS D 270 -53.20 -0.48 -44.37
C HIS D 270 -53.04 0.46 -43.19
N GLU D 271 -54.02 0.43 -42.27
CA GLU D 271 -54.02 1.25 -41.09
C GLU D 271 -54.24 0.39 -39.85
N VAL D 272 -53.88 0.92 -38.70
CA VAL D 272 -54.21 0.29 -37.43
C VAL D 272 -55.73 0.20 -37.33
N TRP D 273 -56.24 -0.97 -36.96
CA TRP D 273 -57.67 -1.20 -36.90
C TRP D 273 -58.30 -0.45 -35.73
N LEU D 274 -59.45 0.19 -35.99
CA LEU D 274 -60.20 0.93 -34.99
C LEU D 274 -61.44 0.15 -34.58
N GLN D 275 -61.54 -1.10 -35.07
CA GLN D 275 -62.73 -1.93 -34.90
C GLN D 275 -62.43 -3.09 -33.96
N GLN D 276 -63.50 -3.62 -33.35
CA GLN D 276 -63.44 -4.94 -32.72
C GLN D 276 -63.76 -5.99 -33.78
N GLY D 277 -63.31 -7.23 -33.57
CA GLY D 277 -63.64 -8.34 -34.45
C GLY D 277 -62.41 -9.12 -34.89
N ILE D 278 -62.52 -9.77 -36.06
CA ILE D 278 -61.47 -10.60 -36.63
C ILE D 278 -61.07 -10.00 -37.97
N SER D 279 -59.81 -9.59 -38.07
CA SER D 279 -59.29 -8.94 -39.26
C SER D 279 -58.80 -9.99 -40.25
N THR D 280 -59.00 -9.71 -41.55
CA THR D 280 -58.47 -10.57 -42.60
C THR D 280 -57.11 -10.06 -43.08
N ASP D 281 -56.68 -8.92 -42.52
CA ASP D 281 -55.45 -8.27 -42.96
C ASP D 281 -54.27 -8.91 -42.24
N VAL D 282 -53.89 -10.11 -42.71
CA VAL D 282 -52.93 -10.97 -42.02
C VAL D 282 -51.57 -10.86 -42.71
N ILE D 283 -50.51 -11.32 -42.01
CA ILE D 283 -49.17 -11.23 -42.54
C ILE D 283 -49.03 -12.18 -43.74
N ASN D 284 -48.32 -11.70 -44.76
CA ASN D 284 -48.00 -12.49 -45.94
C ASN D 284 -46.84 -13.44 -45.59
N VAL D 285 -47.20 -14.67 -45.21
CA VAL D 285 -46.25 -15.65 -44.69
C VAL D 285 -45.34 -16.18 -45.80
N ALA D 286 -45.64 -15.81 -47.06
CA ALA D 286 -44.88 -16.33 -48.19
C ALA D 286 -43.78 -15.37 -48.60
N ASN D 287 -43.90 -14.09 -48.16
CA ASN D 287 -42.92 -13.07 -48.49
C ASN D 287 -41.65 -13.34 -47.70
N PRO D 288 -40.46 -13.37 -48.36
CA PRO D 288 -39.20 -13.66 -47.67
C PRO D 288 -38.83 -12.65 -46.58
N LYS D 289 -39.18 -11.38 -46.80
CA LYS D 289 -38.87 -10.32 -45.86
C LYS D 289 -39.77 -10.42 -44.63
N ALA D 290 -40.95 -11.01 -44.80
CA ALA D 290 -41.86 -11.24 -43.69
C ALA D 290 -41.26 -12.31 -42.77
N MET D 291 -40.61 -13.31 -43.38
CA MET D 291 -39.93 -14.38 -42.66
C MET D 291 -38.78 -13.81 -41.84
N GLN D 292 -38.00 -12.92 -42.47
CA GLN D 292 -36.86 -12.29 -41.82
C GLN D 292 -37.33 -11.44 -40.65
N PHE D 293 -38.45 -10.73 -40.84
CA PHE D 293 -39.08 -9.89 -39.84
C PHE D 293 -39.36 -10.72 -38.59
N ALA D 294 -40.01 -11.88 -38.77
CA ALA D 294 -40.45 -12.71 -37.67
C ALA D 294 -39.27 -13.24 -36.87
N LYS D 295 -38.22 -13.68 -37.59
CA LYS D 295 -37.02 -14.22 -36.98
C LYS D 295 -36.38 -13.16 -36.08
N GLU D 296 -36.28 -11.93 -36.60
CA GLU D 296 -35.61 -10.84 -35.93
C GLU D 296 -36.43 -10.36 -34.72
N VAL D 297 -37.76 -10.45 -34.81
CA VAL D 297 -38.62 -10.11 -33.68
C VAL D 297 -38.37 -11.12 -32.56
N ILE D 298 -38.33 -12.41 -32.92
CA ILE D 298 -38.08 -13.49 -31.98
C ILE D 298 -36.71 -13.32 -31.33
N ASP D 299 -35.72 -12.90 -32.13
CA ASP D 299 -34.36 -12.70 -31.63
C ASP D 299 -34.35 -11.64 -30.53
N GLU D 300 -35.08 -10.54 -30.76
CA GLU D 300 -35.12 -9.44 -29.79
C GLU D 300 -35.89 -9.87 -28.54
N LEU D 301 -36.93 -10.70 -28.70
CA LEU D 301 -37.69 -11.20 -27.57
C LEU D 301 -36.80 -12.06 -26.67
N THR D 302 -35.97 -12.90 -27.31
CA THR D 302 -35.09 -13.82 -26.63
C THR D 302 -34.14 -13.06 -25.71
N GLU D 303 -33.82 -11.81 -26.10
CA GLU D 303 -32.90 -10.97 -25.35
C GLU D 303 -33.60 -10.34 -24.14
N LEU D 304 -34.88 -10.01 -24.30
CA LEU D 304 -35.60 -9.24 -23.29
C LEU D 304 -36.26 -10.18 -22.27
N PHE D 305 -36.68 -11.36 -22.73
CA PHE D 305 -37.48 -12.25 -21.91
C PHE D 305 -36.68 -13.53 -21.62
N PRO D 306 -36.15 -13.68 -20.39
CA PRO D 306 -35.33 -14.84 -20.04
C PRO D 306 -36.08 -16.16 -19.85
N PHE D 307 -37.41 -16.10 -19.64
CA PHE D 307 -38.21 -17.30 -19.51
C PHE D 307 -38.15 -18.11 -20.80
N ASN D 308 -38.34 -19.43 -20.70
CA ASN D 308 -37.98 -20.36 -21.76
C ASN D 308 -39.12 -20.55 -22.77
N TYR D 309 -40.20 -19.77 -22.62
CA TYR D 309 -41.37 -19.92 -23.49
C TYR D 309 -41.67 -18.62 -24.23
N ILE D 310 -42.07 -18.76 -25.50
CA ILE D 310 -42.62 -17.67 -26.31
C ILE D 310 -43.98 -18.13 -26.86
N HIS D 311 -44.97 -17.24 -26.79
CA HIS D 311 -46.29 -17.48 -27.37
C HIS D 311 -46.38 -16.79 -28.74
N LEU D 312 -46.69 -17.57 -29.79
CA LEU D 312 -46.78 -17.01 -31.14
C LEU D 312 -48.23 -16.86 -31.60
N GLY D 313 -49.18 -17.09 -30.68
CA GLY D 313 -50.58 -16.86 -30.98
C GLY D 313 -51.16 -17.95 -31.89
N GLY D 314 -51.70 -17.53 -33.04
CA GLY D 314 -52.22 -18.47 -34.01
C GLY D 314 -53.74 -18.57 -34.00
N ASN D 315 -54.39 -17.71 -33.22
CA ASN D 315 -55.84 -17.65 -33.11
C ASN D 315 -56.42 -16.90 -34.31
N GLU D 316 -57.63 -17.29 -34.70
CA GLU D 316 -58.49 -16.51 -35.59
C GLU D 316 -57.69 -15.92 -36.75
N CYS D 317 -57.16 -16.79 -37.61
CA CYS D 317 -56.33 -16.33 -38.72
C CYS D 317 -56.99 -16.66 -40.06
N PRO D 318 -57.83 -15.77 -40.63
CA PRO D 318 -58.47 -16.04 -41.93
C PRO D 318 -57.45 -16.18 -43.07
N THR D 319 -57.67 -17.17 -43.94
CA THR D 319 -56.72 -17.51 -45.00
C THR D 319 -57.05 -16.78 -46.30
N ARG D 320 -58.12 -15.98 -46.27
CA ARG D 320 -58.73 -15.39 -47.45
C ARG D 320 -57.70 -14.62 -48.28
N LYS D 321 -56.86 -13.81 -47.62
CA LYS D 321 -55.93 -12.94 -48.34
C LYS D 321 -54.77 -13.74 -48.93
N TRP D 322 -54.48 -14.90 -48.32
CA TRP D 322 -53.44 -15.79 -48.83
C TRP D 322 -53.89 -16.39 -50.17
N GLN D 323 -55.19 -16.66 -50.27
CA GLN D 323 -55.77 -17.29 -51.46
C GLN D 323 -55.70 -16.35 -52.66
N LYS D 324 -55.66 -15.04 -52.38
CA LYS D 324 -55.68 -14.03 -53.44
C LYS D 324 -54.26 -13.53 -53.70
N ASN D 325 -53.26 -14.15 -53.05
CA ASN D 325 -51.88 -13.74 -53.18
C ASN D 325 -51.09 -14.80 -53.95
N ASP D 326 -50.34 -14.35 -54.97
CA ASP D 326 -49.64 -15.19 -55.92
C ASP D 326 -48.54 -16.00 -55.24
N GLU D 327 -47.70 -15.30 -54.45
CA GLU D 327 -46.59 -15.93 -53.74
C GLU D 327 -47.12 -17.01 -52.78
N CYS D 328 -48.32 -16.77 -52.21
CA CYS D 328 -48.90 -17.67 -51.24
C CYS D 328 -49.44 -18.92 -51.93
N LYS D 329 -50.04 -18.73 -53.11
CA LYS D 329 -50.57 -19.82 -53.91
C LYS D 329 -49.41 -20.73 -54.34
N LYS D 330 -48.31 -20.10 -54.78
CA LYS D 330 -47.11 -20.80 -55.22
C LYS D 330 -46.52 -21.61 -54.06
N LEU D 331 -46.40 -20.97 -52.89
CA LEU D 331 -45.83 -21.60 -51.71
C LEU D 331 -46.67 -22.81 -51.29
N LEU D 332 -48.01 -22.65 -51.35
CA LEU D 332 -48.91 -23.71 -50.94
C LEU D 332 -48.76 -24.91 -51.89
N SER D 333 -48.47 -24.62 -53.15
CA SER D 333 -48.28 -25.65 -54.16
C SER D 333 -47.00 -26.43 -53.88
N GLU D 334 -45.93 -25.72 -53.49
CA GLU D 334 -44.62 -26.33 -53.27
C GLU D 334 -44.65 -27.26 -52.06
N ILE D 335 -45.47 -26.94 -51.04
CA ILE D 335 -45.55 -27.78 -49.86
C ILE D 335 -46.54 -28.91 -50.10
N GLY D 336 -47.18 -28.91 -51.28
CA GLY D 336 -48.09 -29.97 -51.69
C GLY D 336 -49.32 -30.07 -50.78
N SER D 337 -50.01 -28.93 -50.61
CA SER D 337 -51.24 -28.88 -49.82
C SER D 337 -52.34 -28.18 -50.61
N SER D 338 -53.60 -28.50 -50.28
CA SER D 338 -54.75 -27.79 -50.82
C SER D 338 -55.40 -26.91 -49.76
N ASN D 339 -54.93 -27.07 -48.51
CA ASN D 339 -55.48 -26.38 -47.36
C ASN D 339 -54.60 -25.18 -47.02
N PHE D 340 -55.14 -23.98 -47.24
CA PHE D 340 -54.41 -22.73 -47.07
C PHE D 340 -54.03 -22.51 -45.61
N ARG D 341 -54.67 -23.28 -44.70
CA ARG D 341 -54.37 -23.29 -43.28
C ARG D 341 -52.93 -23.74 -43.05
N ASP D 342 -52.43 -24.59 -43.97
CA ASP D 342 -51.14 -25.23 -43.79
C ASP D 342 -50.01 -24.22 -43.96
N LEU D 343 -50.28 -23.09 -44.63
CA LEU D 343 -49.33 -22.01 -44.73
C LEU D 343 -48.97 -21.50 -43.34
N GLN D 344 -49.98 -21.42 -42.45
CA GLN D 344 -49.76 -20.93 -41.10
C GLN D 344 -48.84 -21.89 -40.35
N ILE D 345 -49.09 -23.19 -40.48
CA ILE D 345 -48.37 -24.19 -39.74
C ILE D 345 -46.93 -24.28 -40.27
N TYR D 346 -46.80 -24.18 -41.60
CA TYR D 346 -45.50 -24.22 -42.24
C TYR D 346 -44.68 -22.99 -41.84
N PHE D 347 -45.36 -21.86 -41.65
CA PHE D 347 -44.73 -20.62 -41.21
C PHE D 347 -44.09 -20.85 -39.83
N TYR D 348 -44.81 -21.54 -38.95
CA TYR D 348 -44.35 -21.85 -37.61
C TYR D 348 -43.16 -22.83 -37.65
N LYS D 349 -43.20 -23.78 -38.59
CA LYS D 349 -42.16 -24.76 -38.77
C LYS D 349 -40.81 -24.07 -39.03
N GLN D 350 -40.81 -23.13 -39.98
CA GLN D 350 -39.60 -22.40 -40.37
C GLN D 350 -39.05 -21.63 -39.16
N LEU D 351 -39.94 -21.08 -38.33
CA LEU D 351 -39.54 -20.29 -37.18
C LEU D 351 -38.99 -21.22 -36.09
N LYS D 352 -39.64 -22.37 -35.91
CA LYS D 352 -39.22 -23.38 -34.95
C LYS D 352 -37.84 -23.91 -35.33
N ASP D 353 -37.69 -24.26 -36.63
CA ASP D 353 -36.43 -24.76 -37.16
C ASP D 353 -35.31 -23.74 -36.91
N TYR D 354 -35.62 -22.46 -37.16
CA TYR D 354 -34.66 -21.38 -36.98
C TYR D 354 -34.18 -21.33 -35.54
N ILE D 355 -35.13 -21.41 -34.58
CA ILE D 355 -34.80 -21.34 -33.16
C ILE D 355 -33.86 -22.49 -32.80
N ALA D 356 -34.06 -23.66 -33.44
CA ALA D 356 -33.33 -24.88 -33.12
C ALA D 356 -31.87 -24.79 -33.55
N THR D 357 -31.54 -23.84 -34.44
CA THR D 357 -30.18 -23.67 -34.94
C THR D 357 -29.38 -22.77 -34.00
N LYS D 358 -30.08 -22.01 -33.15
CA LYS D 358 -29.46 -21.05 -32.24
C LYS D 358 -28.82 -21.80 -31.08
N PRO D 359 -27.85 -21.19 -30.35
CA PRO D 359 -27.25 -21.81 -29.16
C PRO D 359 -28.29 -22.17 -28.10
N ALA D 360 -27.93 -23.14 -27.25
CA ALA D 360 -28.85 -23.78 -26.32
C ALA D 360 -29.54 -22.78 -25.40
N ASP D 361 -28.81 -21.72 -25.00
CA ASP D 361 -29.31 -20.77 -24.02
C ASP D 361 -30.26 -19.76 -24.69
N GLN D 362 -30.34 -19.80 -26.03
CA GLN D 362 -31.16 -18.89 -26.79
C GLN D 362 -32.39 -19.61 -27.34
N GLN D 363 -32.51 -20.91 -27.03
CA GLN D 363 -33.64 -21.70 -27.53
C GLN D 363 -34.87 -21.43 -26.68
N ARG D 364 -36.04 -21.47 -27.32
CA ARG D 364 -37.30 -21.19 -26.66
C ARG D 364 -38.34 -22.21 -27.10
N GLN D 365 -39.21 -22.60 -26.18
CA GLN D 365 -40.36 -23.44 -26.48
C GLN D 365 -41.52 -22.54 -26.91
N LEU D 366 -42.38 -23.06 -27.80
CA LEU D 366 -43.44 -22.26 -28.40
C LEU D 366 -44.81 -22.67 -27.85
N ILE D 367 -45.66 -21.67 -27.61
CA ILE D 367 -47.05 -21.86 -27.23
C ILE D 367 -47.94 -21.33 -28.35
N PHE D 368 -49.06 -22.01 -28.60
CA PHE D 368 -50.04 -21.59 -29.59
C PHE D 368 -51.44 -21.74 -29.00
N TRP D 369 -52.36 -20.89 -29.49
CA TRP D 369 -53.79 -21.07 -29.25
C TRP D 369 -54.26 -22.30 -30.02
N ASN D 370 -55.34 -22.93 -29.54
CA ASN D 370 -55.67 -24.30 -29.96
C ASN D 370 -56.15 -24.38 -31.41
N GLU D 371 -56.42 -23.24 -32.07
CA GLU D 371 -56.83 -23.30 -33.47
C GLU D 371 -55.75 -23.92 -34.35
N VAL D 372 -54.50 -23.96 -33.85
CA VAL D 372 -53.39 -24.46 -34.65
C VAL D 372 -53.56 -25.97 -34.86
N LEU D 373 -54.34 -26.61 -33.97
CA LEU D 373 -54.63 -28.03 -34.06
C LEU D 373 -55.52 -28.34 -35.27
N HIS D 374 -56.20 -27.32 -35.82
CA HIS D 374 -57.13 -27.50 -36.92
C HIS D 374 -56.37 -27.74 -38.24
N GLY D 375 -55.06 -27.46 -38.24
CA GLY D 375 -54.21 -27.71 -39.39
C GLY D 375 -53.47 -29.04 -39.27
N ASN D 376 -52.68 -29.37 -40.29
CA ASN D 376 -51.85 -30.57 -40.28
C ASN D 376 -50.63 -30.30 -39.40
N THR D 377 -50.74 -30.61 -38.10
CA THR D 377 -49.78 -30.17 -37.10
C THR D 377 -48.53 -31.06 -37.09
N SER D 378 -48.58 -32.19 -37.81
CA SER D 378 -47.46 -33.11 -37.79
C SER D 378 -46.25 -32.51 -38.50
N ILE D 379 -46.48 -31.45 -39.29
CA ILE D 379 -45.42 -30.65 -39.88
C ILE D 379 -44.57 -30.04 -38.75
N LEU D 380 -45.22 -29.68 -37.64
CA LEU D 380 -44.59 -28.96 -36.54
C LEU D 380 -43.88 -29.93 -35.59
N GLY D 381 -44.38 -31.17 -35.53
CA GLY D 381 -43.98 -32.10 -34.47
C GLY D 381 -44.85 -31.88 -33.23
N ASN D 382 -44.44 -32.45 -32.09
CA ASN D 382 -45.31 -32.51 -30.93
C ASN D 382 -44.66 -31.86 -29.71
N ASP D 383 -43.52 -31.20 -29.89
CA ASP D 383 -42.92 -30.50 -28.75
C ASP D 383 -43.31 -29.02 -28.81
N ILE D 384 -44.63 -28.80 -28.85
CA ILE D 384 -45.24 -27.48 -28.75
C ILE D 384 -46.20 -27.53 -27.58
N THR D 385 -46.64 -26.37 -27.11
CA THR D 385 -47.60 -26.28 -26.03
C THR D 385 -48.87 -25.63 -26.56
N ILE D 386 -50.03 -26.23 -26.22
CA ILE D 386 -51.31 -25.77 -26.71
C ILE D 386 -52.05 -25.07 -25.56
N MET D 387 -52.35 -23.78 -25.79
CA MET D 387 -53.20 -23.06 -24.86
C MET D 387 -54.64 -23.20 -25.34
N ALA D 388 -55.44 -23.97 -24.59
CA ALA D 388 -56.79 -24.34 -24.99
C ALA D 388 -57.79 -23.31 -24.46
N TRP D 389 -58.56 -22.70 -25.38
CA TRP D 389 -59.47 -21.61 -25.05
C TRP D 389 -60.87 -21.86 -25.62
N ILE D 390 -60.96 -22.31 -26.87
CA ILE D 390 -62.25 -22.55 -27.51
C ILE D 390 -62.47 -24.05 -27.65
N GLY D 391 -63.62 -24.52 -27.16
CA GLY D 391 -63.82 -25.95 -26.94
C GLY D 391 -62.63 -26.53 -26.18
N ALA D 392 -62.28 -25.87 -25.06
CA ALA D 392 -60.99 -26.01 -24.40
C ALA D 392 -60.80 -27.42 -23.87
N ASN D 393 -61.85 -27.98 -23.24
CA ASN D 393 -61.77 -29.30 -22.63
C ASN D 393 -61.35 -30.34 -23.66
N ALA D 394 -62.00 -30.30 -24.83
CA ALA D 394 -61.73 -31.24 -25.92
C ALA D 394 -60.35 -30.98 -26.53
N ALA D 395 -59.99 -29.69 -26.67
CA ALA D 395 -58.75 -29.33 -27.32
C ALA D 395 -57.55 -29.80 -26.49
N ALA D 396 -57.63 -29.64 -25.17
CA ALA D 396 -56.54 -30.03 -24.27
C ALA D 396 -56.34 -31.53 -24.34
N LYS D 397 -57.44 -32.30 -24.34
CA LYS D 397 -57.40 -33.75 -24.44
C LYS D 397 -56.75 -34.16 -25.76
N GLN D 398 -57.12 -33.47 -26.83
CA GLN D 398 -56.59 -33.69 -28.17
C GLN D 398 -55.08 -33.46 -28.14
N ALA D 399 -54.65 -32.38 -27.48
CA ALA D 399 -53.24 -32.02 -27.40
C ALA D 399 -52.47 -33.08 -26.64
N ALA D 400 -52.97 -33.46 -25.46
CA ALA D 400 -52.35 -34.45 -24.60
C ALA D 400 -52.22 -35.79 -25.32
N LYS D 401 -53.24 -36.14 -26.11
CA LYS D 401 -53.26 -37.41 -26.83
C LYS D 401 -52.13 -37.44 -27.86
N GLN D 402 -51.81 -36.28 -28.42
CA GLN D 402 -50.76 -36.15 -29.43
C GLN D 402 -49.40 -35.96 -28.78
N GLY D 403 -49.37 -36.01 -27.44
CA GLY D 403 -48.13 -35.88 -26.69
C GLY D 403 -47.64 -34.44 -26.54
N MET D 404 -48.56 -33.48 -26.70
CA MET D 404 -48.24 -32.06 -26.53
C MET D 404 -48.66 -31.61 -25.12
N ASN D 405 -47.88 -30.71 -24.53
CA ASN D 405 -48.27 -30.05 -23.28
C ASN D 405 -49.40 -29.07 -23.55
N THR D 406 -50.22 -28.81 -22.51
CA THR D 406 -51.39 -27.97 -22.69
C THR D 406 -51.67 -27.13 -21.44
N ILE D 407 -52.16 -25.90 -21.69
CA ILE D 407 -52.60 -24.99 -20.64
C ILE D 407 -54.08 -24.70 -20.88
N LEU D 408 -54.86 -24.80 -19.80
CA LEU D 408 -56.30 -24.59 -19.89
C LEU D 408 -56.64 -23.13 -19.61
N SER D 409 -57.18 -22.45 -20.62
CA SER D 409 -57.70 -21.11 -20.41
C SER D 409 -59.06 -20.97 -21.12
N PRO D 410 -60.08 -21.73 -20.70
CA PRO D 410 -61.36 -21.76 -21.41
C PRO D 410 -62.08 -20.41 -21.37
N GLN D 411 -62.61 -19.99 -22.52
CA GLN D 411 -63.39 -18.76 -22.63
C GLN D 411 -64.39 -18.69 -21.48
N ILE D 412 -65.16 -19.77 -21.28
CA ILE D 412 -66.05 -19.91 -20.15
C ILE D 412 -65.46 -20.94 -19.20
N PRO D 413 -65.17 -20.62 -17.91
CA PRO D 413 -65.35 -19.26 -17.37
C PRO D 413 -64.07 -18.50 -17.01
N TYR D 414 -62.98 -18.76 -17.74
CA TYR D 414 -61.67 -18.24 -17.35
C TYR D 414 -61.33 -16.93 -18.05
N TYR D 415 -62.24 -16.42 -18.89
CA TYR D 415 -62.08 -15.08 -19.47
C TYR D 415 -62.69 -14.08 -18.50
N ILE D 416 -61.84 -13.53 -17.62
CA ILE D 416 -62.34 -12.74 -16.50
C ILE D 416 -62.45 -11.26 -16.88
N ASN D 417 -62.47 -10.96 -18.18
CA ASN D 417 -62.90 -9.65 -18.64
C ASN D 417 -64.42 -9.66 -18.85
N ARG D 418 -65.01 -10.86 -18.90
CA ARG D 418 -66.44 -11.01 -19.13
C ARG D 418 -67.21 -10.52 -17.90
N LYS D 419 -68.46 -10.10 -18.11
CA LYS D 419 -69.30 -9.59 -17.04
C LYS D 419 -69.39 -10.62 -15.91
N GLN D 420 -69.34 -10.14 -14.66
CA GLN D 420 -69.36 -11.03 -13.51
C GLN D 420 -70.74 -11.01 -12.84
N SER D 421 -71.67 -10.24 -13.42
CA SER D 421 -73.00 -10.04 -12.86
C SER D 421 -73.94 -9.51 -13.93
N LYS D 422 -75.25 -9.69 -13.72
CA LYS D 422 -76.27 -9.23 -14.64
C LYS D 422 -76.79 -7.84 -14.26
N LEU D 423 -76.24 -7.26 -13.19
CA LEU D 423 -76.75 -5.99 -12.68
C LEU D 423 -76.62 -4.90 -13.75
N PRO D 424 -77.61 -4.00 -13.90
CA PRO D 424 -77.55 -2.95 -14.91
C PRO D 424 -76.46 -1.91 -14.64
N THR D 425 -75.84 -1.99 -13.46
CA THR D 425 -74.81 -1.05 -13.06
C THR D 425 -73.41 -1.54 -13.45
N GLU D 426 -73.31 -2.74 -14.03
CA GLU D 426 -72.03 -3.30 -14.40
C GLU D 426 -71.44 -2.45 -15.54
N PRO D 427 -70.09 -2.31 -15.62
CA PRO D 427 -69.45 -1.71 -16.79
C PRO D 427 -69.67 -2.57 -18.02
N MET D 428 -69.50 -1.96 -19.21
CA MET D 428 -69.66 -2.72 -20.45
C MET D 428 -68.45 -3.64 -20.64
N SER D 429 -68.74 -4.93 -20.85
CA SER D 429 -67.79 -5.91 -21.32
C SER D 429 -68.58 -7.09 -21.88
N GLN D 430 -67.86 -8.07 -22.46
CA GLN D 430 -68.47 -9.22 -23.12
C GLN D 430 -69.20 -10.10 -22.11
N GLY D 431 -70.15 -10.90 -22.60
CA GLY D 431 -70.84 -11.88 -21.77
C GLY D 431 -72.15 -11.36 -21.21
N HIS D 432 -72.90 -12.23 -20.53
CA HIS D 432 -74.25 -11.90 -20.09
C HIS D 432 -74.35 -11.89 -18.57
N GLY D 433 -73.21 -11.98 -17.88
CA GLY D 433 -73.14 -11.91 -16.44
C GLY D 433 -73.17 -13.29 -15.79
N THR D 434 -73.01 -14.33 -16.60
CA THR D 434 -73.03 -15.72 -16.13
C THR D 434 -71.69 -16.11 -15.51
N GLU D 435 -70.62 -15.34 -15.80
CA GLU D 435 -69.30 -15.69 -15.31
C GLU D 435 -69.06 -15.07 -13.93
N THR D 436 -69.83 -15.55 -12.94
CA THR D 436 -69.73 -15.13 -11.56
C THR D 436 -68.50 -15.76 -10.91
N VAL D 437 -68.14 -15.26 -9.73
CA VAL D 437 -67.07 -15.83 -8.93
C VAL D 437 -67.34 -17.33 -8.74
N GLU D 438 -68.59 -17.68 -8.43
CA GLU D 438 -68.97 -19.06 -8.21
C GLU D 438 -68.69 -19.91 -9.45
N ALA D 439 -69.09 -19.42 -10.63
CA ALA D 439 -68.91 -20.16 -11.87
C ALA D 439 -67.41 -20.37 -12.16
N VAL D 440 -66.59 -19.35 -11.89
CA VAL D 440 -65.17 -19.45 -12.16
C VAL D 440 -64.59 -20.54 -11.25
N TYR D 441 -64.99 -20.52 -9.98
CA TYR D 441 -64.43 -21.41 -8.98
C TYR D 441 -64.84 -22.87 -9.24
N ASN D 442 -66.07 -23.04 -9.75
CA ASN D 442 -66.68 -24.36 -9.85
C ASN D 442 -66.11 -25.15 -11.03
N TYR D 443 -65.43 -24.46 -11.96
CA TYR D 443 -64.76 -25.15 -13.06
C TYR D 443 -63.66 -26.05 -12.48
N GLN D 444 -63.67 -27.31 -12.93
CA GLN D 444 -62.74 -28.32 -12.47
C GLN D 444 -61.83 -28.70 -13.64
N PRO D 445 -60.55 -28.24 -13.62
CA PRO D 445 -59.65 -28.44 -14.76
C PRO D 445 -59.44 -29.90 -15.20
N LEU D 446 -59.51 -30.83 -14.24
CA LEU D 446 -59.11 -32.21 -14.51
C LEU D 446 -60.32 -33.16 -14.54
N LYS D 447 -61.54 -32.61 -14.50
CA LYS D 447 -62.75 -33.42 -14.56
C LYS D 447 -62.77 -34.22 -15.85
N ASP D 448 -62.92 -35.54 -15.72
CA ASP D 448 -63.03 -36.46 -16.84
C ASP D 448 -61.73 -36.50 -17.66
N VAL D 449 -60.60 -36.18 -17.02
CA VAL D 449 -59.32 -36.25 -17.71
C VAL D 449 -58.61 -37.54 -17.28
N ASP D 450 -58.36 -38.42 -18.26
CA ASP D 450 -57.72 -39.71 -18.01
C ASP D 450 -56.36 -39.51 -17.36
N ALA D 451 -56.06 -40.36 -16.36
CA ALA D 451 -54.84 -40.25 -15.56
C ALA D 451 -53.60 -40.30 -16.46
N ALA D 452 -53.72 -40.97 -17.60
CA ALA D 452 -52.61 -41.14 -18.53
C ALA D 452 -52.32 -39.83 -19.28
N LEU D 453 -53.33 -38.96 -19.36
CA LEU D 453 -53.21 -37.71 -20.10
C LEU D 453 -52.79 -36.57 -19.17
N GLN D 454 -53.01 -36.75 -17.86
CA GLN D 454 -52.89 -35.67 -16.89
C GLN D 454 -51.49 -35.07 -16.84
N PRO D 455 -50.39 -35.86 -16.97
CA PRO D 455 -49.03 -35.29 -16.97
C PRO D 455 -48.78 -34.19 -17.99
N TYR D 456 -49.61 -34.12 -19.03
CA TYR D 456 -49.45 -33.11 -20.08
C TYR D 456 -50.13 -31.80 -19.71
N TYR D 457 -50.97 -31.82 -18.65
CA TYR D 457 -51.71 -30.64 -18.22
C TYR D 457 -50.84 -29.80 -17.29
N LYS D 458 -50.20 -28.75 -17.86
CA LYS D 458 -49.24 -27.92 -17.14
C LYS D 458 -49.96 -27.02 -16.12
N GLY D 459 -51.20 -26.63 -16.44
CA GLY D 459 -51.99 -25.87 -15.48
C GLY D 459 -53.05 -25.00 -16.17
N VAL D 460 -53.33 -23.84 -15.54
CA VAL D 460 -54.50 -23.03 -15.82
C VAL D 460 -54.10 -21.56 -15.94
N GLN D 461 -54.98 -20.78 -16.57
CA GLN D 461 -54.73 -19.36 -16.80
C GLN D 461 -56.06 -18.62 -16.96
N ALA D 462 -56.19 -17.49 -16.25
CA ALA D 462 -57.24 -16.51 -16.51
C ALA D 462 -56.75 -15.53 -17.58
N ASN D 463 -57.60 -15.26 -18.58
CA ASN D 463 -57.26 -14.32 -19.64
C ASN D 463 -58.14 -13.08 -19.54
N PHE D 464 -57.57 -11.93 -19.94
CA PHE D 464 -58.28 -10.66 -19.86
C PHE D 464 -58.13 -9.90 -21.17
N TRP D 465 -59.21 -9.88 -21.97
CA TRP D 465 -59.28 -9.21 -23.26
C TRP D 465 -59.90 -7.83 -23.09
N THR D 466 -59.37 -6.82 -23.80
CA THR D 466 -59.66 -5.44 -23.44
C THR D 466 -60.35 -4.66 -24.56
N GLU D 467 -61.13 -5.34 -25.43
CA GLU D 467 -61.92 -4.63 -26.43
C GLU D 467 -62.71 -3.47 -25.80
N TRP D 468 -63.35 -3.76 -24.65
CA TRP D 468 -64.25 -2.81 -24.03
C TRP D 468 -63.58 -2.06 -22.88
N VAL D 469 -62.54 -2.64 -22.30
CA VAL D 469 -61.98 -2.14 -21.05
C VAL D 469 -60.83 -1.18 -21.34
N THR D 470 -60.98 0.06 -20.88
CA THR D 470 -60.08 1.16 -21.21
C THR D 470 -59.50 1.80 -19.95
N GLU D 471 -60.19 1.64 -18.82
CA GLU D 471 -59.82 2.31 -17.57
C GLU D 471 -59.19 1.30 -16.61
N PRO D 472 -58.04 1.63 -15.98
CA PRO D 472 -57.42 0.75 -14.98
C PRO D 472 -58.37 0.31 -13.87
N SER D 473 -59.27 1.22 -13.47
CA SER D 473 -60.23 0.98 -12.42
C SER D 473 -61.22 -0.12 -12.83
N VAL D 474 -61.58 -0.14 -14.13
CA VAL D 474 -62.51 -1.13 -14.66
C VAL D 474 -61.79 -2.47 -14.84
N LEU D 475 -60.51 -2.42 -15.24
CA LEU D 475 -59.66 -3.61 -15.33
C LEU D 475 -59.67 -4.35 -13.99
N GLU D 476 -59.42 -3.60 -12.91
CA GLU D 476 -59.26 -4.18 -11.58
C GLU D 476 -60.60 -4.71 -11.10
N TYR D 477 -61.67 -3.93 -11.34
CA TYR D 477 -63.02 -4.29 -10.96
C TYR D 477 -63.37 -5.68 -11.51
N LEU D 478 -63.00 -5.92 -12.77
CA LEU D 478 -63.32 -7.17 -13.43
C LEU D 478 -62.37 -8.28 -12.99
N MET D 479 -61.10 -7.94 -12.73
CA MET D 479 -60.08 -8.92 -12.37
C MET D 479 -60.37 -9.56 -11.00
N LEU D 480 -60.77 -8.74 -10.02
CA LEU D 480 -60.87 -9.20 -8.64
C LEU D 480 -62.34 -9.31 -8.26
N PRO D 481 -62.75 -10.35 -7.49
CA PRO D 481 -61.84 -11.39 -7.00
C PRO D 481 -61.74 -12.69 -7.79
N ARG D 482 -62.21 -12.70 -9.05
CA ARG D 482 -62.18 -13.90 -9.87
C ARG D 482 -60.76 -14.42 -10.07
N LEU D 483 -59.77 -13.50 -10.08
CA LEU D 483 -58.38 -13.87 -10.27
C LEU D 483 -57.96 -14.88 -9.21
N ALA D 484 -58.38 -14.61 -7.96
CA ALA D 484 -58.00 -15.42 -6.81
C ALA D 484 -58.60 -16.82 -6.94
N ALA D 485 -59.79 -16.91 -7.58
CA ALA D 485 -60.43 -18.20 -7.78
C ALA D 485 -59.60 -19.07 -8.72
N VAL D 486 -59.10 -18.47 -9.81
CA VAL D 486 -58.29 -19.21 -10.76
C VAL D 486 -56.96 -19.58 -10.09
N ALA D 487 -56.43 -18.66 -9.28
CA ALA D 487 -55.19 -18.90 -8.55
C ALA D 487 -55.34 -20.13 -7.66
N GLU D 488 -56.49 -20.25 -6.97
CA GLU D 488 -56.70 -21.34 -6.04
C GLU D 488 -56.87 -22.64 -6.83
N ALA D 489 -57.58 -22.55 -7.97
CA ALA D 489 -57.76 -23.69 -8.86
C ALA D 489 -56.40 -24.22 -9.31
N GLY D 490 -55.46 -23.30 -9.54
CA GLY D 490 -54.13 -23.65 -9.99
C GLY D 490 -53.26 -24.25 -8.87
N TRP D 491 -53.52 -23.88 -7.62
CA TRP D 491 -52.64 -24.21 -6.51
C TRP D 491 -53.18 -25.35 -5.65
N THR D 492 -54.43 -25.18 -5.18
CA THR D 492 -55.04 -26.10 -4.22
C THR D 492 -55.52 -27.36 -4.93
N PRO D 493 -55.19 -28.57 -4.42
CA PRO D 493 -55.74 -29.82 -4.95
C PRO D 493 -57.27 -29.79 -4.96
N GLN D 494 -57.88 -30.33 -6.02
CA GLN D 494 -59.30 -30.29 -6.26
C GLN D 494 -60.08 -30.72 -5.02
N GLU D 495 -59.61 -31.78 -4.35
CA GLU D 495 -60.35 -32.38 -3.25
C GLU D 495 -60.36 -31.43 -2.04
N LYS D 496 -59.50 -30.41 -2.05
CA LYS D 496 -59.41 -29.46 -0.95
C LYS D 496 -60.14 -28.16 -1.29
N ARG D 497 -60.73 -28.10 -2.49
CA ARG D 497 -61.40 -26.88 -2.94
C ARG D 497 -62.90 -26.96 -2.61
N ASN D 498 -63.46 -25.81 -2.24
CA ASN D 498 -64.85 -25.68 -1.84
C ASN D 498 -65.25 -24.21 -1.94
N TYR D 499 -66.28 -23.92 -2.75
CA TYR D 499 -66.65 -22.54 -3.05
C TYR D 499 -67.05 -21.78 -1.78
N GLU D 500 -67.89 -22.42 -0.95
CA GLU D 500 -68.41 -21.79 0.25
C GLU D 500 -67.25 -21.38 1.17
N ASP D 501 -66.28 -22.27 1.35
CA ASP D 501 -65.09 -22.00 2.12
C ASP D 501 -64.31 -20.85 1.48
N PHE D 502 -64.14 -20.89 0.15
CA PHE D 502 -63.38 -19.88 -0.57
C PHE D 502 -64.03 -18.51 -0.40
N LYS D 503 -65.37 -18.48 -0.47
CA LYS D 503 -66.15 -17.27 -0.29
C LYS D 503 -65.82 -16.61 1.04
N GLU D 504 -65.83 -17.40 2.13
CA GLU D 504 -65.55 -16.92 3.47
C GLU D 504 -64.14 -16.35 3.54
N ARG D 505 -63.18 -17.01 2.87
CA ARG D 505 -61.79 -16.62 2.93
C ARG D 505 -61.54 -15.35 2.11
N ILE D 506 -62.15 -15.28 0.92
CA ILE D 506 -61.85 -14.19 -0.02
C ILE D 506 -62.48 -12.89 0.48
N ARG D 507 -63.56 -13.01 1.27
CA ARG D 507 -64.23 -11.87 1.88
C ARG D 507 -63.24 -11.04 2.70
N LYS D 508 -62.24 -11.71 3.30
CA LYS D 508 -61.31 -11.05 4.20
C LYS D 508 -60.31 -10.20 3.40
N ASP D 509 -60.29 -10.36 2.07
CA ASP D 509 -59.32 -9.67 1.25
C ASP D 509 -59.86 -8.32 0.77
N ALA D 510 -61.13 -8.04 1.05
CA ALA D 510 -61.73 -6.75 0.73
C ALA D 510 -60.89 -5.63 1.36
N GLU D 511 -60.45 -5.87 2.60
CA GLU D 511 -59.63 -4.95 3.36
C GLU D 511 -58.29 -4.73 2.68
N LEU D 512 -57.67 -5.83 2.21
CA LEU D 512 -56.41 -5.78 1.48
C LEU D 512 -56.56 -4.93 0.23
N TYR D 513 -57.65 -5.15 -0.52
CA TYR D 513 -57.89 -4.44 -1.76
C TYR D 513 -58.09 -2.95 -1.48
N ASP D 514 -58.82 -2.63 -0.40
CA ASP D 514 -59.08 -1.25 -0.01
C ASP D 514 -57.77 -0.55 0.31
N LEU D 515 -56.88 -1.23 1.03
CA LEU D 515 -55.63 -0.64 1.48
C LEU D 515 -54.68 -0.46 0.31
N LYS D 516 -54.82 -1.29 -0.71
CA LYS D 516 -53.95 -1.23 -1.88
C LYS D 516 -54.49 -0.19 -2.88
N GLY D 517 -55.76 0.17 -2.71
CA GLY D 517 -56.45 1.04 -3.66
C GLY D 517 -56.79 0.30 -4.96
N TRP D 518 -57.01 -1.01 -4.87
CA TRP D 518 -57.48 -1.80 -5.99
C TRP D 518 -59.01 -1.80 -6.02
N ASN D 519 -59.60 -1.68 -7.21
CA ASN D 519 -61.02 -1.88 -7.39
C ASN D 519 -61.31 -3.37 -7.48
N TYR D 520 -62.58 -3.76 -7.31
CA TYR D 520 -62.99 -5.16 -7.30
C TYR D 520 -64.51 -5.26 -7.29
N GLY D 521 -65.03 -6.35 -7.87
CA GLY D 521 -66.45 -6.66 -7.80
C GLY D 521 -66.88 -6.93 -6.36
N LYS D 522 -68.06 -6.42 -5.98
CA LYS D 522 -68.49 -6.40 -4.59
C LYS D 522 -69.56 -7.47 -4.35
N HIS D 523 -69.93 -8.18 -5.41
CA HIS D 523 -71.09 -9.07 -5.40
C HIS D 523 -71.05 -10.09 -4.25
N ILE D 524 -69.86 -10.60 -3.90
CA ILE D 524 -69.79 -11.65 -2.89
C ILE D 524 -69.18 -11.13 -1.60
N MET D 525 -68.95 -9.82 -1.50
CA MET D 525 -68.25 -9.25 -0.36
C MET D 525 -69.22 -8.86 0.76
#